data_1KOR
#
_entry.id   1KOR
#
_cell.length_a   229.43
_cell.length_b   229.43
_cell.length_c   160.55
_cell.angle_alpha   90
_cell.angle_beta   90
_cell.angle_gamma   120
#
_symmetry.space_group_name_H-M   'H 3'
#
loop_
_entity.id
_entity.type
_entity.pdbx_description
1 polymer 'Argininosuccinate Synthetase'
2 non-polymer 'PHOSPHOAMINOPHOSPHONIC ACID-ADENYLATE ESTER'
3 non-polymer ARGININE
4 non-polymer 'SUCCINIC ACID'
5 water water
#
_entity_poly.entity_id   1
_entity_poly.type   'polypeptide(L)'
_entity_poly.pdbx_seq_one_letter_code
;MKIVLAYSGGLDTSIILKWLKETYRAEVIAFTADIGQGEEVEEAREKALRTGASKAIALDLKEEFVRDFVFPMMRAGAVY
EGYYLLGTSIARPLIAKHLVRIAEEEGAEAIAHGATGKGNDQVRFELTAYALKPDIKVIAPWREWSFQGRKEMIAYAEAH
GIPVPVTQEKPYSMDANLLHISYEGGVLEDPWAEPPKGMFRMTQDPEEAPDAPEYVEVEFFEGDPVAVNGERLSPAALLQ
RLNEIGGRHGVGRVDIVENRFVGMKSRGVYETPGGTILYHARRAVESLTLDREVLHQRDMLSPKYAELVYYGFWYAPERE
ALQAYFDHVARSVTGVARLKLYKGNVYVVGRKAPKSLYRQDLVSFDEAGGYDQKDAEGFIKIQALRLRVRALVEREGHGA
;
_entity_poly.pdbx_strand_id   A,B,C,D
#
# COMPACT_ATOMS: atom_id res chain seq x y z
N MET A 1 23.90 38.25 19.71
CA MET A 1 23.33 36.95 19.26
C MET A 1 22.90 36.08 20.44
N LYS A 2 21.71 35.50 20.34
CA LYS A 2 21.18 34.64 21.38
C LYS A 2 20.95 33.25 20.80
N ILE A 3 21.08 32.23 21.64
CA ILE A 3 20.89 30.85 21.22
C ILE A 3 20.10 30.10 22.28
N VAL A 4 19.02 29.45 21.86
CA VAL A 4 18.20 28.66 22.77
C VAL A 4 18.72 27.24 22.70
N LEU A 5 19.29 26.76 23.80
CA LEU A 5 19.85 25.42 23.87
C LEU A 5 18.94 24.43 24.57
N ALA A 6 18.75 23.28 23.93
CA ALA A 6 17.94 22.22 24.53
C ALA A 6 18.91 21.66 25.57
N TYR A 7 18.67 22.02 26.83
CA TYR A 7 19.54 21.64 27.94
C TYR A 7 18.92 20.58 28.85
N SER A 8 19.55 19.41 28.90
CA SER A 8 19.04 18.33 29.74
C SER A 8 19.66 18.32 31.14
N GLY A 9 20.68 19.15 31.35
CA GLY A 9 21.31 19.23 32.67
C GLY A 9 22.48 18.30 32.87
N GLY A 10 22.83 17.54 31.84
CA GLY A 10 23.94 16.62 31.96
C GLY A 10 25.29 17.23 31.62
N LEU A 11 26.29 16.38 31.49
CA LEU A 11 27.65 16.81 31.17
C LEU A 11 27.79 17.39 29.76
N ASP A 12 27.30 16.67 28.75
CA ASP A 12 27.41 17.15 27.38
C ASP A 12 26.73 18.49 27.10
N THR A 13 25.49 18.67 27.53
CA THR A 13 24.83 19.95 27.28
C THR A 13 25.46 21.04 28.13
N SER A 14 26.12 20.66 29.22
CA SER A 14 26.79 21.64 30.07
C SER A 14 28.03 22.09 29.30
N ILE A 15 28.76 21.13 28.74
CA ILE A 15 29.94 21.41 27.95
C ILE A 15 29.49 22.26 26.75
N ILE A 16 28.36 21.87 26.17
CA ILE A 16 27.80 22.58 25.02
C ILE A 16 27.45 24.02 25.37
N LEU A 17 26.89 24.23 26.54
CA LEU A 17 26.52 25.58 26.94
C LEU A 17 27.77 26.47 26.92
N LYS A 18 28.87 25.98 27.50
CA LYS A 18 30.12 26.75 27.52
C LYS A 18 30.69 26.93 26.12
N TRP A 19 30.71 25.83 25.37
CA TRP A 19 31.24 25.84 24.02
C TRP A 19 30.49 26.85 23.14
N LEU A 20 29.17 26.94 23.32
CA LEU A 20 28.37 27.88 22.54
C LEU A 20 28.71 29.33 22.87
N LYS A 21 28.82 29.61 24.17
CA LYS A 21 29.15 30.97 24.61
C LYS A 21 30.44 31.47 23.98
N GLU A 22 31.50 30.68 24.07
CA GLU A 22 32.79 31.07 23.53
C GLU A 22 32.86 31.02 22.01
N THR A 23 32.45 29.90 21.43
CA THR A 23 32.49 29.72 19.98
C THR A 23 31.67 30.75 19.21
N TYR A 24 30.45 31.03 19.68
CA TYR A 24 29.58 31.98 19.00
C TYR A 24 29.49 33.33 19.68
N ARG A 25 30.27 33.52 20.73
CA ARG A 25 30.25 34.78 21.46
C ARG A 25 28.79 35.13 21.64
N ALA A 26 28.02 34.12 22.02
CA ALA A 26 26.60 34.30 22.19
C ALA A 26 26.07 34.12 23.59
N GLU A 27 24.87 34.66 23.79
CA GLU A 27 24.15 34.59 25.04
C GLU A 27 23.28 33.32 24.88
N VAL A 28 23.42 32.38 25.81
CA VAL A 28 22.66 31.14 25.72
C VAL A 28 21.48 31.01 26.70
N ILE A 29 20.29 30.85 26.14
CA ILE A 29 19.08 30.67 26.92
C ILE A 29 18.83 29.17 26.98
N ALA A 30 18.86 28.61 28.18
CA ALA A 30 18.67 27.18 28.35
C ALA A 30 17.20 26.80 28.51
N PHE A 31 16.84 25.66 27.93
CA PHE A 31 15.48 25.17 28.04
C PHE A 31 15.54 23.70 28.45
N THR A 32 14.83 23.37 29.52
CA THR A 32 14.78 21.99 29.98
C THR A 32 13.31 21.64 30.09
N ALA A 33 12.92 20.53 29.45
CA ALA A 33 11.53 20.11 29.48
C ALA A 33 11.35 18.94 30.42
N ASP A 34 10.25 18.96 31.17
CA ASP A 34 9.95 17.84 32.05
C ASP A 34 8.96 17.00 31.24
N ILE A 35 9.42 15.87 30.72
CA ILE A 35 8.57 14.97 29.93
C ILE A 35 8.51 13.60 30.60
N GLY A 36 8.80 13.56 31.90
CA GLY A 36 8.75 12.31 32.63
C GLY A 36 10.08 11.57 32.77
N GLN A 37 11.19 12.26 32.59
CA GLN A 37 12.50 11.60 32.70
C GLN A 37 12.73 11.11 34.11
N GLY A 38 11.93 11.60 35.04
CA GLY A 38 12.08 11.20 36.43
C GLY A 38 13.16 12.00 37.12
N GLU A 39 13.27 13.27 36.77
CA GLU A 39 14.28 14.13 37.36
C GLU A 39 13.69 15.50 37.66
N GLU A 40 14.26 16.18 38.66
CA GLU A 40 13.77 17.50 39.00
C GLU A 40 14.40 18.43 37.98
N VAL A 41 13.58 18.92 37.07
CA VAL A 41 14.04 19.82 36.05
C VAL A 41 14.54 21.12 36.66
N GLU A 42 14.01 21.51 37.82
CA GLU A 42 14.48 22.75 38.44
C GLU A 42 15.97 22.69 38.75
N GLU A 43 16.48 21.50 39.06
CA GLU A 43 17.90 21.36 39.34
C GLU A 43 18.71 21.60 38.07
N ALA A 44 18.14 21.20 36.94
CA ALA A 44 18.82 21.39 35.66
C ALA A 44 18.84 22.87 35.34
N ARG A 45 17.71 23.53 35.58
CA ARG A 45 17.58 24.96 35.30
C ARG A 45 18.58 25.78 36.13
N GLU A 46 18.84 25.34 37.37
CA GLU A 46 19.78 26.07 38.22
C GLU A 46 21.21 25.78 37.80
N LYS A 47 21.46 24.57 37.34
CA LYS A 47 22.79 24.20 36.89
C LYS A 47 23.14 25.02 35.65
N ALA A 48 22.12 25.26 34.81
CA ALA A 48 22.32 26.03 33.59
C ALA A 48 22.80 27.43 33.92
N LEU A 49 22.15 28.07 34.90
CA LEU A 49 22.54 29.42 35.28
C LEU A 49 23.97 29.42 35.82
N ARG A 50 24.31 28.40 36.61
CA ARG A 50 25.64 28.29 37.17
C ARG A 50 26.64 28.10 36.06
N THR A 51 26.24 27.34 35.05
CA THR A 51 27.09 27.06 33.90
C THR A 51 27.30 28.26 33.00
N GLY A 52 26.42 29.25 33.09
CA GLY A 52 26.60 30.43 32.26
C GLY A 52 25.43 30.91 31.42
N ALA A 53 24.28 30.28 31.56
CA ALA A 53 23.11 30.69 30.79
C ALA A 53 22.67 32.09 31.21
N SER A 54 22.26 32.92 30.25
CA SER A 54 21.80 34.26 30.58
C SER A 54 20.37 34.16 31.11
N LYS A 55 19.74 33.02 30.82
CA LYS A 55 18.37 32.76 31.25
C LYS A 55 18.14 31.27 31.15
N ALA A 56 17.43 30.70 32.12
CA ALA A 56 17.16 29.27 32.10
C ALA A 56 15.67 29.02 32.30
N ILE A 57 15.08 28.25 31.39
CA ILE A 57 13.66 27.93 31.45
C ILE A 57 13.41 26.45 31.65
N ALA A 58 12.41 26.15 32.48
CA ALA A 58 12.03 24.78 32.77
C ALA A 58 10.51 24.73 32.74
N LEU A 59 9.96 23.77 32.01
CA LEU A 59 8.51 23.64 31.90
C LEU A 59 8.04 22.20 32.10
N ASP A 60 6.87 22.05 32.71
CA ASP A 60 6.27 20.75 32.93
C ASP A 60 5.47 20.52 31.66
N LEU A 61 5.93 19.60 30.81
CA LEU A 61 5.25 19.34 29.55
C LEU A 61 4.68 17.92 29.44
N LYS A 62 4.57 17.22 30.57
CA LYS A 62 4.06 15.85 30.55
C LYS A 62 2.66 15.72 29.95
N GLU A 63 1.76 16.65 30.27
CA GLU A 63 0.41 16.60 29.75
C GLU A 63 0.35 16.94 28.26
N GLU A 64 1.10 17.93 27.82
CA GLU A 64 1.10 18.28 26.39
C GLU A 64 1.70 17.11 25.63
N PHE A 65 2.73 16.51 26.20
CA PHE A 65 3.41 15.38 25.60
C PHE A 65 2.46 14.21 25.32
N VAL A 66 1.75 13.75 26.34
CA VAL A 66 0.84 12.63 26.17
C VAL A 66 -0.40 12.94 25.34
N ARG A 67 -1.01 14.09 25.57
CA ARG A 67 -2.20 14.48 24.86
C ARG A 67 -2.01 14.87 23.39
N ASP A 68 -0.96 15.63 23.10
CA ASP A 68 -0.72 16.11 21.73
C ASP A 68 0.27 15.35 20.87
N PHE A 69 0.99 14.39 21.46
CA PHE A 69 1.96 13.63 20.68
C PHE A 69 1.78 12.13 20.86
N VAL A 70 1.78 11.66 22.11
CA VAL A 70 1.63 10.23 22.35
C VAL A 70 0.25 9.70 21.95
N PHE A 71 -0.82 10.38 22.37
CA PHE A 71 -2.17 9.91 22.04
C PHE A 71 -2.47 9.85 20.55
N PRO A 72 -2.11 10.89 19.79
CA PRO A 72 -2.37 10.88 18.34
C PRO A 72 -1.62 9.74 17.67
N MET A 73 -0.40 9.50 18.13
CA MET A 73 0.44 8.44 17.58
C MET A 73 -0.16 7.07 17.89
N MET A 74 -0.62 6.88 19.12
CA MET A 74 -1.22 5.61 19.50
C MET A 74 -2.49 5.32 18.71
N ARG A 75 -3.25 6.36 18.37
CA ARG A 75 -4.49 6.18 17.61
C ARG A 75 -4.20 5.52 16.29
N ALA A 76 -3.01 5.79 15.76
CA ALA A 76 -2.60 5.24 14.47
C ALA A 76 -2.07 3.81 14.58
N GLY A 77 -1.94 3.29 15.80
CA GLY A 77 -1.41 1.94 15.97
C GLY A 77 0.05 1.89 15.50
N ALA A 78 0.75 3.01 15.61
CA ALA A 78 2.13 3.10 15.16
C ALA A 78 3.15 2.19 15.83
N VAL A 79 3.78 1.32 15.04
CA VAL A 79 4.82 0.44 15.52
C VAL A 79 5.94 0.39 14.47
N TYR A 80 7.15 0.77 14.88
CA TYR A 80 8.26 0.76 13.94
C TYR A 80 8.96 -0.59 13.92
N GLU A 81 9.16 -1.10 12.71
CA GLU A 81 9.82 -2.37 12.49
C GLU A 81 9.40 -3.50 13.42
N GLY A 82 8.09 -3.67 13.55
CA GLY A 82 7.53 -4.74 14.36
C GLY A 82 7.52 -4.66 15.87
N TYR A 83 8.29 -3.76 16.46
CA TYR A 83 8.31 -3.71 17.93
C TYR A 83 8.48 -2.34 18.58
N TYR A 84 9.26 -1.47 17.96
CA TYR A 84 9.51 -0.17 18.55
C TYR A 84 8.30 0.75 18.65
N LEU A 85 7.86 1.00 19.88
CA LEU A 85 6.71 1.84 20.15
C LEU A 85 6.99 3.34 20.10
N LEU A 86 8.19 3.68 19.62
CA LEU A 86 8.59 5.06 19.39
C LEU A 86 8.69 6.05 20.57
N GLY A 87 8.99 5.57 21.77
CA GLY A 87 9.08 6.43 22.93
C GLY A 87 9.92 7.69 22.81
N THR A 88 11.14 7.57 22.29
CA THR A 88 12.02 8.72 22.14
C THR A 88 11.61 9.54 20.92
N SER A 89 11.20 8.83 19.87
CA SER A 89 10.79 9.46 18.61
C SER A 89 9.72 10.55 18.73
N ILE A 90 8.60 10.28 19.39
CA ILE A 90 7.55 11.31 19.50
C ILE A 90 7.81 12.41 20.48
N ALA A 91 8.82 12.26 21.33
CA ALA A 91 9.13 13.30 22.31
C ALA A 91 9.97 14.44 21.72
N ARG A 92 10.80 14.13 20.72
CA ARG A 92 11.66 15.14 20.11
C ARG A 92 10.94 16.32 19.44
N PRO A 93 9.84 16.06 18.71
CA PRO A 93 9.13 17.17 18.08
C PRO A 93 8.64 18.18 19.12
N LEU A 94 8.20 17.67 20.25
CA LEU A 94 7.69 18.49 21.35
C LEU A 94 8.77 19.47 21.82
N ILE A 95 9.96 18.93 22.12
CA ILE A 95 11.08 19.73 22.58
C ILE A 95 11.44 20.83 21.58
N ALA A 96 11.60 20.46 20.31
CA ALA A 96 11.97 21.44 19.30
C ALA A 96 10.88 22.49 19.09
N LYS A 97 9.63 22.08 19.28
CA LYS A 97 8.51 22.99 19.16
C LYS A 97 8.70 24.15 20.15
N HIS A 98 9.07 23.83 21.38
CA HIS A 98 9.26 24.88 22.37
C HIS A 98 10.55 25.66 22.14
N LEU A 99 11.59 25.00 21.65
CA LEU A 99 12.85 25.70 21.39
C LEU A 99 12.58 26.86 20.45
N VAL A 100 11.93 26.56 19.33
CA VAL A 100 11.60 27.56 18.33
C VAL A 100 10.66 28.64 18.85
N ARG A 101 9.73 28.27 19.72
CA ARG A 101 8.80 29.23 20.30
C ARG A 101 9.56 30.18 21.23
N ILE A 102 10.45 29.61 22.04
CA ILE A 102 11.23 30.40 22.98
C ILE A 102 12.18 31.30 22.20
N ALA A 103 12.74 30.78 21.13
CA ALA A 103 13.65 31.56 20.29
C ALA A 103 12.91 32.78 19.75
N GLU A 104 11.65 32.60 19.38
CA GLU A 104 10.83 33.69 18.86
C GLU A 104 10.59 34.75 19.92
N GLU A 105 10.18 34.31 21.10
CA GLU A 105 9.90 35.21 22.20
C GLU A 105 11.12 35.97 22.70
N GLU A 106 12.25 35.28 22.75
CA GLU A 106 13.50 35.88 23.23
C GLU A 106 14.30 36.62 22.17
N GLY A 107 13.86 36.57 20.92
CA GLY A 107 14.57 37.25 19.87
C GLY A 107 15.88 36.56 19.52
N ALA A 108 15.91 35.24 19.65
CA ALA A 108 17.09 34.44 19.35
C ALA A 108 17.07 33.99 17.88
N GLU A 109 18.22 34.06 17.22
CA GLU A 109 18.30 33.67 15.83
C GLU A 109 18.61 32.19 15.63
N ALA A 110 19.07 31.52 16.69
CA ALA A 110 19.41 30.11 16.60
C ALA A 110 19.02 29.25 17.79
N ILE A 111 19.08 27.94 17.58
CA ILE A 111 18.77 26.97 18.61
C ILE A 111 19.86 25.92 18.53
N ALA A 112 20.05 25.16 19.60
CA ALA A 112 21.07 24.14 19.60
C ALA A 112 20.60 22.94 20.40
N HIS A 113 21.16 21.78 20.10
CA HIS A 113 20.81 20.55 20.78
C HIS A 113 22.08 19.71 20.81
N GLY A 114 22.10 18.70 21.68
CA GLY A 114 23.27 17.84 21.77
C GLY A 114 23.15 16.45 21.18
N ALA A 115 22.30 16.29 20.17
CA ALA A 115 22.17 14.98 19.53
C ALA A 115 23.40 14.86 18.63
N THR A 116 23.94 13.64 18.49
CA THR A 116 25.13 13.45 17.65
C THR A 116 24.79 13.40 16.16
N GLY A 117 25.83 13.43 15.33
CA GLY A 117 25.63 13.39 13.88
C GLY A 117 25.36 12.01 13.31
N LYS A 118 25.32 10.98 14.16
CA LYS A 118 25.06 9.63 13.67
C LYS A 118 23.73 9.04 14.11
N GLY A 119 22.89 9.85 14.73
CA GLY A 119 21.61 9.35 15.18
C GLY A 119 20.39 9.96 14.52
N ASN A 120 19.22 9.51 14.98
CA ASN A 120 17.93 9.98 14.48
C ASN A 120 17.49 11.28 15.14
N ASP A 121 17.84 11.47 16.40
CA ASP A 121 17.40 12.67 17.13
C ASP A 121 17.72 13.99 16.46
N GLN A 122 18.89 14.08 15.86
CA GLN A 122 19.30 15.30 15.17
C GLN A 122 18.31 15.62 14.06
N VAL A 123 17.88 14.59 13.32
CA VAL A 123 16.94 14.78 12.22
C VAL A 123 15.59 15.24 12.77
N ARG A 124 15.11 14.58 13.82
CA ARG A 124 13.83 14.93 14.42
C ARG A 124 13.81 16.36 14.92
N PHE A 125 14.88 16.77 15.60
CA PHE A 125 14.96 18.13 16.13
C PHE A 125 14.96 19.17 15.01
N GLU A 126 15.81 18.97 14.01
CA GLU A 126 15.94 19.92 12.94
C GLU A 126 14.81 19.95 11.91
N LEU A 127 14.25 18.79 11.58
CA LEU A 127 13.14 18.77 10.64
C LEU A 127 11.99 19.53 11.29
N THR A 128 11.79 19.35 12.59
CA THR A 128 10.71 20.07 13.25
C THR A 128 11.00 21.56 13.30
N ALA A 129 12.22 21.92 13.70
CA ALA A 129 12.60 23.32 13.79
C ALA A 129 12.37 24.02 12.45
N TYR A 130 12.93 23.46 11.39
CA TYR A 130 12.78 24.01 10.04
C TYR A 130 11.34 24.09 9.56
N ALA A 131 10.55 23.08 9.90
CA ALA A 131 9.16 23.02 9.48
C ALA A 131 8.32 24.13 10.12
N LEU A 132 8.64 24.46 11.37
CA LEU A 132 7.91 25.48 12.12
C LEU A 132 8.42 26.91 11.90
N LYS A 133 9.73 27.05 11.72
CA LYS A 133 10.35 28.36 11.50
C LYS A 133 11.45 28.14 10.47
N PRO A 134 11.10 28.25 9.18
CA PRO A 134 12.03 28.06 8.06
C PRO A 134 13.39 28.77 8.05
N ASP A 135 13.47 29.98 8.57
CA ASP A 135 14.74 30.70 8.57
C ASP A 135 15.52 30.64 9.87
N ILE A 136 15.11 29.74 10.77
CA ILE A 136 15.78 29.55 12.05
C ILE A 136 17.16 29.01 11.78
N LYS A 137 18.12 29.33 12.66
CA LYS A 137 19.48 28.83 12.50
C LYS A 137 19.65 27.69 13.50
N VAL A 138 20.24 26.58 13.05
CA VAL A 138 20.44 25.45 13.94
C VAL A 138 21.91 25.17 14.17
N ILE A 139 22.27 24.91 15.42
CA ILE A 139 23.66 24.61 15.75
C ILE A 139 23.72 23.28 16.46
N ALA A 140 24.39 22.32 15.83
CA ALA A 140 24.58 20.99 16.40
C ALA A 140 26.08 20.81 16.65
N PRO A 141 26.55 21.18 17.86
CA PRO A 141 27.96 21.08 18.22
C PRO A 141 28.67 19.77 17.86
N TRP A 142 28.00 18.63 18.00
CA TRP A 142 28.65 17.37 17.67
C TRP A 142 29.11 17.31 16.22
N ARG A 143 28.48 18.11 15.36
CA ARG A 143 28.84 18.15 13.95
C ARG A 143 29.76 19.33 13.65
N GLU A 144 30.07 20.13 14.66
CA GLU A 144 30.89 21.32 14.47
C GLU A 144 32.23 21.40 15.21
N TRP A 145 32.34 20.74 16.36
CA TRP A 145 33.60 20.80 17.12
C TRP A 145 34.56 19.68 16.73
N SER A 146 35.76 19.67 17.30
CA SER A 146 36.71 18.63 16.93
C SER A 146 37.26 17.84 18.11
N PHE A 147 36.45 17.67 19.14
CA PHE A 147 36.87 16.90 20.30
C PHE A 147 37.32 15.55 19.75
N GLN A 148 38.47 15.06 20.22
CA GLN A 148 39.01 13.80 19.73
C GLN A 148 38.69 12.58 20.58
N GLY A 149 37.83 12.74 21.58
CA GLY A 149 37.49 11.62 22.44
C GLY A 149 36.89 12.09 23.74
N ARG A 150 36.47 11.16 24.60
CA ARG A 150 35.86 11.53 25.88
C ARG A 150 36.88 12.22 26.80
N LYS A 151 38.09 11.68 26.87
CA LYS A 151 39.14 12.24 27.72
C LYS A 151 39.24 13.73 27.48
N GLU A 152 39.33 14.12 26.21
CA GLU A 152 39.43 15.52 25.86
C GLU A 152 38.20 16.31 26.29
N MET A 153 37.03 15.67 26.29
CA MET A 153 35.81 16.35 26.70
C MET A 153 35.76 16.55 28.22
N ILE A 154 36.21 15.55 28.98
CA ILE A 154 36.21 15.67 30.44
C ILE A 154 37.19 16.76 30.83
N ALA A 155 38.29 16.86 30.09
CA ALA A 155 39.30 17.86 30.37
C ALA A 155 38.74 19.26 30.12
N TYR A 156 37.95 19.40 29.06
CA TYR A 156 37.36 20.69 28.73
C TYR A 156 36.38 21.14 29.81
N ALA A 157 35.59 20.20 30.31
CA ALA A 157 34.61 20.50 31.35
C ALA A 157 35.29 20.83 32.69
N GLU A 158 36.29 20.05 33.06
CA GLU A 158 37.01 20.30 34.31
C GLU A 158 37.58 21.70 34.27
N ALA A 159 38.10 22.09 33.11
CA ALA A 159 38.69 23.41 32.92
C ALA A 159 37.67 24.53 33.11
N HIS A 160 36.39 24.24 32.85
CA HIS A 160 35.35 25.25 33.00
C HIS A 160 34.58 25.09 34.31
N GLY A 161 35.06 24.18 35.16
CA GLY A 161 34.40 23.97 36.44
C GLY A 161 33.15 23.13 36.37
N ILE A 162 32.92 22.46 35.24
CA ILE A 162 31.74 21.63 35.11
C ILE A 162 32.01 20.29 35.79
N PRO A 163 31.19 19.92 36.79
CA PRO A 163 31.39 18.64 37.48
C PRO A 163 31.31 17.44 36.54
N VAL A 164 32.22 16.48 36.72
CA VAL A 164 32.26 15.30 35.86
C VAL A 164 31.80 14.02 36.57
N PRO A 165 30.73 13.39 36.06
CA PRO A 165 30.21 12.16 36.65
C PRO A 165 31.24 11.04 36.50
N PRO A 171 27.74 2.00 30.96
CA PRO A 171 28.18 1.13 29.86
C PRO A 171 27.17 1.12 28.71
N TYR A 172 26.33 2.14 28.69
CA TYR A 172 25.30 2.31 27.66
C TYR A 172 24.61 3.66 27.83
N SER A 173 23.99 4.14 26.76
CA SER A 173 23.31 5.43 26.75
C SER A 173 21.80 5.25 27.01
N MET A 174 21.22 6.15 27.78
CA MET A 174 19.79 6.08 28.12
C MET A 174 18.98 7.32 27.81
N ASP A 175 17.69 7.11 27.55
CA ASP A 175 16.76 8.21 27.31
C ASP A 175 15.44 7.77 27.91
N ALA A 176 14.99 8.51 28.91
CA ALA A 176 13.74 8.19 29.59
C ALA A 176 12.73 9.32 29.58
N ASN A 177 11.46 8.95 29.43
CA ASN A 177 10.35 9.90 29.45
C ASN A 177 9.11 9.12 29.89
N LEU A 178 7.95 9.79 29.95
CA LEU A 178 6.73 9.12 30.40
C LEU A 178 6.30 7.89 29.59
N LEU A 179 6.77 7.79 28.35
CA LEU A 179 6.40 6.67 27.50
C LEU A 179 7.32 5.46 27.67
N HIS A 180 8.62 5.67 27.80
CA HIS A 180 9.53 4.55 27.93
C HIS A 180 10.92 4.98 28.38
N ILE A 181 11.82 4.00 28.43
CA ILE A 181 13.21 4.24 28.73
C ILE A 181 13.94 3.44 27.67
N SER A 182 14.84 4.12 26.96
CA SER A 182 15.62 3.50 25.90
C SER A 182 17.05 3.26 26.34
N TYR A 183 17.63 2.16 25.85
CA TYR A 183 19.00 1.81 26.16
C TYR A 183 19.73 1.33 24.90
N GLU A 184 20.88 1.92 24.62
CA GLU A 184 21.69 1.52 23.47
C GLU A 184 23.12 2.01 23.62
N GLY A 185 24.03 1.38 22.87
CA GLY A 185 25.43 1.75 22.91
C GLY A 185 26.20 0.92 23.92
N GLY A 186 27.50 1.17 23.99
CA GLY A 186 28.32 0.43 24.93
C GLY A 186 28.20 -1.07 24.76
N VAL A 187 27.94 -1.77 25.85
CA VAL A 187 27.82 -3.22 25.86
C VAL A 187 26.67 -3.73 25.00
N LEU A 188 25.70 -2.86 24.72
CA LEU A 188 24.55 -3.24 23.91
C LEU A 188 24.86 -3.37 22.42
N GLU A 189 26.01 -2.84 22.01
CA GLU A 189 26.40 -2.88 20.60
C GLU A 189 26.59 -4.25 19.95
N ASP A 190 26.80 -5.29 20.76
CA ASP A 190 26.96 -6.64 20.24
C ASP A 190 25.56 -7.28 20.25
N PRO A 191 24.91 -7.38 19.09
CA PRO A 191 23.57 -7.97 19.01
C PRO A 191 23.40 -9.42 19.44
N TRP A 192 24.51 -10.11 19.72
CA TRP A 192 24.45 -11.50 20.15
C TRP A 192 24.49 -11.58 21.68
N ALA A 193 24.80 -10.45 22.31
CA ALA A 193 24.88 -10.40 23.78
C ALA A 193 23.61 -9.88 24.43
N GLU A 194 23.05 -10.68 25.35
CA GLU A 194 21.84 -10.30 26.07
C GLU A 194 22.12 -9.09 26.97
N PRO A 195 21.12 -8.22 27.18
CA PRO A 195 21.39 -7.06 28.05
C PRO A 195 21.84 -7.53 29.43
N PRO A 196 22.66 -6.74 30.13
CA PRO A 196 23.12 -7.15 31.46
C PRO A 196 22.04 -7.03 32.53
N LYS A 197 22.11 -7.92 33.52
CA LYS A 197 21.14 -7.92 34.60
C LYS A 197 21.13 -6.58 35.32
N GLY A 198 19.95 -6.14 35.72
CA GLY A 198 19.84 -4.89 36.43
C GLY A 198 19.78 -3.62 35.60
N MET A 199 19.95 -3.74 34.29
CA MET A 199 19.91 -2.55 33.45
C MET A 199 18.56 -1.84 33.49
N PHE A 200 17.48 -2.59 33.41
CA PHE A 200 16.16 -1.98 33.40
C PHE A 200 15.85 -1.24 34.69
N ARG A 201 15.15 -0.12 34.54
CA ARG A 201 14.81 0.73 35.68
C ARG A 201 13.32 1.01 35.79
N MET A 202 12.63 1.06 34.66
CA MET A 202 11.21 1.36 34.67
C MET A 202 10.33 0.13 34.90
N THR A 203 10.83 -1.04 34.53
CA THR A 203 10.05 -2.25 34.73
C THR A 203 10.79 -3.20 35.65
N GLN A 204 10.02 -3.94 36.44
CA GLN A 204 10.53 -4.93 37.37
C GLN A 204 10.96 -6.13 36.55
N ASP A 205 12.04 -6.81 36.97
CA ASP A 205 12.50 -8.02 36.28
C ASP A 205 11.37 -9.04 36.37
N PRO A 206 10.94 -9.61 35.23
CA PRO A 206 9.86 -10.61 35.23
C PRO A 206 10.07 -11.73 36.23
N GLU A 207 11.32 -12.07 36.49
CA GLU A 207 11.61 -13.14 37.44
C GLU A 207 11.37 -12.69 38.87
N GLU A 208 11.16 -11.38 39.04
CA GLU A 208 10.90 -10.79 40.35
C GLU A 208 9.49 -10.17 40.44
N ALA A 209 8.69 -10.38 39.41
CA ALA A 209 7.33 -9.83 39.40
C ALA A 209 6.41 -10.60 40.36
N PRO A 210 5.27 -9.99 40.73
CA PRO A 210 4.33 -10.63 41.64
C PRO A 210 3.97 -12.06 41.23
N ASP A 211 3.76 -12.92 42.23
CA ASP A 211 3.40 -14.30 41.97
C ASP A 211 1.95 -14.49 41.55
N ALA A 212 1.14 -13.45 41.69
CA ALA A 212 -0.25 -13.53 41.30
C ALA A 212 -0.49 -12.59 40.14
N PRO A 213 -1.35 -12.96 39.18
CA PRO A 213 -1.60 -12.07 38.05
C PRO A 213 -2.48 -10.91 38.52
N GLU A 214 -2.43 -9.80 37.79
CA GLU A 214 -3.24 -8.64 38.13
C GLU A 214 -4.09 -8.25 36.94
N TYR A 215 -5.37 -7.99 37.20
CA TYR A 215 -6.30 -7.58 36.16
C TYR A 215 -6.40 -6.07 36.14
N VAL A 216 -6.53 -5.51 34.95
CA VAL A 216 -6.66 -4.07 34.79
C VAL A 216 -7.65 -3.81 33.66
N GLU A 217 -8.44 -2.77 33.81
CA GLU A 217 -9.40 -2.41 32.78
C GLU A 217 -9.04 -1.01 32.28
N VAL A 218 -9.14 -0.81 30.97
CA VAL A 218 -8.85 0.48 30.40
C VAL A 218 -10.00 0.91 29.51
N GLU A 219 -10.54 2.09 29.79
CA GLU A 219 -11.66 2.62 29.01
C GLU A 219 -11.16 3.61 27.97
N PHE A 220 -11.71 3.50 26.75
CA PHE A 220 -11.38 4.39 25.65
C PHE A 220 -12.65 5.14 25.29
N PHE A 221 -12.53 6.42 24.96
CA PHE A 221 -13.72 7.14 24.57
C PHE A 221 -13.29 7.97 23.38
N GLU A 222 -13.66 7.60 22.17
CA GLU A 222 -13.22 8.41 21.04
C GLU A 222 -11.83 8.25 20.46
N GLY A 223 -11.24 7.08 20.72
CA GLY A 223 -9.90 6.81 20.23
C GLY A 223 -8.82 6.97 21.28
N ASP A 224 -9.14 7.61 22.40
CA ASP A 224 -8.16 7.83 23.46
C ASP A 224 -8.57 7.19 24.78
N PRO A 225 -7.59 6.70 25.57
CA PRO A 225 -7.88 6.08 26.86
C PRO A 225 -8.23 7.18 27.86
N VAL A 226 -9.34 7.02 28.57
CA VAL A 226 -9.79 8.04 29.51
C VAL A 226 -9.92 7.59 30.96
N ALA A 227 -9.83 6.29 31.21
CA ALA A 227 -9.97 5.77 32.57
C ALA A 227 -9.22 4.46 32.77
N VAL A 228 -8.80 4.21 34.01
CA VAL A 228 -8.11 2.99 34.37
C VAL A 228 -8.78 2.45 35.62
N ASN A 229 -9.28 1.21 35.53
CA ASN A 229 -9.97 0.57 36.64
C ASN A 229 -11.13 1.43 37.14
N GLY A 230 -11.83 2.07 36.19
CA GLY A 230 -12.96 2.89 36.55
C GLY A 230 -12.63 4.31 37.01
N GLU A 231 -11.35 4.63 37.14
CA GLU A 231 -10.98 5.97 37.57
C GLU A 231 -10.61 6.85 36.38
N ARG A 232 -11.33 7.95 36.20
CA ARG A 232 -11.01 8.85 35.10
C ARG A 232 -9.69 9.55 35.40
N LEU A 233 -8.79 9.54 34.41
CA LEU A 233 -7.47 10.16 34.57
C LEU A 233 -7.04 10.99 33.36
N SER A 234 -6.35 12.10 33.63
CA SER A 234 -5.86 12.97 32.56
C SER A 234 -4.82 12.16 31.79
N PRO A 235 -4.55 12.58 30.53
CA PRO A 235 -3.57 11.89 29.69
C PRO A 235 -2.27 11.49 30.39
N ALA A 236 -1.55 12.46 30.96
CA ALA A 236 -0.29 12.15 31.62
C ALA A 236 -0.48 11.28 32.86
N ALA A 237 -1.54 11.55 33.63
CA ALA A 237 -1.81 10.78 34.83
C ALA A 237 -2.13 9.33 34.46
N LEU A 238 -2.86 9.14 33.36
CA LEU A 238 -3.23 7.80 32.91
C LEU A 238 -2.03 6.96 32.46
N LEU A 239 -1.12 7.56 31.70
CA LEU A 239 0.06 6.84 31.24
C LEU A 239 0.90 6.46 32.46
N GLN A 240 1.00 7.39 33.40
CA GLN A 240 1.77 7.17 34.62
C GLN A 240 1.23 5.98 35.40
N ARG A 241 -0.09 5.94 35.57
CA ARG A 241 -0.74 4.86 36.29
C ARG A 241 -0.47 3.51 35.63
N LEU A 242 -0.60 3.46 34.30
CA LEU A 242 -0.37 2.22 33.58
C LEU A 242 1.11 1.84 33.61
N ASN A 243 1.99 2.83 33.77
CA ASN A 243 3.41 2.53 33.86
C ASN A 243 3.64 1.83 35.20
N GLU A 244 2.98 2.33 36.25
CA GLU A 244 3.10 1.75 37.58
C GLU A 244 2.60 0.31 37.58
N ILE A 245 1.40 0.12 37.01
CA ILE A 245 0.78 -1.19 36.94
C ILE A 245 1.54 -2.15 36.03
N GLY A 246 1.88 -1.72 34.83
CA GLY A 246 2.62 -2.57 33.93
C GLY A 246 4.04 -2.80 34.45
N GLY A 247 4.65 -1.74 34.96
CA GLY A 247 6.00 -1.84 35.48
C GLY A 247 6.18 -2.91 36.55
N ARG A 248 5.29 -2.91 37.55
CA ARG A 248 5.37 -3.87 38.65
C ARG A 248 5.45 -5.31 38.12
N HIS A 249 4.85 -5.57 36.96
CA HIS A 249 4.86 -6.91 36.39
C HIS A 249 5.91 -7.17 35.32
N GLY A 250 6.74 -6.17 35.02
CA GLY A 250 7.80 -6.34 34.03
C GLY A 250 7.35 -6.34 32.58
N VAL A 251 6.17 -5.76 32.32
CA VAL A 251 5.62 -5.70 30.96
C VAL A 251 6.29 -4.65 30.06
N GLY A 252 6.27 -4.91 28.75
CA GLY A 252 6.79 -3.96 27.79
C GLY A 252 8.26 -3.92 27.43
N ARG A 253 8.95 -5.05 27.53
CA ARG A 253 10.37 -5.09 27.20
C ARG A 253 10.62 -5.63 25.80
N VAL A 254 11.36 -4.85 25.01
CA VAL A 254 11.71 -5.22 23.65
C VAL A 254 13.22 -5.07 23.39
N ASP A 255 13.78 -5.98 22.58
CA ASP A 255 15.21 -5.99 22.25
C ASP A 255 15.33 -6.14 20.73
N ILE A 256 15.74 -5.07 20.06
CA ILE A 256 15.83 -5.11 18.59
C ILE A 256 17.04 -4.45 17.95
N VAL A 257 17.28 -4.83 16.70
CA VAL A 257 18.34 -4.21 15.91
C VAL A 257 17.50 -3.48 14.88
N GLU A 258 17.51 -2.16 14.94
CA GLU A 258 16.71 -1.30 14.06
C GLU A 258 17.52 -0.59 12.98
N ASN A 259 16.81 -0.12 11.96
CA ASN A 259 17.44 0.61 10.87
C ASN A 259 17.27 2.11 11.14
N ARG A 260 18.37 2.82 11.37
CA ARG A 260 18.27 4.24 11.60
C ARG A 260 17.99 4.95 10.29
N PHE A 261 17.50 6.17 10.37
CA PHE A 261 17.18 6.96 9.19
C PHE A 261 18.43 7.32 8.40
N VAL A 262 19.54 7.57 9.10
CA VAL A 262 20.75 7.95 8.41
C VAL A 262 21.59 6.80 7.84
N GLY A 263 20.99 5.61 7.73
CA GLY A 263 21.72 4.51 7.11
C GLY A 263 22.22 3.24 7.77
N MET A 264 22.54 3.26 9.06
CA MET A 264 23.05 2.04 9.71
C MET A 264 22.11 1.40 10.70
N LYS A 265 22.37 0.14 11.00
CA LYS A 265 21.56 -0.61 11.96
C LYS A 265 22.12 -0.32 13.35
N SER A 266 21.25 -0.37 14.34
CA SER A 266 21.60 -0.08 15.73
C SER A 266 20.83 -1.02 16.65
N ARG A 267 21.49 -1.55 17.68
CA ARG A 267 20.84 -2.45 18.63
C ARG A 267 20.23 -1.62 19.76
N GLY A 268 18.92 -1.72 19.91
CA GLY A 268 18.23 -0.98 20.96
C GLY A 268 17.40 -1.86 21.88
N VAL A 269 17.24 -1.41 23.12
CA VAL A 269 16.44 -2.12 24.13
C VAL A 269 15.47 -1.10 24.69
N TYR A 270 14.19 -1.47 24.77
CA TYR A 270 13.19 -0.53 25.26
C TYR A 270 12.16 -1.11 26.22
N GLU A 271 11.78 -0.35 27.24
CA GLU A 271 10.75 -0.78 28.18
C GLU A 271 9.63 0.25 28.10
N THR A 272 8.44 -0.21 27.72
CA THR A 272 7.27 0.66 27.55
C THR A 272 6.08 -0.01 28.23
N PRO A 273 6.12 -0.14 29.57
CA PRO A 273 5.03 -0.79 30.29
C PRO A 273 3.62 -0.27 30.01
N GLY A 274 3.40 1.02 30.25
CA GLY A 274 2.08 1.59 30.01
C GLY A 274 1.64 1.59 28.56
N GLY A 275 2.53 1.98 27.66
CA GLY A 275 2.20 2.00 26.24
C GLY A 275 1.91 0.62 25.68
N THR A 276 2.57 -0.40 26.23
CA THR A 276 2.37 -1.77 25.76
C THR A 276 0.98 -2.23 26.17
N ILE A 277 0.57 -1.90 27.39
CA ILE A 277 -0.77 -2.27 27.84
C ILE A 277 -1.79 -1.54 26.95
N LEU A 278 -1.53 -0.27 26.68
CA LEU A 278 -2.43 0.54 25.85
C LEU A 278 -2.52 0.01 24.42
N TYR A 279 -1.41 -0.49 23.89
CA TYR A 279 -1.41 -1.04 22.54
C TYR A 279 -2.43 -2.19 22.42
N HIS A 280 -2.32 -3.16 23.33
CA HIS A 280 -3.22 -4.30 23.30
C HIS A 280 -4.64 -3.95 23.75
N ALA A 281 -4.77 -2.96 24.64
CA ALA A 281 -6.09 -2.54 25.11
C ALA A 281 -6.84 -1.89 23.94
N ARG A 282 -6.13 -1.03 23.22
CA ARG A 282 -6.71 -0.37 22.06
C ARG A 282 -7.23 -1.39 21.05
N ARG A 283 -6.37 -2.30 20.61
CA ARG A 283 -6.76 -3.31 19.64
C ARG A 283 -7.94 -4.15 20.15
N ALA A 284 -7.99 -4.39 21.46
CA ALA A 284 -9.09 -5.17 22.03
C ALA A 284 -10.43 -4.46 21.82
N VAL A 285 -10.46 -3.15 22.08
CA VAL A 285 -11.69 -2.37 21.89
C VAL A 285 -11.98 -2.24 20.40
N GLU A 286 -10.93 -2.09 19.60
CA GLU A 286 -11.09 -1.99 18.15
C GLU A 286 -11.71 -3.26 17.56
N SER A 287 -11.43 -4.40 18.18
CA SER A 287 -11.96 -5.67 17.68
C SER A 287 -13.49 -5.74 17.71
N LEU A 288 -14.12 -4.87 18.50
CA LEU A 288 -15.58 -4.85 18.62
C LEU A 288 -16.20 -3.65 17.92
N THR A 289 -15.45 -2.56 17.87
CA THR A 289 -15.97 -1.32 17.29
C THR A 289 -15.60 -0.98 15.85
N LEU A 290 -14.51 -1.54 15.34
CA LEU A 290 -14.10 -1.23 13.97
C LEU A 290 -14.59 -2.24 12.93
N ASP A 291 -14.85 -1.75 11.73
CA ASP A 291 -15.28 -2.57 10.62
C ASP A 291 -14.10 -3.35 10.08
N ARG A 292 -14.36 -4.54 9.57
CA ARG A 292 -13.32 -5.40 9.01
C ARG A 292 -12.43 -4.77 7.94
N GLU A 293 -13.03 -4.13 6.95
CA GLU A 293 -12.22 -3.54 5.89
C GLU A 293 -11.48 -2.28 6.35
N VAL A 294 -12.11 -1.52 7.25
CA VAL A 294 -11.47 -0.33 7.80
C VAL A 294 -10.21 -0.77 8.54
N LEU A 295 -10.36 -1.77 9.40
CA LEU A 295 -9.24 -2.29 10.18
C LEU A 295 -8.10 -2.75 9.28
N HIS A 296 -8.42 -3.58 8.28
CA HIS A 296 -7.40 -4.09 7.39
C HIS A 296 -6.67 -2.95 6.65
N GLN A 297 -7.39 -1.91 6.25
CA GLN A 297 -6.77 -0.79 5.56
C GLN A 297 -5.89 -0.02 6.55
N ARG A 298 -6.43 0.17 7.75
CA ARG A 298 -5.72 0.89 8.80
C ARG A 298 -4.37 0.21 9.10
N ASP A 299 -4.38 -1.11 9.30
CA ASP A 299 -3.15 -1.84 9.61
C ASP A 299 -2.11 -1.81 8.49
N MET A 300 -2.54 -1.59 7.26
CA MET A 300 -1.57 -1.53 6.19
C MET A 300 -0.93 -0.15 6.07
N LEU A 301 -1.50 0.84 6.76
CA LEU A 301 -0.96 2.20 6.74
C LEU A 301 -0.14 2.53 8.00
N SER A 302 -0.43 1.84 9.10
CA SER A 302 0.29 2.07 10.35
C SER A 302 1.80 2.09 10.20
N PRO A 303 2.39 1.06 9.56
CA PRO A 303 3.85 1.00 9.39
C PRO A 303 4.45 2.23 8.71
N LYS A 304 3.72 2.79 7.75
CA LYS A 304 4.19 3.97 7.05
C LYS A 304 4.22 5.13 8.04
N TYR A 305 3.15 5.25 8.80
CA TYR A 305 3.03 6.28 9.81
C TYR A 305 4.18 6.15 10.81
N ALA A 306 4.47 4.91 11.22
CA ALA A 306 5.54 4.65 12.17
C ALA A 306 6.87 5.16 11.68
N GLU A 307 7.22 4.90 10.42
CA GLU A 307 8.50 5.37 9.92
C GLU A 307 8.54 6.89 9.81
N LEU A 308 7.39 7.51 9.62
CA LEU A 308 7.37 8.97 9.55
C LEU A 308 7.75 9.54 10.91
N VAL A 309 7.22 8.94 11.96
CA VAL A 309 7.52 9.38 13.31
C VAL A 309 8.98 9.09 13.62
N TYR A 310 9.42 7.87 13.34
CA TYR A 310 10.79 7.45 13.59
C TYR A 310 11.80 8.37 12.90
N TYR A 311 11.50 8.73 11.65
CA TYR A 311 12.39 9.58 10.85
C TYR A 311 12.38 11.04 11.29
N GLY A 312 11.27 11.49 11.89
CA GLY A 312 11.19 12.87 12.33
C GLY A 312 10.21 13.74 11.59
N PHE A 313 9.41 13.16 10.71
CA PHE A 313 8.43 13.95 9.97
C PHE A 313 7.10 14.05 10.72
N TRP A 314 7.15 14.70 11.88
CA TRP A 314 5.94 14.88 12.68
C TRP A 314 5.17 16.06 12.16
N TYR A 315 5.81 17.22 12.12
CA TYR A 315 5.15 18.42 11.59
C TYR A 315 5.44 18.41 10.08
N ALA A 316 4.86 17.42 9.41
CA ALA A 316 5.01 17.25 7.97
C ALA A 316 3.62 16.94 7.38
N PRO A 317 3.34 17.45 6.18
CA PRO A 317 2.03 17.22 5.55
C PRO A 317 1.61 15.76 5.38
N GLU A 318 2.55 14.86 5.05
CA GLU A 318 2.22 13.44 4.87
C GLU A 318 1.66 12.86 6.16
N ARG A 319 2.36 13.14 7.25
CA ARG A 319 1.97 12.64 8.55
C ARG A 319 0.64 13.27 8.98
N GLU A 320 0.47 14.58 8.75
CA GLU A 320 -0.78 15.23 9.09
C GLU A 320 -1.95 14.64 8.27
N ALA A 321 -1.67 14.29 7.02
CA ALA A 321 -2.70 13.72 6.14
C ALA A 321 -3.11 12.34 6.64
N LEU A 322 -2.13 11.48 6.91
CA LEU A 322 -2.45 10.16 7.42
C LEU A 322 -3.18 10.28 8.76
N GLN A 323 -2.83 11.29 9.54
CA GLN A 323 -3.47 11.48 10.83
C GLN A 323 -4.97 11.71 10.65
N ALA A 324 -5.35 12.40 9.57
CA ALA A 324 -6.75 12.67 9.31
C ALA A 324 -7.50 11.34 9.14
N TYR A 325 -6.85 10.39 8.49
CA TYR A 325 -7.43 9.07 8.29
C TYR A 325 -7.53 8.34 9.64
N PHE A 326 -6.41 8.23 10.33
CA PHE A 326 -6.40 7.53 11.62
C PHE A 326 -7.38 8.08 12.64
N ASP A 327 -7.45 9.41 12.75
CA ASP A 327 -8.35 10.04 13.70
C ASP A 327 -9.80 9.69 13.36
N HIS A 328 -10.13 9.73 12.07
CA HIS A 328 -11.47 9.40 11.60
C HIS A 328 -11.84 8.00 12.10
N VAL A 329 -10.96 7.03 11.84
CA VAL A 329 -11.16 5.64 12.24
C VAL A 329 -11.24 5.49 13.76
N ALA A 330 -10.33 6.13 14.47
CA ALA A 330 -10.27 6.03 15.93
C ALA A 330 -11.49 6.58 16.67
N ARG A 331 -12.24 7.47 16.04
CA ARG A 331 -13.41 8.06 16.67
C ARG A 331 -14.44 7.00 17.06
N SER A 332 -14.36 5.82 16.45
CA SER A 332 -15.30 4.76 16.75
C SER A 332 -14.81 3.88 17.90
N VAL A 333 -13.55 4.06 18.31
CA VAL A 333 -13.00 3.23 19.38
C VAL A 333 -13.45 3.71 20.77
N THR A 334 -14.63 3.25 21.16
CA THR A 334 -15.22 3.57 22.45
C THR A 334 -15.60 2.25 23.12
N GLY A 335 -15.10 2.04 24.33
CA GLY A 335 -15.39 0.80 25.03
C GLY A 335 -14.36 0.52 26.10
N VAL A 336 -14.36 -0.71 26.60
CA VAL A 336 -13.44 -1.11 27.67
C VAL A 336 -12.71 -2.41 27.37
N ALA A 337 -11.41 -2.42 27.64
CA ALA A 337 -10.57 -3.61 27.45
C ALA A 337 -10.19 -4.11 28.83
N ARG A 338 -10.22 -5.44 29.02
CA ARG A 338 -9.84 -6.02 30.30
C ARG A 338 -8.63 -6.89 30.03
N LEU A 339 -7.53 -6.58 30.69
CA LEU A 339 -6.29 -7.33 30.52
C LEU A 339 -5.77 -7.99 31.80
N LYS A 340 -4.99 -9.05 31.61
CA LYS A 340 -4.40 -9.81 32.69
C LYS A 340 -2.88 -9.71 32.56
N LEU A 341 -2.24 -9.19 33.60
CA LEU A 341 -0.79 -9.01 33.63
C LEU A 341 -0.12 -10.09 34.48
N TYR A 342 0.87 -10.76 33.92
CA TYR A 342 1.57 -11.79 34.67
C TYR A 342 3.00 -11.96 34.18
N LYS A 343 3.93 -11.88 35.13
CA LYS A 343 5.36 -12.02 34.90
C LYS A 343 5.86 -11.68 33.50
N GLY A 344 5.86 -10.39 33.19
CA GLY A 344 6.35 -9.89 31.92
C GLY A 344 5.40 -9.82 30.74
N ASN A 345 4.27 -10.51 30.84
CA ASN A 345 3.33 -10.53 29.73
C ASN A 345 2.00 -9.85 30.00
N VAL A 346 1.33 -9.49 28.90
CA VAL A 346 0.03 -8.84 28.94
C VAL A 346 -0.95 -9.70 28.15
N TYR A 347 -2.07 -10.09 28.77
CA TYR A 347 -3.06 -10.90 28.09
C TYR A 347 -4.43 -10.24 28.04
N VAL A 348 -4.97 -10.09 26.84
CA VAL A 348 -6.31 -9.53 26.69
C VAL A 348 -7.18 -10.67 27.18
N VAL A 349 -8.13 -10.34 28.03
CA VAL A 349 -8.97 -11.38 28.61
C VAL A 349 -10.46 -11.08 28.43
N GLY A 350 -10.77 -9.85 28.05
CA GLY A 350 -12.14 -9.45 27.82
C GLY A 350 -12.22 -8.07 27.17
N ARG A 351 -13.37 -7.75 26.61
CA ARG A 351 -13.58 -6.44 25.99
C ARG A 351 -15.08 -6.23 25.79
N LYS A 352 -15.49 -4.96 25.84
CA LYS A 352 -16.89 -4.62 25.66
C LYS A 352 -17.00 -3.21 25.09
N ALA A 353 -18.13 -2.90 24.47
CA ALA A 353 -18.35 -1.59 23.87
C ALA A 353 -19.83 -1.28 23.68
N PRO A 354 -20.23 -0.02 23.90
CA PRO A 354 -21.62 0.43 23.76
C PRO A 354 -22.18 0.13 22.37
N LYS A 355 -21.35 0.30 21.36
CA LYS A 355 -21.77 0.04 19.98
C LYS A 355 -20.94 -1.09 19.35
N SER A 356 -20.81 -2.19 20.08
CA SER A 356 -20.07 -3.34 19.59
C SER A 356 -20.75 -3.87 18.32
N LEU A 357 -19.94 -4.34 17.36
CA LEU A 357 -20.47 -4.88 16.11
C LEU A 357 -20.55 -6.41 16.17
N TYR A 358 -20.19 -6.96 17.33
CA TYR A 358 -20.21 -8.40 17.53
C TYR A 358 -21.65 -8.89 17.71
N ARG A 359 -22.10 -9.72 16.75
CA ARG A 359 -23.46 -10.27 16.70
C ARG A 359 -24.58 -9.26 16.83
N GLY A 370 -29.00 -10.77 8.69
CA GLY A 370 -28.60 -12.20 8.90
C GLY A 370 -28.93 -13.03 7.67
N TYR A 371 -28.13 -14.04 7.42
CA TYR A 371 -28.36 -14.90 6.25
C TYR A 371 -28.53 -16.35 6.65
N ASP A 372 -28.62 -17.20 5.64
CA ASP A 372 -28.77 -18.62 5.86
C ASP A 372 -27.63 -19.26 5.11
N GLN A 373 -27.35 -20.50 5.46
CA GLN A 373 -26.27 -21.27 4.86
C GLN A 373 -26.26 -21.17 3.34
N LYS A 374 -27.45 -21.13 2.73
CA LYS A 374 -27.59 -21.04 1.28
C LYS A 374 -26.87 -19.87 0.61
N ASP A 375 -26.86 -18.72 1.27
CA ASP A 375 -26.20 -17.55 0.71
C ASP A 375 -24.70 -17.80 0.56
N ALA A 376 -24.14 -18.60 1.47
CA ALA A 376 -22.72 -18.91 1.43
C ALA A 376 -22.32 -19.62 0.13
N GLU A 377 -23.16 -20.52 -0.36
CA GLU A 377 -22.82 -21.22 -1.59
C GLU A 377 -22.65 -20.21 -2.72
N GLY A 378 -23.60 -19.28 -2.82
CA GLY A 378 -23.55 -18.27 -3.85
C GLY A 378 -22.29 -17.43 -3.75
N PHE A 379 -22.01 -16.97 -2.54
CA PHE A 379 -20.83 -16.18 -2.25
C PHE A 379 -19.61 -16.94 -2.76
N ILE A 380 -19.51 -18.22 -2.38
CA ILE A 380 -18.38 -19.03 -2.79
C ILE A 380 -18.30 -19.22 -4.30
N LYS A 381 -19.43 -19.49 -4.94
CA LYS A 381 -19.43 -19.69 -6.40
C LYS A 381 -18.88 -18.46 -7.13
N ILE A 382 -19.37 -17.29 -6.75
CA ILE A 382 -18.92 -16.06 -7.39
C ILE A 382 -17.44 -15.77 -7.10
N GLN A 383 -17.02 -15.97 -5.86
CA GLN A 383 -15.62 -15.72 -5.52
C GLN A 383 -14.72 -16.68 -6.31
N ALA A 384 -15.23 -17.86 -6.62
CA ALA A 384 -14.44 -18.86 -7.35
C ALA A 384 -14.41 -18.72 -8.87
N LEU A 385 -15.37 -18.00 -9.43
CA LEU A 385 -15.43 -17.86 -10.88
C LEU A 385 -14.10 -17.56 -11.55
N ARG A 386 -13.42 -16.47 -11.18
CA ARG A 386 -12.15 -16.15 -11.81
C ARG A 386 -11.10 -17.25 -11.65
N LEU A 387 -11.16 -17.98 -10.53
CA LEU A 387 -10.21 -19.07 -10.31
C LEU A 387 -10.52 -20.25 -11.23
N ARG A 388 -11.80 -20.54 -11.41
CA ARG A 388 -12.19 -21.64 -12.29
C ARG A 388 -11.82 -21.32 -13.76
N VAL A 389 -12.07 -20.08 -14.17
CA VAL A 389 -11.74 -19.64 -15.52
C VAL A 389 -10.25 -19.80 -15.74
N ARG A 390 -9.46 -19.30 -14.80
CA ARG A 390 -7.99 -19.40 -14.88
C ARG A 390 -7.58 -20.88 -15.03
N ALA A 391 -8.24 -21.76 -14.28
CA ALA A 391 -7.93 -23.20 -14.32
C ALA A 391 -8.27 -23.82 -15.67
N LEU A 392 -9.42 -23.45 -16.23
CA LEU A 392 -9.85 -23.99 -17.53
C LEU A 392 -8.92 -23.52 -18.63
N VAL A 393 -8.47 -22.27 -18.54
CA VAL A 393 -7.57 -21.75 -19.55
C VAL A 393 -6.24 -22.47 -19.50
N GLU A 394 -5.76 -22.80 -18.31
CA GLU A 394 -4.50 -23.52 -18.23
C GLU A 394 -4.80 -24.87 -18.84
N ARG A 395 -6.10 -25.16 -18.89
CA ARG A 395 -6.66 -26.38 -19.44
C ARG A 395 -6.25 -27.50 -18.53
N MET B 1 -22.07 -43.21 -8.92
CA MET B 1 -21.48 -41.92 -8.42
C MET B 1 -20.56 -42.16 -7.24
N LYS B 2 -19.38 -41.54 -7.29
CA LYS B 2 -18.39 -41.65 -6.24
C LYS B 2 -18.17 -40.27 -5.61
N ILE B 3 -18.06 -40.24 -4.30
CA ILE B 3 -17.86 -38.99 -3.58
C ILE B 3 -16.69 -39.13 -2.60
N VAL B 4 -15.71 -38.25 -2.71
CA VAL B 4 -14.57 -38.30 -1.79
C VAL B 4 -14.86 -37.35 -0.63
N LEU B 5 -15.01 -37.94 0.56
CA LEU B 5 -15.31 -37.17 1.75
C LEU B 5 -14.11 -36.88 2.63
N ALA B 6 -14.01 -35.64 3.10
CA ALA B 6 -12.93 -35.27 4.01
C ALA B 6 -13.50 -35.79 5.32
N TYR B 7 -12.96 -36.92 5.77
CA TYR B 7 -13.43 -37.60 6.96
C TYR B 7 -12.51 -37.42 8.15
N SER B 8 -12.98 -36.73 9.18
CA SER B 8 -12.17 -36.50 10.37
C SER B 8 -12.26 -37.67 11.33
N GLY B 9 -13.34 -38.44 11.27
CA GLY B 9 -13.49 -39.58 12.15
C GLY B 9 -14.48 -39.41 13.27
N GLY B 10 -14.96 -38.19 13.46
CA GLY B 10 -15.91 -37.91 14.53
C GLY B 10 -17.35 -38.25 14.18
N LEU B 11 -18.27 -37.75 15.01
CA LEU B 11 -19.70 -38.00 14.82
C LEU B 11 -20.27 -37.39 13.52
N ASP B 12 -20.06 -36.10 13.32
CA ASP B 12 -20.61 -35.44 12.13
C ASP B 12 -20.14 -35.98 10.77
N THR B 13 -18.85 -36.25 10.59
CA THR B 13 -18.43 -36.79 9.28
C THR B 13 -18.90 -38.22 9.12
N SER B 14 -19.15 -38.91 10.23
CA SER B 14 -19.67 -40.28 10.16
C SER B 14 -21.14 -40.17 9.71
N ILE B 15 -21.87 -39.23 10.31
CA ILE B 15 -23.26 -39.00 9.96
C ILE B 15 -23.30 -38.61 8.48
N ILE B 16 -22.35 -37.77 8.08
CA ILE B 16 -22.28 -37.32 6.69
C ILE B 16 -22.00 -38.46 5.70
N LEU B 17 -21.16 -39.40 6.09
CA LEU B 17 -20.83 -40.53 5.22
C LEU B 17 -22.11 -41.31 4.87
N LYS B 18 -22.90 -41.62 5.90
CA LYS B 18 -24.17 -42.34 5.69
C LYS B 18 -25.15 -41.49 4.89
N TRP B 19 -25.26 -40.21 5.26
CA TRP B 19 -26.16 -39.26 4.60
C TRP B 19 -25.88 -39.14 3.11
N LEU B 20 -24.59 -39.08 2.76
CA LEU B 20 -24.18 -38.97 1.35
C LEU B 20 -24.56 -40.19 0.53
N LYS B 21 -24.30 -41.38 1.08
CA LYS B 21 -24.61 -42.59 0.35
C LYS B 21 -26.07 -42.68 -0.07
N GLU B 22 -26.98 -42.39 0.86
CA GLU B 22 -28.40 -42.48 0.54
C GLU B 22 -28.94 -41.28 -0.24
N THR B 23 -28.52 -40.07 0.15
CA THR B 23 -29.01 -38.89 -0.52
C THR B 23 -28.58 -38.85 -1.98
N TYR B 24 -27.32 -39.14 -2.24
CA TYR B 24 -26.80 -39.12 -3.61
C TYR B 24 -26.69 -40.50 -4.27
N ARG B 25 -27.21 -41.53 -3.62
CA ARG B 25 -27.15 -42.89 -4.16
C ARG B 25 -25.74 -43.12 -4.72
N ALA B 26 -24.74 -42.92 -3.88
CA ALA B 26 -23.36 -43.07 -4.30
C ALA B 26 -22.49 -43.80 -3.28
N GLU B 27 -21.27 -44.17 -3.70
CA GLU B 27 -20.34 -44.83 -2.80
C GLU B 27 -19.40 -43.72 -2.32
N VAL B 28 -18.96 -43.80 -1.08
CA VAL B 28 -18.09 -42.78 -0.53
C VAL B 28 -16.66 -43.24 -0.24
N ILE B 29 -15.69 -42.46 -0.71
CA ILE B 29 -14.29 -42.75 -0.46
C ILE B 29 -13.90 -41.76 0.64
N ALA B 30 -13.54 -42.28 1.81
CA ALA B 30 -13.17 -41.45 2.94
C ALA B 30 -11.68 -41.11 2.95
N PHE B 31 -11.37 -39.84 3.23
CA PHE B 31 -9.97 -39.41 3.30
C PHE B 31 -9.72 -38.71 4.64
N THR B 32 -8.76 -39.24 5.40
CA THR B 32 -8.41 -38.67 6.69
C THR B 32 -6.93 -38.30 6.63
N ALA B 33 -6.62 -37.04 6.94
CA ALA B 33 -5.24 -36.60 6.90
C ALA B 33 -4.69 -36.42 8.30
N ASP B 34 -3.45 -36.86 8.50
CA ASP B 34 -2.80 -36.69 9.78
C ASP B 34 -2.00 -35.42 9.59
N ILE B 35 -2.41 -34.33 10.22
CA ILE B 35 -1.70 -33.06 10.11
C ILE B 35 -1.30 -32.64 11.52
N GLY B 36 -1.15 -33.63 12.40
CA GLY B 36 -0.76 -33.36 13.77
C GLY B 36 -1.89 -33.11 14.75
N GLN B 37 -3.10 -33.61 14.49
CA GLN B 37 -4.23 -33.38 15.41
C GLN B 37 -4.11 -34.21 16.68
N GLY B 38 -3.08 -35.04 16.76
CA GLY B 38 -2.89 -35.86 17.94
C GLY B 38 -3.87 -37.01 18.06
N GLU B 39 -4.16 -37.67 16.94
CA GLU B 39 -5.08 -38.79 16.96
C GLU B 39 -4.57 -39.87 16.04
N GLU B 40 -5.13 -41.07 16.17
CA GLU B 40 -4.71 -42.17 15.33
C GLU B 40 -5.58 -42.18 14.08
N VAL B 41 -5.00 -41.70 12.98
CA VAL B 41 -5.70 -41.63 11.71
C VAL B 41 -6.12 -43.00 11.16
N GLU B 42 -5.40 -44.06 11.53
CA GLU B 42 -5.77 -45.38 11.07
C GLU B 42 -7.05 -45.84 11.73
N GLU B 43 -7.35 -45.26 12.89
CA GLU B 43 -8.59 -45.61 13.56
C GLU B 43 -9.78 -44.97 12.86
N ALA B 44 -9.58 -43.76 12.36
CA ALA B 44 -10.65 -43.06 11.63
C ALA B 44 -10.85 -43.81 10.31
N ARG B 45 -9.75 -44.25 9.72
CA ARG B 45 -9.79 -44.97 8.46
C ARG B 45 -10.61 -46.24 8.61
N GLU B 46 -10.37 -46.96 9.70
CA GLU B 46 -11.10 -48.20 9.97
C GLU B 46 -12.56 -47.93 10.30
N LYS B 47 -12.82 -46.85 11.03
CA LYS B 47 -14.18 -46.46 11.38
C LYS B 47 -14.95 -46.07 10.12
N ALA B 48 -14.27 -45.46 9.15
CA ALA B 48 -14.90 -45.06 7.91
C ALA B 48 -15.42 -46.30 7.18
N LEU B 49 -14.62 -47.35 7.16
CA LEU B 49 -15.02 -48.58 6.49
C LEU B 49 -16.23 -49.20 7.16
N ARG B 50 -16.25 -49.16 8.49
CA ARG B 50 -17.36 -49.71 9.25
C ARG B 50 -18.62 -48.88 9.09
N THR B 51 -18.44 -47.61 8.79
CA THR B 51 -19.57 -46.69 8.61
C THR B 51 -20.14 -46.86 7.21
N GLY B 52 -19.37 -47.49 6.31
CA GLY B 52 -19.87 -47.71 4.96
C GLY B 52 -19.06 -47.23 3.79
N ALA B 53 -17.86 -46.70 4.02
CA ALA B 53 -17.04 -46.21 2.91
C ALA B 53 -16.64 -47.37 1.99
N SER B 54 -16.64 -47.12 0.68
CA SER B 54 -16.25 -48.18 -0.26
C SER B 54 -14.73 -48.32 -0.25
N LYS B 55 -14.05 -47.27 0.22
CA LYS B 55 -12.60 -47.24 0.32
C LYS B 55 -12.26 -46.15 1.33
N ALA B 56 -11.29 -46.41 2.19
CA ALA B 56 -10.88 -45.42 3.19
C ALA B 56 -9.36 -45.21 3.09
N ILE B 57 -8.96 -43.95 2.92
CA ILE B 57 -7.56 -43.56 2.77
C ILE B 57 -7.12 -42.66 3.92
N ALA B 58 -5.94 -42.96 4.48
CA ALA B 58 -5.37 -42.18 5.57
C ALA B 58 -3.91 -41.93 5.22
N LEU B 59 -3.51 -40.66 5.25
CA LEU B 59 -2.16 -40.26 4.90
C LEU B 59 -1.47 -39.39 5.94
N ASP B 60 -0.16 -39.61 6.10
CA ASP B 60 0.63 -38.82 7.03
C ASP B 60 1.11 -37.61 6.22
N LEU B 61 0.50 -36.45 6.46
CA LEU B 61 0.86 -35.24 5.72
C LEU B 61 1.53 -34.17 6.59
N LYS B 62 2.15 -34.56 7.70
CA LYS B 62 2.80 -33.57 8.55
C LYS B 62 3.92 -32.84 7.85
N GLU B 63 4.82 -33.59 7.21
CA GLU B 63 5.93 -32.99 6.49
C GLU B 63 5.46 -32.05 5.38
N GLU B 64 4.52 -32.52 4.56
CA GLU B 64 4.03 -31.69 3.46
C GLU B 64 3.37 -30.42 4.00
N PHE B 65 2.60 -30.59 5.06
CA PHE B 65 1.90 -29.47 5.68
C PHE B 65 2.87 -28.34 6.06
N VAL B 66 3.87 -28.67 6.86
CA VAL B 66 4.85 -27.67 7.31
C VAL B 66 5.75 -27.15 6.19
N ARG B 67 6.25 -28.05 5.36
CA ARG B 67 7.16 -27.67 4.28
C ARG B 67 6.50 -26.84 3.17
N ASP B 68 5.35 -27.28 2.69
CA ASP B 68 4.69 -26.60 1.58
C ASP B 68 3.59 -25.59 1.89
N PHE B 69 3.19 -25.48 3.16
CA PHE B 69 2.15 -24.54 3.50
C PHE B 69 2.52 -23.61 4.66
N VAL B 70 2.95 -24.18 5.78
CA VAL B 70 3.32 -23.37 6.92
C VAL B 70 4.57 -22.53 6.65
N PHE B 71 5.64 -23.18 6.21
CA PHE B 71 6.89 -22.46 5.93
C PHE B 71 6.70 -21.31 4.93
N PRO B 72 6.02 -21.56 3.81
CA PRO B 72 5.81 -20.49 2.82
C PRO B 72 5.09 -19.30 3.45
N MET B 73 4.08 -19.60 4.26
CA MET B 73 3.30 -18.57 4.93
C MET B 73 4.14 -17.78 5.95
N MET B 74 4.95 -18.50 6.73
CA MET B 74 5.79 -17.85 7.74
C MET B 74 6.83 -16.94 7.09
N ARG B 75 7.29 -17.37 5.93
CA ARG B 75 8.29 -16.66 5.13
C ARG B 75 7.77 -15.23 4.88
N ALA B 76 6.45 -15.12 4.69
CA ALA B 76 5.82 -13.85 4.42
C ALA B 76 5.47 -13.02 5.66
N GLY B 77 5.72 -13.57 6.86
CA GLY B 77 5.40 -12.86 8.09
C GLY B 77 3.89 -12.69 8.27
N ALA B 78 3.12 -13.62 7.71
CA ALA B 78 1.67 -13.53 7.77
C ALA B 78 1.06 -13.53 9.17
N VAL B 79 0.31 -12.47 9.48
CA VAL B 79 -0.38 -12.34 10.75
C VAL B 79 -1.73 -11.68 10.47
N TYR B 80 -2.83 -12.35 10.84
CA TYR B 80 -4.16 -11.81 10.60
C TYR B 80 -4.68 -10.95 11.75
N GLU B 81 -5.08 -9.73 11.41
CA GLU B 81 -5.63 -8.78 12.36
C GLU B 81 -4.82 -8.66 13.65
N GLY B 82 -3.51 -8.50 13.49
CA GLY B 82 -2.63 -8.31 14.63
C GLY B 82 -2.15 -9.48 15.46
N TYR B 83 -2.90 -10.58 15.51
CA TYR B 83 -2.49 -11.69 16.35
C TYR B 83 -2.65 -13.11 15.81
N TYR B 84 -3.58 -13.33 14.89
CA TYR B 84 -3.80 -14.68 14.41
C TYR B 84 -2.74 -15.22 13.47
N LEU B 85 -2.03 -16.24 13.94
CA LEU B 85 -0.97 -16.86 13.16
C LEU B 85 -1.46 -17.85 12.10
N LEU B 86 -2.77 -17.87 11.90
CA LEU B 86 -3.41 -18.68 10.85
C LEU B 86 -3.29 -20.21 10.94
N GLY B 87 -3.25 -20.73 12.17
CA GLY B 87 -3.13 -22.16 12.37
C GLY B 87 -4.10 -23.06 11.61
N THR B 88 -5.38 -22.75 11.68
CA THR B 88 -6.39 -23.57 10.98
C THR B 88 -6.46 -23.20 9.49
N SER B 89 -6.32 -21.91 9.20
CA SER B 89 -6.38 -21.40 7.83
C SER B 89 -5.46 -22.10 6.81
N ILE B 90 -4.16 -22.19 7.08
CA ILE B 90 -3.25 -22.83 6.13
C ILE B 90 -3.36 -24.33 6.02
N ALA B 91 -4.09 -24.97 6.92
CA ALA B 91 -4.22 -26.43 6.85
C ALA B 91 -5.29 -26.87 5.85
N ARG B 92 -6.33 -26.06 5.69
CA ARG B 92 -7.42 -26.41 4.80
C ARG B 92 -7.05 -26.64 3.32
N PRO B 93 -6.22 -25.78 2.73
CA PRO B 93 -5.83 -25.96 1.31
C PRO B 93 -5.20 -27.33 1.07
N LEU B 94 -4.37 -27.76 2.02
CA LEU B 94 -3.70 -29.05 1.93
C LEU B 94 -4.72 -30.18 1.86
N ILE B 95 -5.69 -30.19 2.77
CA ILE B 95 -6.71 -31.22 2.79
C ILE B 95 -7.46 -31.26 1.46
N ALA B 96 -7.97 -30.11 1.01
CA ALA B 96 -8.71 -30.04 -0.24
C ALA B 96 -7.88 -30.43 -1.45
N LYS B 97 -6.58 -30.17 -1.38
CA LYS B 97 -5.70 -30.51 -2.49
C LYS B 97 -5.74 -32.02 -2.68
N HIS B 98 -5.64 -32.77 -1.58
CA HIS B 98 -5.68 -34.23 -1.67
C HIS B 98 -7.06 -34.77 -2.04
N LEU B 99 -8.12 -34.08 -1.60
CA LEU B 99 -9.47 -34.52 -1.93
C LEU B 99 -9.63 -34.55 -3.44
N VAL B 100 -9.24 -33.46 -4.09
CA VAL B 100 -9.34 -33.34 -5.53
C VAL B 100 -8.45 -34.38 -6.22
N ARG B 101 -7.28 -34.64 -5.64
CA ARG B 101 -6.33 -35.60 -6.17
C ARG B 101 -6.93 -37.00 -6.14
N ILE B 102 -7.46 -37.39 -4.99
CA ILE B 102 -8.08 -38.70 -4.81
C ILE B 102 -9.31 -38.86 -5.71
N ALA B 103 -10.06 -37.77 -5.90
CA ALA B 103 -11.24 -37.81 -6.75
C ALA B 103 -10.85 -38.13 -8.19
N GLU B 104 -9.75 -37.56 -8.65
CA GLU B 104 -9.30 -37.80 -10.02
C GLU B 104 -8.76 -39.21 -10.16
N GLU B 105 -8.09 -39.72 -9.14
CA GLU B 105 -7.56 -41.07 -9.19
C GLU B 105 -8.66 -42.11 -9.13
N GLU B 106 -9.69 -41.82 -8.34
CA GLU B 106 -10.81 -42.75 -8.15
C GLU B 106 -11.95 -42.58 -9.13
N GLY B 107 -11.86 -41.56 -9.98
CA GLY B 107 -12.92 -41.33 -10.95
C GLY B 107 -14.15 -40.79 -10.28
N ALA B 108 -13.97 -40.06 -9.18
CA ALA B 108 -15.09 -39.46 -8.44
C ALA B 108 -15.41 -38.08 -8.99
N GLU B 109 -16.69 -37.82 -9.23
CA GLU B 109 -17.10 -36.55 -9.78
C GLU B 109 -17.27 -35.47 -8.73
N ALA B 110 -17.40 -35.87 -7.47
CA ALA B 110 -17.62 -34.91 -6.39
C ALA B 110 -16.80 -35.14 -5.13
N ILE B 111 -16.75 -34.11 -4.28
CA ILE B 111 -16.04 -34.18 -3.00
C ILE B 111 -16.97 -33.59 -1.93
N ALA B 112 -16.75 -33.95 -0.68
CA ALA B 112 -17.58 -33.43 0.40
C ALA B 112 -16.75 -33.11 1.64
N HIS B 113 -17.31 -32.26 2.50
CA HIS B 113 -16.66 -31.86 3.74
C HIS B 113 -17.75 -31.47 4.73
N GLY B 114 -17.40 -31.46 6.01
CA GLY B 114 -18.37 -31.11 7.03
C GLY B 114 -18.23 -29.73 7.66
N ALA B 115 -17.70 -28.76 6.92
CA ALA B 115 -17.59 -27.40 7.44
C ALA B 115 -19.00 -26.81 7.34
N THR B 116 -19.36 -25.90 8.25
CA THR B 116 -20.71 -25.31 8.19
C THR B 116 -20.80 -24.16 7.20
N GLY B 117 -22.04 -23.71 6.96
CA GLY B 117 -22.26 -22.61 6.05
C GLY B 117 -21.97 -21.25 6.64
N LYS B 118 -21.66 -21.21 7.94
CA LYS B 118 -21.39 -19.93 8.57
C LYS B 118 -19.94 -19.67 8.96
N GLY B 119 -19.04 -20.56 8.53
CA GLY B 119 -17.64 -20.39 8.87
C GLY B 119 -16.76 -20.06 7.69
N ASN B 120 -15.45 -20.05 7.95
CA ASN B 120 -14.44 -19.76 6.94
C ASN B 120 -13.96 -21.02 6.22
N ASP B 121 -13.88 -22.14 6.94
CA ASP B 121 -13.37 -23.40 6.37
C ASP B 121 -14.05 -23.83 5.08
N GLN B 122 -15.35 -23.62 4.97
CA GLN B 122 -16.07 -23.98 3.76
C GLN B 122 -15.46 -23.26 2.56
N VAL B 123 -15.13 -21.99 2.73
CA VAL B 123 -14.55 -21.21 1.65
C VAL B 123 -13.16 -21.71 1.28
N ARG B 124 -12.35 -22.00 2.28
CA ARG B 124 -10.99 -22.49 2.04
C ARG B 124 -11.03 -23.81 1.27
N PHE B 125 -11.90 -24.71 1.70
CA PHE B 125 -12.04 -26.01 1.06
C PHE B 125 -12.47 -25.88 -0.40
N GLU B 126 -13.54 -25.13 -0.62
CA GLU B 126 -14.10 -24.97 -1.95
C GLU B 126 -13.32 -24.08 -2.92
N LEU B 127 -12.77 -22.98 -2.44
CA LEU B 127 -11.98 -22.14 -3.33
C LEU B 127 -10.77 -22.97 -3.80
N THR B 128 -10.21 -23.77 -2.91
CA THR B 128 -9.07 -24.59 -3.30
C THR B 128 -9.49 -25.64 -4.32
N ALA B 129 -10.60 -26.33 -4.05
CA ALA B 129 -11.10 -27.36 -4.96
C ALA B 129 -11.37 -26.82 -6.36
N TYR B 130 -12.17 -25.77 -6.45
CA TYR B 130 -12.54 -25.16 -7.72
C TYR B 130 -11.32 -24.64 -8.48
N ALA B 131 -10.36 -24.10 -7.76
CA ALA B 131 -9.15 -23.56 -8.36
C ALA B 131 -8.29 -24.67 -8.97
N LEU B 132 -8.29 -25.84 -8.35
CA LEU B 132 -7.49 -26.98 -8.83
C LEU B 132 -8.20 -27.85 -9.86
N LYS B 133 -9.51 -27.98 -9.73
CA LYS B 133 -10.31 -28.78 -10.64
C LYS B 133 -11.65 -28.06 -10.77
N PRO B 134 -11.74 -27.14 -11.75
CA PRO B 134 -12.93 -26.33 -12.01
C PRO B 134 -14.25 -27.07 -12.25
N ASP B 135 -14.20 -28.31 -12.72
CA ASP B 135 -15.43 -29.07 -12.97
C ASP B 135 -15.83 -29.95 -11.80
N ILE B 136 -15.06 -29.92 -10.71
CA ILE B 136 -15.41 -30.75 -9.57
C ILE B 136 -16.74 -30.32 -8.96
N LYS B 137 -17.48 -31.28 -8.45
CA LYS B 137 -18.75 -31.00 -7.80
C LYS B 137 -18.48 -31.03 -6.29
N VAL B 138 -18.97 -30.01 -5.60
CA VAL B 138 -18.77 -29.90 -4.16
C VAL B 138 -20.08 -30.08 -3.40
N ILE B 139 -20.07 -30.99 -2.43
CA ILE B 139 -21.26 -31.21 -1.63
C ILE B 139 -20.95 -30.87 -0.18
N ALA B 140 -21.65 -29.88 0.34
CA ALA B 140 -21.48 -29.45 1.72
C ALA B 140 -22.81 -29.72 2.42
N PRO B 141 -22.95 -30.89 3.06
CA PRO B 141 -24.18 -31.29 3.76
C PRO B 141 -24.81 -30.24 4.69
N TRP B 142 -24.00 -29.52 5.46
CA TRP B 142 -24.55 -28.50 6.36
C TRP B 142 -25.39 -27.47 5.62
N ARG B 143 -25.04 -27.18 4.37
CA ARG B 143 -25.78 -26.21 3.57
C ARG B 143 -26.93 -26.87 2.77
N GLU B 144 -27.01 -28.21 2.81
CA GLU B 144 -28.01 -28.96 2.03
C GLU B 144 -29.06 -29.78 2.77
N TRP B 145 -28.67 -30.42 3.87
CA TRP B 145 -29.60 -31.28 4.58
C TRP B 145 -30.70 -30.61 5.38
N SER B 146 -31.63 -31.41 5.86
CA SER B 146 -32.75 -30.89 6.60
C SER B 146 -32.76 -31.19 8.09
N PHE B 147 -31.62 -31.69 8.60
CA PHE B 147 -31.50 -31.96 10.02
C PHE B 147 -31.87 -30.70 10.76
N GLN B 148 -32.74 -30.83 11.75
CA GLN B 148 -33.18 -29.70 12.55
C GLN B 148 -32.76 -29.90 14.01
N GLY B 149 -31.52 -29.57 14.33
CA GLY B 149 -31.06 -29.71 15.70
C GLY B 149 -30.15 -30.89 15.96
N ARG B 150 -29.46 -30.82 17.10
CA ARG B 150 -28.51 -31.85 17.51
C ARG B 150 -29.22 -33.15 17.86
N LYS B 151 -30.34 -33.01 18.56
CA LYS B 151 -31.14 -34.14 18.99
C LYS B 151 -31.42 -35.09 17.82
N GLU B 152 -31.93 -34.52 16.73
CA GLU B 152 -32.24 -35.32 15.54
C GLU B 152 -31.01 -35.96 14.92
N MET B 153 -29.89 -35.25 14.96
CA MET B 153 -28.65 -35.79 14.41
C MET B 153 -28.19 -36.99 15.21
N ILE B 154 -28.38 -36.96 16.52
CA ILE B 154 -27.98 -38.08 17.36
C ILE B 154 -28.85 -39.30 17.08
N ALA B 155 -30.15 -39.07 16.92
CA ALA B 155 -31.10 -40.17 16.65
C ALA B 155 -30.76 -40.86 15.33
N TYR B 156 -30.38 -40.05 14.34
CA TYR B 156 -30.02 -40.56 13.02
C TYR B 156 -28.77 -41.43 13.17
N ALA B 157 -27.79 -40.93 13.93
CA ALA B 157 -26.55 -41.66 14.15
C ALA B 157 -26.83 -43.00 14.83
N GLU B 158 -27.54 -42.96 15.95
CA GLU B 158 -27.86 -44.17 16.68
C GLU B 158 -28.61 -45.17 15.80
N ALA B 159 -29.52 -44.67 14.97
CA ALA B 159 -30.28 -45.55 14.09
C ALA B 159 -29.37 -46.22 13.07
N HIS B 160 -28.26 -45.56 12.73
CA HIS B 160 -27.32 -46.09 11.76
C HIS B 160 -26.09 -46.79 12.35
N GLY B 161 -26.13 -47.10 13.63
CA GLY B 161 -25.03 -47.80 14.26
C GLY B 161 -23.82 -46.95 14.63
N ILE B 162 -23.82 -45.68 14.24
CA ILE B 162 -22.70 -44.80 14.54
C ILE B 162 -22.64 -44.51 16.03
N PRO B 163 -21.51 -44.80 16.68
CA PRO B 163 -21.39 -44.53 18.12
C PRO B 163 -21.52 -43.06 18.47
N VAL B 164 -22.18 -42.78 19.58
CA VAL B 164 -22.38 -41.41 19.99
C VAL B 164 -21.72 -41.08 21.33
N PRO B 165 -21.25 -39.83 21.47
CA PRO B 165 -20.59 -39.31 22.67
C PRO B 165 -21.29 -39.71 23.97
N PRO B 171 -17.72 -27.64 25.75
CA PRO B 171 -18.22 -26.28 26.05
C PRO B 171 -17.68 -25.31 25.00
N TYR B 172 -17.05 -25.88 23.96
CA TYR B 172 -16.48 -25.09 22.88
C TYR B 172 -15.96 -26.03 21.81
N SER B 173 -15.73 -25.49 20.62
CA SER B 173 -15.23 -26.27 19.48
C SER B 173 -13.72 -26.10 19.33
N MET B 174 -13.02 -27.21 19.08
CA MET B 174 -11.56 -27.17 18.93
C MET B 174 -11.04 -27.69 17.60
N ASP B 175 -9.94 -27.12 17.13
CA ASP B 175 -9.28 -27.60 15.92
C ASP B 175 -7.80 -27.64 16.23
N ALA B 176 -7.22 -28.84 16.17
CA ALA B 176 -5.81 -28.98 16.46
C ALA B 176 -4.99 -29.59 15.34
N ASN B 177 -3.79 -29.04 15.14
CA ASN B 177 -2.88 -29.56 14.14
C ASN B 177 -1.47 -29.18 14.61
N LEU B 178 -0.45 -29.53 13.83
CA LEU B 178 0.93 -29.23 14.20
C LEU B 178 1.28 -27.77 14.46
N LEU B 179 0.47 -26.84 13.95
CA LEU B 179 0.76 -25.42 14.12
C LEU B 179 0.08 -24.82 15.35
N HIS B 180 -1.15 -25.24 15.66
CA HIS B 180 -1.83 -24.68 16.82
C HIS B 180 -3.05 -25.48 17.24
N ILE B 181 -3.78 -24.92 18.19
CA ILE B 181 -5.03 -25.49 18.62
C ILE B 181 -5.92 -24.28 18.76
N SER B 182 -7.07 -24.34 18.11
CA SER B 182 -8.02 -23.26 18.12
C SER B 182 -9.22 -23.62 18.99
N TYR B 183 -9.75 -22.63 19.69
CA TYR B 183 -10.92 -22.81 20.54
C TYR B 183 -11.90 -21.68 20.26
N GLU B 184 -13.16 -22.03 20.00
CA GLU B 184 -14.18 -21.02 19.77
C GLU B 184 -15.57 -21.60 19.98
N GLY B 185 -16.56 -20.72 20.15
CA GLY B 185 -17.92 -21.18 20.37
C GLY B 185 -18.21 -21.43 21.84
N GLY B 186 -19.48 -21.74 22.13
CA GLY B 186 -19.88 -22.02 23.49
C GLY B 186 -19.60 -20.88 24.46
N VAL B 187 -19.02 -21.23 25.60
CA VAL B 187 -18.70 -20.24 26.63
C VAL B 187 -17.78 -19.14 26.12
N LEU B 188 -17.05 -19.44 25.05
CA LEU B 188 -16.12 -18.48 24.47
C LEU B 188 -16.84 -17.39 23.67
N GLU B 189 -18.14 -17.59 23.45
CA GLU B 189 -18.92 -16.61 22.68
C GLU B 189 -19.15 -15.27 23.34
N ASP B 190 -18.84 -15.16 24.63
CA ASP B 190 -18.98 -13.91 25.37
C ASP B 190 -17.59 -13.26 25.45
N PRO B 191 -17.36 -12.20 24.66
CA PRO B 191 -16.07 -11.51 24.63
C PRO B 191 -15.57 -10.87 25.92
N TRP B 192 -16.44 -10.80 26.93
CA TRP B 192 -16.07 -10.21 28.22
C TRP B 192 -15.65 -11.27 29.23
N ALA B 193 -15.89 -12.53 28.89
CA ALA B 193 -15.54 -13.64 29.78
C ALA B 193 -14.20 -14.26 29.45
N GLU B 194 -13.30 -14.32 30.42
CA GLU B 194 -11.99 -14.93 30.23
C GLU B 194 -12.24 -16.40 29.96
N PRO B 195 -11.40 -17.05 29.12
CA PRO B 195 -11.61 -18.47 28.84
C PRO B 195 -11.55 -19.27 30.13
N PRO B 196 -12.23 -20.44 30.17
CA PRO B 196 -12.23 -21.28 31.37
C PRO B 196 -10.88 -21.90 31.72
N LYS B 197 -10.67 -22.11 33.02
CA LYS B 197 -9.44 -22.71 33.51
C LYS B 197 -9.27 -24.10 32.91
N GLY B 198 -8.03 -24.50 32.66
CA GLY B 198 -7.78 -25.83 32.13
C GLY B 198 -8.12 -26.03 30.67
N MET B 199 -8.60 -25.00 30.00
CA MET B 199 -8.95 -25.15 28.59
C MET B 199 -7.78 -25.52 27.69
N PHE B 200 -6.65 -24.83 27.84
CA PHE B 200 -5.49 -25.08 26.99
C PHE B 200 -4.93 -26.48 27.10
N ARG B 201 -4.45 -27.01 25.98
CA ARG B 201 -3.92 -28.37 25.94
C ARG B 201 -2.48 -28.44 25.45
N MET B 202 -2.19 -27.67 24.41
CA MET B 202 -0.86 -27.67 23.82
C MET B 202 0.18 -26.89 24.64
N THR B 203 -0.31 -25.98 25.48
CA THR B 203 0.59 -25.16 26.29
C THR B 203 0.24 -25.21 27.78
N GLN B 204 1.27 -25.11 28.61
CA GLN B 204 1.10 -25.12 30.06
C GLN B 204 0.74 -23.71 30.52
N ASP B 205 -0.14 -23.60 31.51
CA ASP B 205 -0.48 -22.27 32.02
C ASP B 205 0.80 -21.62 32.53
N PRO B 206 1.00 -20.33 32.23
CA PRO B 206 2.22 -19.66 32.69
C PRO B 206 2.42 -19.78 34.20
N GLU B 207 1.32 -19.83 34.94
CA GLU B 207 1.39 -19.95 36.40
C GLU B 207 2.07 -21.25 36.80
N GLU B 208 2.02 -22.25 35.92
CA GLU B 208 2.62 -23.55 36.19
C GLU B 208 3.91 -23.77 35.41
N ALA B 209 4.28 -22.79 34.59
CA ALA B 209 5.50 -22.91 33.79
C ALA B 209 6.72 -22.87 34.69
N PRO B 210 7.85 -23.46 34.24
CA PRO B 210 9.11 -23.50 34.99
C PRO B 210 9.51 -22.12 35.51
N ASP B 211 10.13 -22.10 36.70
CA ASP B 211 10.58 -20.84 37.28
C ASP B 211 11.88 -20.43 36.60
N ALA B 212 12.52 -21.38 35.95
CA ALA B 212 13.77 -21.12 35.25
C ALA B 212 13.56 -20.85 33.76
N PRO B 213 13.99 -19.68 33.29
CA PRO B 213 13.83 -19.37 31.86
C PRO B 213 14.69 -20.33 31.04
N GLU B 214 14.32 -20.53 29.78
CA GLU B 214 15.06 -21.44 28.92
C GLU B 214 15.50 -20.72 27.66
N TYR B 215 16.77 -20.89 27.30
CA TYR B 215 17.31 -20.27 26.10
C TYR B 215 17.15 -21.26 24.94
N VAL B 216 16.76 -20.75 23.78
CA VAL B 216 16.59 -21.60 22.60
C VAL B 216 17.18 -20.89 21.40
N GLU B 217 17.92 -21.64 20.59
CA GLU B 217 18.48 -21.06 19.38
C GLU B 217 17.87 -21.71 18.16
N VAL B 218 17.52 -20.88 17.18
CA VAL B 218 16.92 -21.36 15.96
C VAL B 218 17.72 -20.82 14.78
N GLU B 219 18.20 -21.73 13.94
CA GLU B 219 18.98 -21.35 12.77
C GLU B 219 18.06 -21.29 11.55
N PHE B 220 18.21 -20.23 10.76
CA PHE B 220 17.42 -20.09 9.53
C PHE B 220 18.42 -20.22 8.39
N PHE B 221 18.04 -20.90 7.31
CA PHE B 221 19.00 -21.00 6.20
C PHE B 221 17.97 -20.65 5.15
N GLU B 222 18.20 -19.58 4.39
CA GLU B 222 17.22 -19.25 3.35
C GLU B 222 15.76 -18.92 3.48
N GLY B 223 15.42 -18.35 4.63
CA GLY B 223 14.04 -17.99 4.91
C GLY B 223 13.32 -19.05 5.72
N ASP B 224 13.87 -20.27 5.80
CA ASP B 224 13.23 -21.35 6.56
C ASP B 224 14.10 -21.86 7.72
N PRO B 225 13.46 -22.21 8.84
CA PRO B 225 14.18 -22.71 10.03
C PRO B 225 14.67 -24.13 9.74
N VAL B 226 15.96 -24.37 9.99
CA VAL B 226 16.56 -25.68 9.70
C VAL B 226 17.20 -26.40 10.89
N ALA B 227 17.35 -25.70 12.01
CA ALA B 227 17.95 -26.33 13.19
C ALA B 227 17.51 -25.66 14.48
N VAL B 228 17.46 -26.44 15.55
CA VAL B 228 17.08 -25.94 16.87
C VAL B 228 18.19 -26.37 17.82
N ASN B 229 18.78 -25.41 18.53
CA ASN B 229 19.86 -25.71 19.46
C ASN B 229 20.94 -26.56 18.80
N GLY B 230 21.28 -26.21 17.57
CA GLY B 230 22.31 -26.94 16.86
C GLY B 230 21.94 -28.27 16.25
N GLU B 231 20.71 -28.74 16.48
CA GLU B 231 20.30 -30.01 15.91
C GLU B 231 19.47 -29.79 14.64
N ARG B 232 19.91 -30.38 13.54
CA ARG B 232 19.19 -30.26 12.26
C ARG B 232 17.90 -31.04 12.37
N LEU B 233 16.77 -30.42 11.98
CA LEU B 233 15.48 -31.10 12.04
C LEU B 233 14.66 -30.82 10.79
N SER B 234 13.93 -31.82 10.31
CA SER B 234 13.08 -31.64 9.13
C SER B 234 11.97 -30.68 9.55
N PRO B 235 11.29 -30.06 8.58
CA PRO B 235 10.20 -29.12 8.90
C PRO B 235 9.24 -29.55 10.01
N ALA B 236 8.59 -30.69 9.85
CA ALA B 236 7.65 -31.16 10.86
C ALA B 236 8.31 -31.48 12.20
N ALA B 237 9.50 -32.10 12.17
CA ALA B 237 10.19 -32.42 13.41
C ALA B 237 10.62 -31.13 14.11
N LEU B 238 10.99 -30.12 13.32
CA LEU B 238 11.40 -28.84 13.89
C LEU B 238 10.23 -28.14 14.56
N LEU B 239 9.09 -28.08 13.87
CA LEU B 239 7.91 -27.43 14.45
C LEU B 239 7.50 -28.17 15.72
N GLN B 240 7.52 -29.49 15.66
CA GLN B 240 7.16 -30.32 16.80
C GLN B 240 8.08 -29.99 17.98
N ARG B 241 9.37 -29.93 17.71
CA ARG B 241 10.35 -29.62 18.76
C ARG B 241 10.05 -28.30 19.44
N LEU B 242 9.81 -27.25 18.65
CA LEU B 242 9.53 -25.94 19.21
C LEU B 242 8.20 -25.86 19.96
N ASN B 243 7.24 -26.73 19.61
CA ASN B 243 5.97 -26.75 20.33
C ASN B 243 6.25 -27.34 21.72
N GLU B 244 7.09 -28.36 21.76
CA GLU B 244 7.44 -29.00 23.02
C GLU B 244 8.16 -27.99 23.93
N ILE B 245 9.15 -27.30 23.39
CA ILE B 245 9.91 -26.32 24.17
C ILE B 245 9.05 -25.14 24.59
N GLY B 246 8.42 -24.47 23.63
CA GLY B 246 7.58 -23.35 23.98
C GLY B 246 6.34 -23.77 24.74
N GLY B 247 5.86 -24.97 24.50
CA GLY B 247 4.67 -25.44 25.20
C GLY B 247 4.88 -25.51 26.70
N ARG B 248 6.04 -26.03 27.10
CA ARG B 248 6.34 -26.16 28.53
C ARG B 248 6.31 -24.80 29.20
N HIS B 249 6.67 -23.75 28.47
CA HIS B 249 6.68 -22.41 29.06
C HIS B 249 5.40 -21.60 28.86
N GLY B 250 4.40 -22.21 28.23
CA GLY B 250 3.12 -21.54 28.02
C GLY B 250 3.11 -20.42 27.01
N VAL B 251 4.05 -20.48 26.07
CA VAL B 251 4.19 -19.47 25.02
C VAL B 251 3.13 -19.60 23.92
N GLY B 252 2.80 -18.47 23.27
CA GLY B 252 1.87 -18.49 22.15
C GLY B 252 0.36 -18.42 22.30
N ARG B 253 -0.13 -17.89 23.42
CA ARG B 253 -1.57 -17.80 23.63
C ARG B 253 -2.13 -16.47 23.16
N VAL B 254 -3.24 -16.54 22.43
CA VAL B 254 -3.91 -15.36 21.90
C VAL B 254 -5.41 -15.45 22.15
N ASP B 255 -6.02 -14.30 22.44
CA ASP B 255 -7.47 -14.21 22.70
C ASP B 255 -7.95 -13.01 21.87
N ILE B 256 -8.71 -13.28 20.81
CA ILE B 256 -9.19 -12.20 19.95
C ILE B 256 -10.61 -12.35 19.43
N VAL B 257 -11.18 -11.23 18.99
CA VAL B 257 -12.50 -11.22 18.36
C VAL B 257 -12.10 -10.86 16.92
N GLU B 258 -12.23 -11.82 16.02
CA GLU B 258 -11.83 -11.65 14.62
C GLU B 258 -12.99 -11.44 13.67
N ASN B 259 -12.66 -10.96 12.46
CA ASN B 259 -13.66 -10.75 11.43
C ASN B 259 -13.61 -11.91 10.43
N ARG B 260 -14.68 -12.69 10.35
CA ARG B 260 -14.74 -13.81 9.41
C ARG B 260 -14.97 -13.26 8.01
N PHE B 261 -14.62 -14.05 7.00
CA PHE B 261 -14.78 -13.66 5.60
C PHE B 261 -16.25 -13.57 5.23
N VAL B 262 -17.07 -14.42 5.80
CA VAL B 262 -18.49 -14.42 5.51
C VAL B 262 -19.22 -13.21 6.09
N GLY B 263 -18.50 -12.34 6.81
CA GLY B 263 -19.12 -11.14 7.32
C GLY B 263 -19.35 -10.87 8.80
N MET B 264 -19.24 -11.88 9.66
CA MET B 264 -19.48 -11.62 11.09
C MET B 264 -18.25 -11.79 11.99
N LYS B 265 -18.31 -11.20 13.17
CA LYS B 265 -17.21 -11.29 14.14
C LYS B 265 -17.39 -12.52 15.03
N SER B 266 -16.30 -13.05 15.54
CA SER B 266 -16.36 -14.21 16.43
C SER B 266 -15.15 -14.24 17.34
N ARG B 267 -15.36 -14.69 18.56
CA ARG B 267 -14.30 -14.73 19.57
C ARG B 267 -13.51 -16.02 19.47
N GLY B 268 -12.22 -15.90 19.21
CA GLY B 268 -11.38 -17.07 19.10
C GLY B 268 -10.19 -17.04 20.05
N VAL B 269 -9.72 -18.22 20.46
CA VAL B 269 -8.58 -18.33 21.36
C VAL B 269 -7.60 -19.30 20.72
N TYR B 270 -6.34 -18.91 20.62
CA TYR B 270 -5.36 -19.77 19.97
C TYR B 270 -4.04 -19.92 20.72
N GLU B 271 -3.48 -21.13 20.68
CA GLU B 271 -2.18 -21.38 21.30
C GLU B 271 -1.29 -21.90 20.17
N THR B 272 -0.22 -21.16 19.92
CA THR B 272 0.73 -21.46 18.86
C THR B 272 2.16 -21.34 19.40
N PRO B 273 2.55 -22.26 20.29
CA PRO B 273 3.90 -22.25 20.89
C PRO B 273 5.06 -22.22 19.89
N GLY B 274 5.17 -23.25 19.07
CA GLY B 274 6.25 -23.30 18.10
C GLY B 274 6.22 -22.15 17.09
N GLY B 275 5.05 -21.88 16.54
CA GLY B 275 4.91 -20.82 15.57
C GLY B 275 5.26 -19.45 16.11
N THR B 276 4.95 -19.21 17.37
CA THR B 276 5.24 -17.92 17.99
C THR B 276 6.75 -17.75 18.19
N ILE B 277 7.43 -18.81 18.57
CA ILE B 277 8.88 -18.73 18.73
C ILE B 277 9.47 -18.42 17.35
N LEU B 278 8.99 -19.13 16.33
CA LEU B 278 9.46 -18.96 14.96
C LEU B 278 9.20 -17.56 14.42
N TYR B 279 8.07 -16.96 14.80
CA TYR B 279 7.73 -15.63 14.35
C TYR B 279 8.80 -14.63 14.80
N HIS B 280 9.12 -14.65 16.09
CA HIS B 280 10.12 -13.72 16.64
C HIS B 280 11.54 -14.10 16.23
N ALA B 281 11.79 -15.39 16.07
CA ALA B 281 13.11 -15.87 15.69
C ALA B 281 13.39 -15.37 14.28
N ARG B 282 12.38 -15.49 13.41
CA ARG B 282 12.51 -15.05 12.04
C ARG B 282 12.83 -13.55 11.99
N ARG B 283 12.05 -12.73 12.70
CA ARG B 283 12.31 -11.30 12.68
C ARG B 283 13.69 -10.94 13.24
N ALA B 284 14.18 -11.73 14.19
CA ALA B 284 15.48 -11.47 14.78
C ALA B 284 16.59 -11.61 13.74
N VAL B 285 16.51 -12.68 12.94
CA VAL B 285 17.50 -12.92 11.90
C VAL B 285 17.34 -11.87 10.79
N GLU B 286 16.10 -11.49 10.50
CA GLU B 286 15.83 -10.48 9.48
C GLU B 286 16.40 -9.12 9.88
N SER B 287 16.45 -8.84 11.19
CA SER B 287 16.96 -7.56 11.66
C SER B 287 18.42 -7.33 11.25
N LEU B 288 19.13 -8.42 10.99
CA LEU B 288 20.53 -8.32 10.57
C LEU B 288 20.74 -8.54 9.08
N THR B 289 19.86 -9.35 8.48
CA THR B 289 19.98 -9.71 7.07
C THR B 289 19.14 -8.95 6.05
N LEU B 290 18.13 -8.22 6.49
CA LEU B 290 17.30 -7.48 5.53
C LEU B 290 17.57 -5.99 5.49
N ASP B 291 17.46 -5.43 4.30
CA ASP B 291 17.65 -4.01 4.10
C ASP B 291 16.44 -3.25 4.65
N ARG B 292 16.70 -2.05 5.15
CA ARG B 292 15.66 -1.19 5.73
C ARG B 292 14.46 -1.01 4.83
N GLU B 293 14.69 -0.53 3.60
CA GLU B 293 13.60 -0.30 2.68
C GLU B 293 12.86 -1.59 2.30
N VAL B 294 13.61 -2.67 2.14
CA VAL B 294 12.98 -3.96 1.81
C VAL B 294 12.06 -4.36 2.96
N LEU B 295 12.57 -4.29 4.18
CA LEU B 295 11.78 -4.64 5.36
C LEU B 295 10.48 -3.86 5.49
N HIS B 296 10.56 -2.54 5.32
CA HIS B 296 9.40 -1.68 5.44
C HIS B 296 8.35 -1.98 4.36
N GLN B 297 8.80 -2.32 3.16
CA GLN B 297 7.86 -2.64 2.08
C GLN B 297 7.22 -3.98 2.39
N ARG B 298 8.03 -4.93 2.79
CA ARG B 298 7.57 -6.28 3.11
C ARG B 298 6.50 -6.25 4.21
N ASP B 299 6.74 -5.50 5.28
CA ASP B 299 5.79 -5.41 6.39
C ASP B 299 4.45 -4.77 6.01
N MET B 300 4.45 -3.96 4.95
CA MET B 300 3.20 -3.33 4.53
C MET B 300 2.36 -4.28 3.65
N LEU B 301 2.98 -5.32 3.12
CA LEU B 301 2.28 -6.31 2.30
C LEU B 301 1.86 -7.57 3.09
N SER B 302 2.52 -7.82 4.22
CA SER B 302 2.20 -8.98 5.03
C SER B 302 0.73 -9.11 5.41
N PRO B 303 0.09 -8.00 5.84
CA PRO B 303 -1.32 -8.05 6.22
C PRO B 303 -2.23 -8.50 5.08
N LYS B 304 -1.93 -8.04 3.88
CA LYS B 304 -2.74 -8.42 2.71
C LYS B 304 -2.60 -9.93 2.50
N TYR B 305 -1.37 -10.41 2.53
CA TYR B 305 -1.12 -11.85 2.36
C TYR B 305 -1.87 -12.63 3.43
N ALA B 306 -1.92 -12.08 4.64
CA ALA B 306 -2.61 -12.73 5.75
C ALA B 306 -4.10 -12.87 5.50
N GLU B 307 -4.75 -11.82 4.99
CA GLU B 307 -6.17 -11.93 4.73
C GLU B 307 -6.42 -12.94 3.61
N LEU B 308 -5.52 -13.00 2.63
CA LEU B 308 -5.68 -13.95 1.55
C LEU B 308 -5.71 -15.38 2.12
N VAL B 309 -4.74 -15.69 2.98
CA VAL B 309 -4.70 -17.01 3.60
C VAL B 309 -5.94 -17.26 4.46
N TYR B 310 -6.32 -16.25 5.24
CA TYR B 310 -7.48 -16.36 6.11
C TYR B 310 -8.79 -16.60 5.35
N TYR B 311 -8.95 -15.91 4.22
CA TYR B 311 -10.15 -16.02 3.40
C TYR B 311 -10.19 -17.31 2.61
N GLY B 312 -9.02 -17.89 2.32
CA GLY B 312 -8.98 -19.14 1.57
C GLY B 312 -8.36 -19.05 0.19
N PHE B 313 -7.75 -17.91 -0.14
CA PHE B 313 -7.12 -17.76 -1.45
C PHE B 313 -5.67 -18.20 -1.44
N TRP B 314 -5.45 -19.50 -1.22
CA TRP B 314 -4.12 -20.05 -1.19
C TRP B 314 -3.68 -20.34 -2.61
N TYR B 315 -4.42 -21.20 -3.30
CA TYR B 315 -4.11 -21.52 -4.69
C TYR B 315 -4.83 -20.48 -5.54
N ALA B 316 -4.38 -19.24 -5.43
CA ALA B 316 -4.93 -18.11 -6.16
C ALA B 316 -3.76 -17.28 -6.67
N PRO B 317 -3.90 -16.69 -7.87
CA PRO B 317 -2.81 -15.88 -8.43
C PRO B 317 -2.29 -14.74 -7.56
N GLU B 318 -3.17 -14.02 -6.86
CA GLU B 318 -2.73 -12.92 -6.01
C GLU B 318 -1.72 -13.42 -4.98
N ARG B 319 -2.07 -14.53 -4.34
CA ARG B 319 -1.24 -15.12 -3.30
C ARG B 319 0.09 -15.61 -3.87
N GLU B 320 0.06 -16.29 -5.00
CA GLU B 320 1.29 -16.79 -5.61
C GLU B 320 2.20 -15.66 -6.09
N ALA B 321 1.60 -14.55 -6.52
CA ALA B 321 2.35 -13.38 -6.96
C ALA B 321 3.09 -12.78 -5.76
N LEU B 322 2.36 -12.57 -4.67
CA LEU B 322 2.98 -12.01 -3.46
C LEU B 322 4.02 -12.98 -2.92
N GLN B 323 3.79 -14.29 -3.08
CA GLN B 323 4.73 -15.28 -2.60
C GLN B 323 6.08 -15.15 -3.30
N ALA B 324 6.04 -14.70 -4.55
CA ALA B 324 7.26 -14.50 -5.32
C ALA B 324 8.06 -13.37 -4.67
N TYR B 325 7.36 -12.35 -4.19
CA TYR B 325 8.01 -11.23 -3.53
C TYR B 325 8.61 -11.69 -2.20
N PHE B 326 7.77 -12.30 -1.36
CA PHE B 326 8.23 -12.76 -0.05
C PHE B 326 9.37 -13.77 -0.12
N ASP B 327 9.31 -14.67 -1.09
CA ASP B 327 10.34 -15.67 -1.26
C ASP B 327 11.66 -15.04 -1.68
N HIS B 328 11.58 -13.98 -2.48
CA HIS B 328 12.78 -13.29 -2.92
C HIS B 328 13.45 -12.65 -1.70
N VAL B 329 12.67 -11.90 -0.94
CA VAL B 329 13.15 -11.24 0.26
C VAL B 329 13.69 -12.26 1.26
N ALA B 330 12.89 -13.28 1.52
CA ALA B 330 13.23 -14.33 2.47
C ALA B 330 14.54 -15.08 2.18
N ARG B 331 14.93 -15.13 0.91
CA ARG B 331 16.14 -15.85 0.54
C ARG B 331 17.37 -15.33 1.29
N SER B 332 17.32 -14.08 1.73
CA SER B 332 18.42 -13.46 2.46
C SER B 332 18.45 -13.80 3.96
N VAL B 333 17.33 -14.30 4.47
CA VAL B 333 17.21 -14.59 5.89
C VAL B 333 18.01 -15.82 6.32
N THR B 334 19.31 -15.61 6.54
CA THR B 334 20.21 -16.67 6.96
C THR B 334 20.96 -16.26 8.22
N GLY B 335 20.78 -17.04 9.29
CA GLY B 335 21.44 -16.72 10.54
C GLY B 335 20.86 -17.48 11.71
N VAL B 336 21.21 -17.05 12.92
CA VAL B 336 20.71 -17.72 14.11
C VAL B 336 20.09 -16.72 15.07
N ALA B 337 18.95 -17.10 15.63
CA ALA B 337 18.25 -16.27 16.59
C ALA B 337 18.33 -16.92 17.96
N ARG B 338 18.56 -16.11 19.00
CA ARG B 338 18.63 -16.64 20.35
C ARG B 338 17.50 -16.02 21.16
N LEU B 339 16.59 -16.85 21.66
CA LEU B 339 15.47 -16.36 22.43
C LEU B 339 15.47 -16.90 23.84
N LYS B 340 14.81 -16.16 24.72
CA LYS B 340 14.70 -16.52 26.13
C LYS B 340 13.23 -16.73 26.41
N LEU B 341 12.86 -17.94 26.80
CA LEU B 341 11.48 -18.28 27.11
C LEU B 341 11.24 -18.24 28.60
N TYR B 342 10.15 -17.59 29.01
CA TYR B 342 9.83 -17.49 30.43
C TYR B 342 8.35 -17.15 30.71
N LYS B 343 7.68 -18.07 31.40
CA LYS B 343 6.30 -17.91 31.78
C LYS B 343 5.40 -17.15 30.79
N GLY B 344 5.13 -17.79 29.66
CA GLY B 344 4.25 -17.22 28.66
C GLY B 344 4.89 -16.32 27.63
N ASN B 345 6.10 -15.86 27.89
CA ASN B 345 6.76 -14.97 26.97
C ASN B 345 7.96 -15.48 26.20
N VAL B 346 8.20 -14.83 25.06
CA VAL B 346 9.31 -15.15 24.19
C VAL B 346 10.14 -13.87 24.03
N TYR B 347 11.33 -13.86 24.61
CA TYR B 347 12.18 -12.66 24.50
C TYR B 347 13.37 -12.88 23.59
N VAL B 348 13.55 -11.99 22.62
CA VAL B 348 14.71 -12.09 21.75
C VAL B 348 15.87 -11.49 22.56
N VAL B 349 16.96 -12.24 22.69
CA VAL B 349 18.11 -11.76 23.46
C VAL B 349 19.38 -11.68 22.62
N GLY B 350 19.32 -12.22 21.42
CA GLY B 350 20.48 -12.17 20.56
C GLY B 350 20.23 -12.69 19.16
N ARG B 351 21.10 -12.30 18.24
CA ARG B 351 21.02 -12.73 16.86
C ARG B 351 22.37 -12.54 16.20
N LYS B 352 22.65 -13.37 15.21
CA LYS B 352 23.90 -13.31 14.47
C LYS B 352 23.64 -13.85 13.07
N ALA B 353 24.47 -13.44 12.13
CA ALA B 353 24.30 -13.88 10.76
C ALA B 353 25.62 -13.84 9.99
N PRO B 354 25.83 -14.78 9.06
CA PRO B 354 27.04 -14.84 8.25
C PRO B 354 27.23 -13.57 7.42
N LYS B 355 26.13 -13.06 6.86
CA LYS B 355 26.17 -11.85 6.04
C LYS B 355 25.37 -10.75 6.70
N SER B 356 25.62 -10.52 7.98
CA SER B 356 24.92 -9.48 8.73
C SER B 356 25.29 -8.10 8.19
N LEU B 357 24.28 -7.24 8.03
CA LEU B 357 24.48 -5.88 7.54
C LEU B 357 24.78 -4.90 8.69
N TYR B 358 24.87 -5.43 9.90
CA TYR B 358 25.16 -4.59 11.06
C TYR B 358 26.68 -4.36 11.19
N ARG B 359 27.10 -3.11 11.39
CA ARG B 359 28.52 -2.74 11.56
C ARG B 359 28.61 -1.81 12.77
N GLN B 360 29.10 -2.28 13.92
CA GLN B 360 29.15 -1.37 15.06
C GLN B 360 30.17 -0.28 14.71
N ASP B 361 30.95 -0.54 13.67
CA ASP B 361 31.95 0.40 13.18
C ASP B 361 31.24 1.74 12.93
N LEU B 362 29.97 1.66 12.57
CA LEU B 362 29.18 2.85 12.26
C LEU B 362 28.38 3.46 13.41
N VAL B 363 28.32 2.77 14.55
CA VAL B 363 27.57 3.32 15.67
C VAL B 363 28.47 3.80 16.81
N SER B 364 29.57 3.08 17.05
CA SER B 364 30.51 3.44 18.12
C SER B 364 31.14 4.81 17.88
N PHE B 365 31.63 5.43 18.95
CA PHE B 365 32.26 6.74 18.86
C PHE B 365 33.75 6.69 19.20
N GLY B 370 31.24 5.32 6.95
CA GLY B 370 30.20 5.50 5.90
C GLY B 370 29.88 6.97 5.71
N TYR B 371 30.57 7.80 6.49
CA TYR B 371 30.41 9.25 6.42
C TYR B 371 30.84 9.90 7.71
N ASP B 372 30.87 11.23 7.71
CA ASP B 372 31.24 11.96 8.89
C ASP B 372 30.02 12.81 9.20
N GLN B 373 29.79 13.02 10.49
CA GLN B 373 28.67 13.81 10.98
C GLN B 373 28.22 14.90 10.02
N LYS B 374 29.17 15.62 9.43
CA LYS B 374 28.83 16.71 8.53
C LYS B 374 27.92 16.32 7.36
N ASP B 375 28.03 15.09 6.88
CA ASP B 375 27.18 14.64 5.78
C ASP B 375 25.74 14.70 6.26
N ALA B 376 25.55 14.48 7.55
CA ALA B 376 24.23 14.52 8.16
C ALA B 376 23.56 15.88 7.99
N GLU B 377 24.34 16.97 8.03
CA GLU B 377 23.78 18.29 7.87
C GLU B 377 23.18 18.48 6.47
N GLY B 378 23.92 18.07 5.45
CA GLY B 378 23.42 18.19 4.09
C GLY B 378 22.14 17.39 3.93
N PHE B 379 22.16 16.16 4.46
CA PHE B 379 21.01 15.25 4.41
C PHE B 379 19.79 15.94 5.02
N ILE B 380 19.95 16.51 6.21
CA ILE B 380 18.85 17.19 6.88
C ILE B 380 18.35 18.38 6.07
N LYS B 381 19.27 19.19 5.56
CA LYS B 381 18.91 20.37 4.78
C LYS B 381 18.05 19.99 3.57
N ILE B 382 18.47 18.97 2.82
CA ILE B 382 17.72 18.55 1.66
C ILE B 382 16.37 17.97 2.07
N GLN B 383 16.38 17.12 3.09
CA GLN B 383 15.14 16.51 3.58
C GLN B 383 14.16 17.58 4.02
N ALA B 384 14.68 18.69 4.55
CA ALA B 384 13.82 19.75 5.05
C ALA B 384 13.34 20.78 4.02
N LEU B 385 13.98 20.83 2.86
CA LEU B 385 13.61 21.83 1.87
C LEU B 385 12.11 21.99 1.63
N ARG B 386 11.43 20.91 1.26
CA ARG B 386 10.00 21.01 0.98
C ARG B 386 9.20 21.50 2.18
N LEU B 387 9.67 21.20 3.38
CA LEU B 387 8.96 21.64 4.58
C LEU B 387 9.16 23.14 4.77
N ARG B 388 10.37 23.61 4.52
CA ARG B 388 10.65 25.03 4.65
C ARG B 388 9.84 25.83 3.62
N VAL B 389 9.78 25.32 2.39
CA VAL B 389 9.01 25.97 1.32
C VAL B 389 7.55 26.08 1.75
N ARG B 390 7.02 24.99 2.30
CA ARG B 390 5.63 24.94 2.77
C ARG B 390 5.40 26.04 3.80
N ALA B 391 6.32 26.13 4.76
CA ALA B 391 6.25 27.14 5.83
C ALA B 391 6.31 28.57 5.29
N LEU B 392 7.21 28.82 4.36
CA LEU B 392 7.31 30.16 3.78
C LEU B 392 6.03 30.52 3.06
N VAL B 393 5.47 29.58 2.31
CA VAL B 393 4.23 29.84 1.58
C VAL B 393 3.09 30.08 2.54
N GLU B 394 3.03 29.31 3.62
CA GLU B 394 1.97 29.50 4.60
C GLU B 394 2.19 30.89 5.21
N ARG B 395 3.40 31.41 4.98
CA ARG B 395 3.81 32.73 5.47
C ARG B 395 3.98 32.76 6.97
N MET C 1 -49.15 -5.12 -0.72
CA MET C 1 -47.79 -4.61 -0.39
C MET C 1 -47.36 -3.53 -1.37
N LYS C 2 -46.37 -2.73 -0.99
CA LYS C 2 -45.87 -1.67 -1.86
C LYS C 2 -44.44 -1.94 -2.30
N ILE C 3 -44.14 -1.60 -3.54
CA ILE C 3 -42.81 -1.78 -4.10
C ILE C 3 -42.39 -0.51 -4.84
N VAL C 4 -41.20 -0.02 -4.52
CA VAL C 4 -40.68 1.16 -5.19
C VAL C 4 -39.77 0.64 -6.28
N LEU C 5 -40.05 1.01 -7.53
CA LEU C 5 -39.25 0.56 -8.65
C LEU C 5 -38.39 1.63 -9.28
N ALA C 6 -37.10 1.33 -9.41
CA ALA C 6 -36.18 2.25 -10.07
C ALA C 6 -36.62 2.10 -11.53
N TYR C 7 -37.37 3.09 -12.01
CA TYR C 7 -37.92 3.05 -13.37
C TYR C 7 -37.25 4.02 -14.35
N SER C 8 -36.62 3.48 -15.37
CA SER C 8 -35.94 4.32 -16.36
C SER C 8 -36.82 4.74 -17.55
N GLY C 9 -37.97 4.10 -17.70
CA GLY C 9 -38.86 4.47 -18.79
C GLY C 9 -38.64 3.63 -20.04
N GLY C 10 -37.66 2.74 -20.00
CA GLY C 10 -37.36 1.91 -21.14
C GLY C 10 -38.19 0.63 -21.23
N LEU C 11 -37.91 -0.19 -22.24
CA LEU C 11 -38.65 -1.42 -22.45
C LEU C 11 -38.64 -2.36 -21.25
N ASP C 12 -37.44 -2.69 -20.77
CA ASP C 12 -37.30 -3.62 -19.64
C ASP C 12 -37.89 -3.21 -18.30
N THR C 13 -37.77 -1.95 -17.91
CA THR C 13 -38.37 -1.59 -16.63
C THR C 13 -39.87 -1.48 -16.78
N SER C 14 -40.34 -1.31 -18.02
CA SER C 14 -41.78 -1.23 -18.24
C SER C 14 -42.28 -2.67 -18.07
N ILE C 15 -41.55 -3.61 -18.66
CA ILE C 15 -41.90 -5.02 -18.54
C ILE C 15 -41.85 -5.41 -17.06
N ILE C 16 -40.82 -4.93 -16.38
CA ILE C 16 -40.64 -5.21 -14.95
C ILE C 16 -41.80 -4.66 -14.11
N LEU C 17 -42.30 -3.48 -14.47
CA LEU C 17 -43.42 -2.88 -13.73
C LEU C 17 -44.67 -3.76 -13.83
N LYS C 18 -44.93 -4.30 -15.01
CA LYS C 18 -46.09 -5.17 -15.20
C LYS C 18 -45.83 -6.43 -14.39
N TRP C 19 -44.66 -7.04 -14.63
CA TRP C 19 -44.26 -8.26 -13.95
C TRP C 19 -44.48 -8.15 -12.45
N LEU C 20 -44.17 -6.98 -11.89
CA LEU C 20 -44.36 -6.76 -10.46
C LEU C 20 -45.85 -6.70 -10.11
N LYS C 21 -46.62 -6.02 -10.95
CA LYS C 21 -48.07 -5.92 -10.70
C LYS C 21 -48.69 -7.31 -10.77
N GLU C 22 -48.31 -8.08 -11.78
CA GLU C 22 -48.85 -9.42 -11.96
C GLU C 22 -48.38 -10.46 -10.94
N THR C 23 -47.06 -10.58 -10.77
CA THR C 23 -46.49 -11.54 -9.84
C THR C 23 -46.80 -11.27 -8.37
N TYR C 24 -46.51 -10.06 -7.90
CA TYR C 24 -46.78 -9.72 -6.51
C TYR C 24 -48.14 -9.08 -6.33
N ARG C 25 -48.76 -8.67 -7.44
CA ARG C 25 -50.07 -8.04 -7.37
C ARG C 25 -49.96 -6.86 -6.40
N ALA C 26 -48.81 -6.19 -6.39
CA ALA C 26 -48.60 -5.06 -5.48
C ALA C 26 -48.73 -3.70 -6.15
N GLU C 27 -48.92 -2.69 -5.32
CA GLU C 27 -49.03 -1.30 -5.75
C GLU C 27 -47.61 -0.81 -6.05
N VAL C 28 -47.28 -0.62 -7.32
CA VAL C 28 -45.94 -0.18 -7.73
C VAL C 28 -45.76 1.33 -7.79
N ILE C 29 -44.70 1.82 -7.13
CA ILE C 29 -44.39 3.24 -7.16
C ILE C 29 -43.15 3.39 -8.02
N ALA C 30 -43.30 4.07 -9.15
CA ALA C 30 -42.19 4.28 -10.06
C ALA C 30 -41.36 5.49 -9.66
N PHE C 31 -40.05 5.36 -9.84
CA PHE C 31 -39.14 6.44 -9.53
C PHE C 31 -38.15 6.59 -10.66
N THR C 32 -38.13 7.77 -11.26
CA THR C 32 -37.20 8.04 -12.35
C THR C 32 -36.36 9.22 -11.92
N ALA C 33 -35.05 9.04 -11.97
CA ALA C 33 -34.15 10.11 -11.59
C ALA C 33 -33.54 10.75 -12.80
N ASP C 34 -33.51 12.07 -12.82
CA ASP C 34 -32.89 12.80 -13.92
C ASP C 34 -31.46 13.07 -13.44
N ILE C 35 -30.51 12.36 -14.02
CA ILE C 35 -29.10 12.54 -13.66
C ILE C 35 -28.33 12.86 -14.92
N GLY C 36 -29.01 13.50 -15.88
CA GLY C 36 -28.37 13.88 -17.12
C GLY C 36 -28.38 12.86 -18.23
N GLN C 37 -29.31 11.90 -18.20
CA GLN C 37 -29.38 10.89 -19.26
C GLN C 37 -29.82 11.54 -20.57
N GLY C 38 -30.23 12.81 -20.50
CA GLY C 38 -30.67 13.49 -21.69
C GLY C 38 -31.98 12.92 -22.18
N GLU C 39 -32.75 12.37 -21.25
CA GLU C 39 -34.05 11.77 -21.55
C GLU C 39 -35.11 12.53 -20.76
N GLU C 40 -36.06 13.15 -21.46
CA GLU C 40 -37.12 13.88 -20.77
C GLU C 40 -37.67 12.93 -19.72
N VAL C 41 -37.33 13.18 -18.47
CA VAL C 41 -37.77 12.32 -17.38
C VAL C 41 -39.27 12.36 -17.15
N GLU C 42 -39.93 13.43 -17.57
CA GLU C 42 -41.37 13.50 -17.37
C GLU C 42 -42.08 12.55 -18.33
N GLU C 43 -41.47 12.29 -19.47
CA GLU C 43 -42.06 11.37 -20.44
C GLU C 43 -42.11 10.01 -19.74
N ALA C 44 -41.02 9.67 -19.07
CA ALA C 44 -40.91 8.41 -18.36
C ALA C 44 -41.94 8.28 -17.24
N ARG C 45 -42.20 9.37 -16.52
CA ARG C 45 -43.16 9.33 -15.41
C ARG C 45 -44.62 9.10 -15.84
N GLU C 46 -45.01 9.70 -16.95
CA GLU C 46 -46.38 9.53 -17.43
C GLU C 46 -46.56 8.10 -17.92
N LYS C 47 -45.54 7.60 -18.60
CA LYS C 47 -45.57 6.22 -19.11
C LYS C 47 -45.67 5.19 -17.97
N ALA C 48 -45.14 5.53 -16.81
CA ALA C 48 -45.19 4.63 -15.66
C ALA C 48 -46.61 4.49 -15.14
N LEU C 49 -47.33 5.61 -15.11
CA LEU C 49 -48.72 5.59 -14.64
C LEU C 49 -49.53 4.85 -15.69
N ARG C 50 -49.17 5.08 -16.94
CA ARG C 50 -49.81 4.46 -18.08
C ARG C 50 -49.59 2.95 -18.09
N THR C 51 -48.58 2.49 -17.34
CA THR C 51 -48.21 1.08 -17.29
C THR C 51 -48.74 0.33 -16.08
N GLY C 52 -49.39 1.03 -15.17
CA GLY C 52 -49.93 0.36 -14.00
C GLY C 52 -49.37 0.90 -12.70
N ALA C 53 -48.51 1.90 -12.80
CA ALA C 53 -47.94 2.49 -11.61
C ALA C 53 -49.05 3.23 -10.89
N SER C 54 -49.23 2.95 -9.60
CA SER C 54 -50.25 3.63 -8.83
C SER C 54 -49.71 5.01 -8.45
N LYS C 55 -48.43 5.22 -8.75
CA LYS C 55 -47.79 6.50 -8.48
C LYS C 55 -46.40 6.48 -9.11
N ALA C 56 -46.08 7.56 -9.82
CA ALA C 56 -44.79 7.70 -10.49
C ALA C 56 -44.14 9.01 -10.05
N ILE C 57 -42.85 8.93 -9.70
CA ILE C 57 -42.09 10.09 -9.22
C ILE C 57 -40.88 10.37 -10.09
N ALA C 58 -40.65 11.63 -10.40
CA ALA C 58 -39.50 12.04 -11.21
C ALA C 58 -38.82 13.19 -10.47
N LEU C 59 -37.51 13.11 -10.34
CA LEU C 59 -36.78 14.16 -9.64
C LEU C 59 -35.55 14.60 -10.41
N ASP C 60 -35.27 15.90 -10.34
CA ASP C 60 -34.09 16.46 -11.00
C ASP C 60 -33.00 16.28 -9.95
N LEU C 61 -32.11 15.32 -10.17
CA LEU C 61 -31.02 15.06 -9.22
C LEU C 61 -29.65 15.43 -9.76
N LYS C 62 -29.61 16.15 -10.87
CA LYS C 62 -28.32 16.52 -11.46
C LYS C 62 -27.34 17.16 -10.47
N GLU C 63 -27.77 18.18 -9.73
CA GLU C 63 -26.88 18.84 -8.79
C GLU C 63 -26.41 17.90 -7.67
N GLU C 64 -27.34 17.17 -7.05
CA GLU C 64 -26.96 16.27 -5.97
C GLU C 64 -25.95 15.24 -6.47
N PHE C 65 -26.19 14.73 -7.67
CA PHE C 65 -25.29 13.75 -8.28
C PHE C 65 -23.85 14.26 -8.38
N VAL C 66 -23.66 15.45 -8.94
CA VAL C 66 -22.32 16.00 -9.10
C VAL C 66 -21.69 16.49 -7.80
N ARG C 67 -22.47 17.20 -6.98
CA ARG C 67 -21.98 17.74 -5.72
C ARG C 67 -21.65 16.67 -4.67
N ASP C 68 -22.59 15.75 -4.45
CA ASP C 68 -22.42 14.71 -3.45
C ASP C 68 -21.82 13.37 -3.88
N PHE C 69 -21.71 13.11 -5.18
CA PHE C 69 -21.15 11.85 -5.62
C PHE C 69 -19.94 11.97 -6.55
N VAL C 70 -20.10 12.71 -7.65
CA VAL C 70 -19.00 12.88 -8.59
C VAL C 70 -17.81 13.64 -8.01
N PHE C 71 -18.07 14.80 -7.42
CA PHE C 71 -16.99 15.61 -6.84
C PHE C 71 -16.15 14.88 -5.79
N PRO C 72 -16.79 14.24 -4.79
CA PRO C 72 -16.04 13.51 -3.76
C PRO C 72 -15.15 12.44 -4.38
N MET C 73 -15.65 11.80 -5.43
CA MET C 73 -14.91 10.77 -6.12
C MET C 73 -13.72 11.32 -6.88
N MET C 74 -13.94 12.41 -7.61
CA MET C 74 -12.87 13.04 -8.37
C MET C 74 -11.81 13.58 -7.40
N ARG C 75 -12.28 14.04 -6.25
CA ARG C 75 -11.43 14.59 -5.20
C ARG C 75 -10.37 13.53 -4.83
N ALA C 76 -10.74 12.27 -4.97
CA ALA C 76 -9.86 11.14 -4.65
C ALA C 76 -9.03 10.66 -5.84
N GLY C 77 -9.24 11.25 -7.01
CA GLY C 77 -8.49 10.83 -8.18
C GLY C 77 -8.79 9.39 -8.57
N ALA C 78 -9.99 8.94 -8.26
CA ALA C 78 -10.41 7.57 -8.54
C ALA C 78 -10.43 7.16 -10.01
N VAL C 79 -9.68 6.10 -10.32
CA VAL C 79 -9.63 5.53 -11.68
C VAL C 79 -9.56 4.01 -11.57
N TYR C 80 -10.54 3.33 -12.14
CA TYR C 80 -10.57 1.87 -12.09
C TYR C 80 -9.76 1.23 -13.23
N GLU C 81 -8.85 0.35 -12.83
CA GLU C 81 -7.99 -0.38 -13.74
C GLU C 81 -7.36 0.47 -14.84
N GLY C 82 -6.80 1.61 -14.42
CA GLY C 82 -6.11 2.49 -15.33
C GLY C 82 -6.86 3.42 -16.27
N TYR C 83 -8.15 3.21 -16.48
CA TYR C 83 -8.85 4.08 -17.42
C TYR C 83 -10.29 4.46 -17.09
N TYR C 84 -11.02 3.55 -16.47
CA TYR C 84 -12.42 3.80 -16.15
C TYR C 84 -12.65 4.88 -15.09
N LEU C 85 -13.26 5.98 -15.50
CA LEU C 85 -13.54 7.09 -14.60
C LEU C 85 -14.83 6.93 -13.78
N LEU C 86 -15.37 5.71 -13.77
CA LEU C 86 -16.53 5.34 -12.95
C LEU C 86 -17.89 6.02 -13.19
N GLY C 87 -18.16 6.43 -14.43
CA GLY C 87 -19.41 7.09 -14.75
C GLY C 87 -20.69 6.46 -14.26
N THR C 88 -20.88 5.17 -14.55
CA THR C 88 -22.09 4.47 -14.12
C THR C 88 -21.99 4.11 -12.64
N SER C 89 -20.79 3.70 -12.23
CA SER C 89 -20.54 3.30 -10.85
C SER C 89 -21.04 4.28 -9.79
N ILE C 90 -20.63 5.55 -9.84
CA ILE C 90 -21.09 6.49 -8.81
C ILE C 90 -22.52 6.96 -8.90
N ALA C 91 -23.19 6.69 -10.01
CA ALA C 91 -24.58 7.12 -10.14
C ALA C 91 -25.54 6.20 -9.40
N ARG C 92 -25.20 4.92 -9.32
CA ARG C 92 -26.07 3.94 -8.68
C ARG C 92 -26.40 4.17 -7.21
N PRO C 93 -25.39 4.57 -6.41
CA PRO C 93 -25.69 4.81 -4.99
C PRO C 93 -26.73 5.91 -4.80
N LEU C 94 -26.67 6.92 -5.66
CA LEU C 94 -27.61 8.04 -5.59
C LEU C 94 -29.04 7.54 -5.81
N ILE C 95 -29.21 6.71 -6.82
CA ILE C 95 -30.53 6.17 -7.15
C ILE C 95 -31.09 5.32 -6.00
N ALA C 96 -30.30 4.37 -5.52
CA ALA C 96 -30.75 3.50 -4.43
C ALA C 96 -31.09 4.28 -3.16
N LYS C 97 -30.36 5.37 -2.94
CA LYS C 97 -30.60 6.23 -1.78
C LYS C 97 -32.03 6.73 -1.81
N HIS C 98 -32.44 7.29 -2.95
CA HIS C 98 -33.80 7.79 -3.06
C HIS C 98 -34.84 6.68 -3.01
N LEU C 99 -34.53 5.54 -3.63
CA LEU C 99 -35.46 4.41 -3.63
C LEU C 99 -35.84 4.08 -2.19
N VAL C 100 -34.83 3.94 -1.35
CA VAL C 100 -35.03 3.63 0.06
C VAL C 100 -35.74 4.74 0.81
N ARG C 101 -35.46 5.99 0.44
CA ARG C 101 -36.09 7.14 1.08
C ARG C 101 -37.59 7.11 0.72
N ILE C 102 -37.88 6.97 -0.56
CA ILE C 102 -39.24 6.93 -1.05
C ILE C 102 -40.00 5.74 -0.48
N ALA C 103 -39.29 4.63 -0.25
CA ALA C 103 -39.93 3.45 0.32
C ALA C 103 -40.34 3.73 1.77
N GLU C 104 -39.52 4.50 2.48
CA GLU C 104 -39.86 4.82 3.86
C GLU C 104 -41.03 5.81 3.87
N GLU C 105 -41.06 6.73 2.89
CA GLU C 105 -42.12 7.73 2.81
C GLU C 105 -43.46 7.16 2.34
N GLU C 106 -43.41 6.06 1.59
CA GLU C 106 -44.63 5.46 1.06
C GLU C 106 -45.05 4.22 1.86
N GLY C 107 -44.35 3.96 2.95
CA GLY C 107 -44.70 2.80 3.75
C GLY C 107 -44.49 1.52 2.96
N ALA C 108 -43.64 1.59 1.95
CA ALA C 108 -43.33 0.45 1.09
C ALA C 108 -42.33 -0.49 1.75
N GLU C 109 -42.56 -1.79 1.55
CA GLU C 109 -41.75 -2.86 2.12
C GLU C 109 -40.57 -3.24 1.23
N ALA C 110 -40.74 -3.10 -0.07
CA ALA C 110 -39.66 -3.47 -0.99
C ALA C 110 -39.35 -2.45 -2.08
N ILE C 111 -38.16 -2.62 -2.65
CA ILE C 111 -37.70 -1.78 -3.74
C ILE C 111 -37.26 -2.75 -4.84
N ALA C 112 -37.22 -2.28 -6.08
CA ALA C 112 -36.80 -3.13 -7.17
C ALA C 112 -36.02 -2.36 -8.21
N HIS C 113 -35.13 -3.07 -8.91
CA HIS C 113 -34.31 -2.49 -9.95
C HIS C 113 -34.20 -3.52 -11.06
N GLY C 114 -33.86 -3.06 -12.27
CA GLY C 114 -33.76 -3.97 -13.38
C GLY C 114 -32.34 -4.27 -13.84
N ALA C 115 -31.40 -4.31 -12.89
CA ALA C 115 -30.02 -4.64 -13.23
C ALA C 115 -30.04 -6.17 -13.32
N THR C 116 -29.23 -6.76 -14.19
CA THR C 116 -29.23 -8.21 -14.31
C THR C 116 -28.36 -8.91 -13.27
N GLY C 117 -28.42 -10.24 -13.26
CA GLY C 117 -27.62 -11.00 -12.31
C GLY C 117 -26.20 -11.23 -12.77
N LYS C 118 -25.85 -10.68 -13.92
CA LYS C 118 -24.50 -10.84 -14.47
C LYS C 118 -23.57 -9.66 -14.24
N GLY C 119 -24.11 -8.52 -13.81
CA GLY C 119 -23.28 -7.35 -13.65
C GLY C 119 -22.98 -6.77 -12.28
N ASN C 120 -22.39 -5.59 -12.29
CA ASN C 120 -22.04 -4.88 -11.08
C ASN C 120 -23.18 -4.05 -10.52
N ASP C 121 -24.02 -3.50 -11.40
CA ASP C 121 -25.12 -2.65 -10.94
C ASP C 121 -26.00 -3.25 -9.87
N GLN C 122 -26.31 -4.53 -9.99
CA GLN C 122 -27.14 -5.19 -8.98
C GLN C 122 -26.47 -5.06 -7.61
N VAL C 123 -25.15 -5.23 -7.56
CA VAL C 123 -24.43 -5.14 -6.30
C VAL C 123 -24.50 -3.72 -5.75
N ARG C 124 -24.24 -2.74 -6.61
CA ARG C 124 -24.26 -1.33 -6.20
C ARG C 124 -25.61 -0.93 -5.61
N PHE C 125 -26.69 -1.31 -6.30
CA PHE C 125 -28.04 -1.01 -5.83
C PHE C 125 -28.32 -1.65 -4.48
N GLU C 126 -28.09 -2.96 -4.41
CA GLU C 126 -28.38 -3.70 -3.21
C GLU C 126 -27.49 -3.43 -2.00
N LEU C 127 -26.19 -3.23 -2.22
CA LEU C 127 -25.29 -2.91 -1.12
C LEU C 127 -25.72 -1.55 -0.54
N THR C 128 -26.09 -0.63 -1.42
CA THR C 128 -26.52 0.69 -0.98
C THR C 128 -27.79 0.60 -0.15
N ALA C 129 -28.80 -0.09 -0.67
CA ALA C 129 -30.07 -0.25 0.04
C ALA C 129 -29.91 -0.92 1.41
N TYR C 130 -29.16 -2.02 1.47
CA TYR C 130 -28.95 -2.75 2.72
C TYR C 130 -28.17 -1.92 3.74
N ALA C 131 -27.20 -1.16 3.25
CA ALA C 131 -26.41 -0.31 4.12
C ALA C 131 -27.26 0.81 4.71
N LEU C 132 -28.22 1.30 3.92
CA LEU C 132 -29.09 2.38 4.38
C LEU C 132 -30.30 1.93 5.20
N LYS C 133 -30.87 0.79 4.83
CA LYS C 133 -32.03 0.23 5.54
C LYS C 133 -31.86 -1.29 5.53
N PRO C 134 -31.15 -1.83 6.53
CA PRO C 134 -30.89 -3.27 6.63
C PRO C 134 -32.14 -4.16 6.59
N ASP C 135 -33.29 -3.60 6.94
CA ASP C 135 -34.56 -4.33 6.94
C ASP C 135 -35.21 -4.39 5.55
N ILE C 136 -34.77 -3.52 4.66
CA ILE C 136 -35.33 -3.44 3.32
C ILE C 136 -35.42 -4.76 2.57
N LYS C 137 -36.51 -4.91 1.82
CA LYS C 137 -36.72 -6.08 1.01
C LYS C 137 -36.38 -5.66 -0.42
N VAL C 138 -35.54 -6.45 -1.09
CA VAL C 138 -35.13 -6.15 -2.44
C VAL C 138 -35.62 -7.20 -3.42
N ILE C 139 -36.01 -6.73 -4.60
CA ILE C 139 -36.50 -7.63 -5.65
C ILE C 139 -35.80 -7.29 -6.94
N ALA C 140 -35.11 -8.29 -7.49
CA ALA C 140 -34.39 -8.15 -8.74
C ALA C 140 -35.03 -9.11 -9.74
N PRO C 141 -36.05 -8.63 -10.48
CA PRO C 141 -36.74 -9.46 -11.47
C PRO C 141 -35.85 -10.29 -12.39
N TRP C 142 -34.75 -9.71 -12.87
CA TRP C 142 -33.88 -10.46 -13.75
C TRP C 142 -33.40 -11.75 -13.12
N ARG C 143 -33.33 -11.77 -11.79
CA ARG C 143 -32.89 -12.96 -11.08
C ARG C 143 -34.06 -13.84 -10.66
N GLU C 144 -35.28 -13.31 -10.72
CA GLU C 144 -36.48 -14.02 -10.29
C GLU C 144 -37.43 -14.53 -11.37
N TRP C 145 -37.46 -13.88 -12.53
CA TRP C 145 -38.40 -14.32 -13.56
C TRP C 145 -37.97 -15.49 -14.42
N SER C 146 -38.93 -16.03 -15.17
CA SER C 146 -38.70 -17.20 -16.01
C SER C 146 -38.35 -16.93 -17.46
N PHE C 147 -38.41 -15.67 -17.88
CA PHE C 147 -38.11 -15.32 -19.26
C PHE C 147 -36.75 -15.82 -19.75
N GLN C 148 -36.72 -16.31 -20.99
CA GLN C 148 -35.49 -16.79 -21.61
C GLN C 148 -35.40 -16.20 -23.01
N GLY C 149 -34.68 -15.10 -23.17
CA GLY C 149 -34.54 -14.50 -24.49
C GLY C 149 -35.29 -13.20 -24.69
N ARG C 150 -34.93 -12.45 -25.72
CA ARG C 150 -35.59 -11.18 -26.01
C ARG C 150 -36.95 -11.47 -26.61
N LYS C 151 -36.97 -12.45 -27.50
CA LYS C 151 -38.20 -12.87 -28.17
C LYS C 151 -39.31 -13.01 -27.12
N GLU C 152 -39.03 -13.82 -26.09
CA GLU C 152 -39.99 -14.06 -25.03
C GLU C 152 -40.44 -12.80 -24.32
N MET C 153 -39.48 -11.98 -23.92
CA MET C 153 -39.81 -10.74 -23.23
C MET C 153 -40.62 -9.86 -24.16
N ILE C 154 -40.21 -9.82 -25.43
CA ILE C 154 -40.88 -9.01 -26.44
C ILE C 154 -42.38 -9.31 -26.51
N ALA C 155 -42.73 -10.58 -26.66
CA ALA C 155 -44.13 -10.99 -26.74
C ALA C 155 -44.87 -10.65 -25.46
N TYR C 156 -44.28 -10.98 -24.31
CA TYR C 156 -44.90 -10.71 -23.02
C TYR C 156 -45.28 -9.23 -22.95
N ALA C 157 -44.42 -8.37 -23.48
CA ALA C 157 -44.65 -6.93 -23.49
C ALA C 157 -45.85 -6.59 -24.37
N GLU C 158 -45.76 -6.95 -25.65
CA GLU C 158 -46.88 -6.69 -26.57
C GLU C 158 -48.14 -7.12 -25.85
N ALA C 159 -48.21 -8.42 -25.51
CA ALA C 159 -49.34 -8.97 -24.81
C ALA C 159 -49.98 -7.96 -23.86
N HIS C 160 -49.43 -7.83 -22.65
CA HIS C 160 -49.94 -6.88 -21.67
C HIS C 160 -50.18 -5.49 -22.26
N GLY C 161 -49.41 -5.14 -23.28
CA GLY C 161 -49.54 -3.84 -23.90
C GLY C 161 -48.43 -2.88 -23.50
N ILE C 162 -47.32 -2.92 -24.23
CA ILE C 162 -46.18 -2.06 -23.94
C ILE C 162 -45.46 -1.80 -25.25
N PRO C 163 -45.33 -0.52 -25.65
CA PRO C 163 -44.65 -0.22 -26.89
C PRO C 163 -43.45 -1.13 -27.05
N VAL C 164 -43.16 -1.52 -28.29
CA VAL C 164 -42.02 -2.39 -28.54
C VAL C 164 -41.24 -1.86 -29.72
N PRO C 165 -39.91 -1.80 -29.58
CA PRO C 165 -38.98 -1.31 -30.61
C PRO C 165 -39.15 -2.05 -31.95
N PRO C 171 -27.81 -3.44 -30.56
CA PRO C 171 -26.44 -3.79 -31.01
C PRO C 171 -25.44 -3.67 -29.84
N TYR C 172 -25.89 -3.05 -28.76
CA TYR C 172 -25.10 -2.85 -27.54
C TYR C 172 -25.97 -2.14 -26.51
N SER C 173 -25.57 -2.19 -25.24
CA SER C 173 -26.33 -1.56 -24.18
C SER C 173 -25.68 -0.23 -23.75
N MET C 174 -26.50 0.78 -23.51
CA MET C 174 -26.01 2.10 -23.11
C MET C 174 -26.50 2.59 -21.74
N ASP C 175 -25.64 3.35 -21.07
CA ASP C 175 -26.01 3.96 -19.80
C ASP C 175 -25.46 5.38 -19.85
N ALA C 176 -26.35 6.36 -19.81
CA ALA C 176 -25.96 7.75 -19.88
C ALA C 176 -26.37 8.62 -18.69
N ASN C 177 -25.45 9.49 -18.28
CA ASN C 177 -25.70 10.44 -17.22
C ASN C 177 -24.76 11.62 -17.45
N LEU C 178 -24.83 12.63 -16.58
CA LEU C 178 -23.98 13.81 -16.73
C LEU C 178 -22.48 13.53 -16.82
N LEU C 179 -22.02 12.45 -16.20
CA LEU C 179 -20.60 12.14 -16.22
C LEU C 179 -20.11 11.43 -17.47
N HIS C 180 -20.91 10.50 -18.01
CA HIS C 180 -20.45 9.77 -19.20
C HIS C 180 -21.56 8.99 -19.90
N ILE C 181 -21.14 8.25 -20.91
CA ILE C 181 -22.03 7.35 -21.63
C ILE C 181 -21.21 6.08 -21.79
N SER C 182 -21.79 4.99 -21.33
CA SER C 182 -21.17 3.69 -21.38
C SER C 182 -21.77 2.82 -22.49
N TYR C 183 -20.92 2.04 -23.15
CA TYR C 183 -21.35 1.13 -24.21
C TYR C 183 -20.73 -0.25 -24.00
N GLU C 184 -21.55 -1.30 -23.98
CA GLU C 184 -21.03 -2.65 -23.83
C GLU C 184 -22.07 -3.67 -24.26
N GLY C 185 -21.60 -4.87 -24.62
CA GLY C 185 -22.50 -5.91 -25.07
C GLY C 185 -22.61 -5.94 -26.59
N GLY C 186 -23.33 -6.92 -27.12
CA GLY C 186 -23.49 -7.03 -28.56
C GLY C 186 -22.18 -7.08 -29.33
N VAL C 187 -22.07 -6.22 -30.33
CA VAL C 187 -20.89 -6.16 -31.17
C VAL C 187 -19.62 -5.83 -30.40
N LEU C 188 -19.79 -5.23 -29.23
CA LEU C 188 -18.66 -4.85 -28.38
C LEU C 188 -18.06 -6.03 -27.62
N GLU C 189 -18.77 -7.16 -27.60
CA GLU C 189 -18.30 -8.33 -26.86
C GLU C 189 -17.02 -8.98 -27.39
N ASP C 190 -16.65 -8.67 -28.62
CA ASP C 190 -15.42 -9.22 -29.17
C ASP C 190 -14.32 -8.21 -28.89
N PRO C 191 -13.36 -8.56 -28.01
CA PRO C 191 -12.25 -7.66 -27.65
C PRO C 191 -11.32 -7.27 -28.80
N TRP C 192 -11.40 -7.98 -29.92
CA TRP C 192 -10.55 -7.67 -31.05
C TRP C 192 -11.26 -6.76 -32.06
N ALA C 193 -12.56 -6.59 -31.87
CA ALA C 193 -13.38 -5.77 -32.75
C ALA C 193 -13.47 -4.29 -32.33
N GLU C 194 -13.01 -3.40 -33.22
CA GLU C 194 -13.06 -1.96 -32.95
C GLU C 194 -14.51 -1.53 -32.80
N PRO C 195 -14.79 -0.52 -31.98
CA PRO C 195 -16.19 -0.09 -31.84
C PRO C 195 -16.71 0.37 -33.20
N PRO C 196 -18.01 0.20 -33.47
CA PRO C 196 -18.59 0.61 -34.74
C PRO C 196 -18.63 2.13 -34.92
N LYS C 197 -18.34 2.58 -36.14
CA LYS C 197 -18.35 3.99 -36.46
C LYS C 197 -19.73 4.54 -36.15
N GLY C 198 -19.77 5.76 -35.63
CA GLY C 198 -21.05 6.39 -35.31
C GLY C 198 -21.74 5.94 -34.05
N MET C 199 -21.06 5.20 -33.18
CA MET C 199 -21.63 4.73 -31.93
C MET C 199 -21.70 5.84 -30.88
N PHE C 200 -20.60 6.57 -30.73
CA PHE C 200 -20.51 7.64 -29.74
C PHE C 200 -21.56 8.71 -29.91
N ARG C 201 -22.05 9.22 -28.79
CA ARG C 201 -23.10 10.23 -28.82
C ARG C 201 -22.71 11.55 -28.17
N MET C 202 -22.03 11.48 -27.03
CA MET C 202 -21.62 12.66 -26.28
C MET C 202 -20.37 13.31 -26.87
N THR C 203 -19.56 12.54 -27.57
CA THR C 203 -18.36 13.12 -28.15
C THR C 203 -18.27 13.07 -29.66
N GLN C 204 -17.92 14.21 -30.22
CA GLN C 204 -17.72 14.37 -31.65
C GLN C 204 -16.52 13.51 -32.02
N ASP C 205 -16.55 12.93 -33.20
CA ASP C 205 -15.44 12.10 -33.64
C ASP C 205 -14.15 12.90 -33.78
N PRO C 206 -13.04 12.39 -33.24
CA PRO C 206 -11.76 13.09 -33.33
C PRO C 206 -11.44 13.60 -34.73
N GLU C 207 -11.68 12.74 -35.73
CA GLU C 207 -11.41 13.08 -37.12
C GLU C 207 -12.34 14.16 -37.65
N GLU C 208 -13.40 14.45 -36.91
CA GLU C 208 -14.37 15.47 -37.28
C GLU C 208 -14.30 16.66 -36.35
N ALA C 209 -13.31 16.66 -35.46
CA ALA C 209 -13.16 17.75 -34.48
C ALA C 209 -12.49 18.97 -35.14
N PRO C 210 -12.72 20.17 -34.59
CA PRO C 210 -12.14 21.40 -35.12
C PRO C 210 -10.69 21.26 -35.53
N ASP C 211 -10.28 22.01 -36.56
CA ASP C 211 -8.90 21.96 -37.03
C ASP C 211 -8.08 22.94 -36.17
N ALA C 212 -8.78 23.79 -35.43
CA ALA C 212 -8.09 24.74 -34.56
C ALA C 212 -8.18 24.27 -33.11
N PRO C 213 -7.05 24.26 -32.39
CA PRO C 213 -7.09 23.81 -31.00
C PRO C 213 -7.87 24.86 -30.19
N GLU C 214 -8.39 24.45 -29.03
CA GLU C 214 -9.15 25.34 -28.17
C GLU C 214 -8.60 25.29 -26.76
N TYR C 215 -8.36 26.44 -26.16
CA TYR C 215 -7.85 26.51 -24.79
C TYR C 215 -9.00 26.69 -23.84
N VAL C 216 -8.88 26.09 -22.66
CA VAL C 216 -9.90 26.21 -21.64
C VAL C 216 -9.22 26.26 -20.28
N GLU C 217 -9.77 27.05 -19.36
CA GLU C 217 -9.22 27.17 -18.02
C GLU C 217 -10.25 26.72 -16.99
N VAL C 218 -9.81 25.94 -16.00
CA VAL C 218 -10.70 25.46 -14.96
C VAL C 218 -10.13 25.89 -13.61
N GLU C 219 -10.97 26.54 -12.81
CA GLU C 219 -10.57 27.01 -11.48
C GLU C 219 -11.03 26.02 -10.42
N PHE C 220 -10.14 25.70 -9.49
CA PHE C 220 -10.46 24.79 -8.39
C PHE C 220 -10.38 25.57 -7.08
N PHE C 221 -11.27 25.27 -6.16
CA PHE C 221 -11.25 25.90 -4.85
C PHE C 221 -11.41 24.81 -3.81
N GLU C 222 -10.38 24.62 -3.02
CA GLU C 222 -10.39 23.61 -1.97
C GLU C 222 -10.84 22.24 -2.46
N GLY C 223 -10.27 21.80 -3.58
CA GLY C 223 -10.57 20.49 -4.11
C GLY C 223 -11.67 20.32 -5.15
N ASP C 224 -12.56 21.29 -5.32
CA ASP C 224 -13.65 21.18 -6.29
C ASP C 224 -13.62 22.25 -7.38
N PRO C 225 -14.06 21.89 -8.61
CA PRO C 225 -14.09 22.81 -9.76
C PRO C 225 -15.20 23.84 -9.48
N VAL C 226 -14.90 25.12 -9.63
CA VAL C 226 -15.91 26.14 -9.35
C VAL C 226 -16.17 27.11 -10.49
N ALA C 227 -15.36 27.06 -11.54
CA ALA C 227 -15.53 27.95 -12.68
C ALA C 227 -14.83 27.46 -13.93
N VAL C 228 -15.31 27.88 -15.09
CA VAL C 228 -14.72 27.51 -16.38
C VAL C 228 -14.52 28.79 -17.18
N ASN C 229 -13.31 28.99 -17.68
CA ASN C 229 -12.98 30.17 -18.45
C ASN C 229 -13.41 31.43 -17.72
N GLY C 230 -13.21 31.44 -16.41
CA GLY C 230 -13.56 32.61 -15.62
C GLY C 230 -14.99 32.75 -15.16
N GLU C 231 -15.88 31.87 -15.58
CA GLU C 231 -17.27 31.96 -15.18
C GLU C 231 -17.61 30.95 -14.09
N ARG C 232 -18.12 31.43 -12.96
CA ARG C 232 -18.50 30.55 -11.86
C ARG C 232 -19.73 29.75 -12.28
N LEU C 233 -19.66 28.43 -12.09
CA LEU C 233 -20.75 27.54 -12.45
C LEU C 233 -21.00 26.51 -11.35
N SER C 234 -22.28 26.20 -11.10
CA SER C 234 -22.66 25.22 -10.10
C SER C 234 -22.09 23.87 -10.56
N PRO C 235 -22.00 22.90 -9.65
CA PRO C 235 -21.47 21.57 -9.99
C PRO C 235 -22.02 20.97 -11.29
N ALA C 236 -23.34 20.82 -11.38
CA ALA C 236 -23.96 20.25 -12.57
C ALA C 236 -23.74 21.11 -13.81
N ALA C 237 -23.90 22.42 -13.67
CA ALA C 237 -23.72 23.31 -14.80
C ALA C 237 -22.25 23.27 -15.26
N LEU C 238 -21.32 23.10 -14.33
CA LEU C 238 -19.90 23.06 -14.67
C LEU C 238 -19.55 21.79 -15.44
N LEU C 239 -20.06 20.65 -14.97
CA LEU C 239 -19.80 19.39 -15.66
C LEU C 239 -20.45 19.47 -17.06
N GLN C 240 -21.63 20.08 -17.11
CA GLN C 240 -22.36 20.23 -18.37
C GLN C 240 -21.51 21.03 -19.35
N ARG C 241 -21.03 22.19 -18.89
CA ARG C 241 -20.20 23.05 -19.73
C ARG C 241 -18.95 22.34 -20.25
N LEU C 242 -18.23 21.64 -19.37
CA LEU C 242 -17.03 20.94 -19.81
C LEU C 242 -17.35 19.79 -20.76
N ASN C 243 -18.55 19.21 -20.64
CA ASN C 243 -18.94 18.13 -21.54
C ASN C 243 -19.09 18.73 -22.94
N GLU C 244 -19.72 19.89 -23.01
CA GLU C 244 -19.91 20.60 -24.28
C GLU C 244 -18.58 20.96 -24.94
N ILE C 245 -17.70 21.62 -24.19
CA ILE C 245 -16.40 22.00 -24.74
C ILE C 245 -15.57 20.78 -25.12
N GLY C 246 -15.45 19.83 -24.20
CA GLY C 246 -14.69 18.64 -24.49
C GLY C 246 -15.31 17.77 -25.57
N GLY C 247 -16.63 17.64 -25.54
CA GLY C 247 -17.31 16.81 -26.53
C GLY C 247 -17.04 17.22 -27.98
N ARG C 248 -17.11 18.51 -28.25
CA ARG C 248 -16.88 19.02 -29.60
C ARG C 248 -15.50 18.64 -30.11
N HIS C 249 -14.56 18.38 -29.21
CA HIS C 249 -13.20 18.02 -29.62
C HIS C 249 -12.91 16.51 -29.56
N GLY C 250 -13.91 15.72 -29.15
CA GLY C 250 -13.73 14.27 -29.11
C GLY C 250 -12.92 13.73 -27.93
N VAL C 251 -12.82 14.53 -26.88
CA VAL C 251 -12.06 14.17 -25.69
C VAL C 251 -12.73 13.14 -24.76
N GLY C 252 -11.91 12.33 -24.09
CA GLY C 252 -12.41 11.37 -23.14
C GLY C 252 -12.89 9.98 -23.55
N ARG C 253 -12.37 9.43 -24.63
CA ARG C 253 -12.79 8.11 -25.08
C ARG C 253 -11.84 7.05 -24.54
N VAL C 254 -12.43 6.00 -23.97
CA VAL C 254 -11.69 4.88 -23.39
C VAL C 254 -12.32 3.58 -23.87
N ASP C 255 -11.48 2.59 -24.17
CA ASP C 255 -11.91 1.27 -24.64
C ASP C 255 -11.15 0.22 -23.84
N ILE C 256 -11.84 -0.47 -22.93
CA ILE C 256 -11.17 -1.47 -22.10
C ILE C 256 -11.93 -2.77 -21.83
N VAL C 257 -11.16 -3.78 -21.41
CA VAL C 257 -11.72 -5.07 -21.00
C VAL C 257 -11.45 -5.00 -19.51
N GLU C 258 -12.53 -4.83 -18.73
CA GLU C 258 -12.45 -4.69 -17.29
C GLU C 258 -12.86 -5.95 -16.54
N ASN C 259 -12.50 -6.00 -15.26
CA ASN C 259 -12.84 -7.13 -14.41
C ASN C 259 -14.05 -6.76 -13.57
N ARG C 260 -15.17 -7.45 -13.80
CA ARG C 260 -16.37 -7.17 -13.01
C ARG C 260 -16.21 -7.75 -11.61
N PHE C 261 -16.95 -7.20 -10.66
CA PHE C 261 -16.90 -7.65 -9.28
C PHE C 261 -17.35 -9.10 -9.14
N VAL C 262 -18.37 -9.48 -9.90
CA VAL C 262 -18.87 -10.85 -9.83
C VAL C 262 -17.99 -11.91 -10.51
N GLY C 263 -16.79 -11.53 -10.92
CA GLY C 263 -15.88 -12.51 -11.50
C GLY C 263 -15.46 -12.57 -12.95
N MET C 264 -16.25 -12.09 -13.90
CA MET C 264 -15.83 -12.19 -15.30
C MET C 264 -15.34 -10.90 -15.94
N LYS C 265 -14.57 -11.04 -17.02
CA LYS C 265 -14.06 -9.88 -17.74
C LYS C 265 -15.16 -9.41 -18.70
N SER C 266 -15.17 -8.10 -18.96
CA SER C 266 -16.18 -7.49 -19.82
C SER C 266 -15.56 -6.36 -20.66
N ARG C 267 -15.96 -6.26 -21.93
CA ARG C 267 -15.44 -5.22 -22.81
C ARG C 267 -16.34 -4.00 -22.75
N GLY C 268 -15.81 -2.89 -22.24
CA GLY C 268 -16.60 -1.68 -22.14
C GLY C 268 -15.97 -0.49 -22.83
N VAL C 269 -16.81 0.39 -23.37
CA VAL C 269 -16.37 1.60 -24.06
C VAL C 269 -17.02 2.77 -23.35
N TYR C 270 -16.23 3.80 -23.06
CA TYR C 270 -16.75 4.96 -22.35
C TYR C 270 -16.27 6.28 -22.90
N GLU C 271 -17.16 7.27 -22.89
CA GLU C 271 -16.81 8.61 -23.32
C GLU C 271 -17.14 9.52 -22.14
N THR C 272 -16.10 10.18 -21.62
CA THR C 272 -16.25 11.06 -20.45
C THR C 272 -15.50 12.36 -20.72
N PRO C 273 -16.01 13.19 -21.64
CA PRO C 273 -15.39 14.47 -22.01
C PRO C 273 -15.10 15.43 -20.85
N GLY C 274 -16.15 15.88 -20.18
CA GLY C 274 -15.98 16.80 -19.06
C GLY C 274 -15.11 16.22 -17.95
N GLY C 275 -15.43 15.00 -17.54
CA GLY C 275 -14.67 14.36 -16.48
C GLY C 275 -13.20 14.17 -16.81
N THR C 276 -12.89 13.90 -18.08
CA THR C 276 -11.51 13.72 -18.48
C THR C 276 -10.76 15.05 -18.40
N ILE C 277 -11.40 16.14 -18.83
CA ILE C 277 -10.76 17.43 -18.73
C ILE C 277 -10.49 17.71 -17.25
N LEU C 278 -11.49 17.42 -16.42
CA LEU C 278 -11.39 17.63 -14.97
C LEU C 278 -10.30 16.81 -14.30
N TYR C 279 -10.04 15.60 -14.81
CA TYR C 279 -9.01 14.74 -14.24
C TYR C 279 -7.63 15.39 -14.41
N HIS C 280 -7.34 15.84 -15.63
CA HIS C 280 -6.07 16.47 -15.92
C HIS C 280 -5.95 17.87 -15.33
N ALA C 281 -7.07 18.58 -15.22
CA ALA C 281 -7.04 19.93 -14.67
C ALA C 281 -6.70 19.81 -13.19
N ARG C 282 -7.34 18.87 -12.50
CA ARG C 282 -7.08 18.64 -11.08
C ARG C 282 -5.61 18.32 -10.83
N ARG C 283 -5.07 17.33 -11.55
CA ARG C 283 -3.67 16.97 -11.34
C ARG C 283 -2.74 18.14 -11.61
N ALA C 284 -3.13 19.01 -12.55
CA ALA C 284 -2.32 20.20 -12.88
C ALA C 284 -2.27 21.16 -11.69
N VAL C 285 -3.40 21.40 -11.05
CA VAL C 285 -3.44 22.31 -9.90
C VAL C 285 -2.72 21.64 -8.72
N GLU C 286 -2.84 20.31 -8.64
CA GLU C 286 -2.19 19.55 -7.58
C GLU C 286 -0.67 19.61 -7.70
N SER C 287 -0.19 19.73 -8.94
CA SER C 287 1.26 19.76 -9.16
C SER C 287 1.92 20.97 -8.51
N LEU C 288 1.12 21.97 -8.14
CA LEU C 288 1.67 23.16 -7.50
C LEU C 288 1.27 23.26 -6.04
N THR C 289 0.10 22.73 -5.71
CA THR C 289 -0.43 22.82 -4.36
C THR C 289 -0.25 21.66 -3.40
N LEU C 290 0.07 20.47 -3.92
CA LEU C 290 0.25 19.32 -3.03
C LEU C 290 1.72 19.02 -2.78
N ASP C 291 2.01 18.52 -1.58
CA ASP C 291 3.37 18.17 -1.21
C ASP C 291 3.76 16.83 -1.84
N ARG C 292 5.02 16.68 -2.17
CA ARG C 292 5.53 15.46 -2.80
C ARG C 292 5.09 14.17 -2.11
N GLU C 293 5.42 14.05 -0.83
CA GLU C 293 5.10 12.83 -0.11
C GLU C 293 3.59 12.61 0.07
N VAL C 294 2.83 13.69 0.20
CA VAL C 294 1.38 13.56 0.32
C VAL C 294 0.85 13.04 -1.02
N LEU C 295 1.36 13.61 -2.12
CA LEU C 295 0.93 13.19 -3.44
C LEU C 295 1.19 11.71 -3.68
N HIS C 296 2.44 11.28 -3.48
CA HIS C 296 2.82 9.89 -3.67
C HIS C 296 1.98 8.92 -2.85
N GLN C 297 1.62 9.31 -1.64
CA GLN C 297 0.80 8.45 -0.80
C GLN C 297 -0.62 8.39 -1.35
N ARG C 298 -1.17 9.55 -1.68
CA ARG C 298 -2.51 9.64 -2.23
C ARG C 298 -2.69 8.75 -3.46
N ASP C 299 -1.74 8.82 -4.39
CA ASP C 299 -1.83 8.03 -5.62
C ASP C 299 -1.80 6.53 -5.39
N MET C 300 -1.17 6.09 -4.32
CA MET C 300 -1.12 4.66 -4.05
C MET C 300 -2.43 4.17 -3.42
N LEU C 301 -3.26 5.11 -2.97
CA LEU C 301 -4.54 4.75 -2.36
C LEU C 301 -5.71 4.92 -3.34
N SER C 302 -5.55 5.82 -4.31
CA SER C 302 -6.58 6.07 -5.30
C SER C 302 -7.20 4.78 -5.88
N PRO C 303 -6.36 3.86 -6.37
CA PRO C 303 -6.83 2.60 -6.95
C PRO C 303 -7.74 1.81 -6.03
N LYS C 304 -7.45 1.81 -4.73
CA LYS C 304 -8.29 1.08 -3.79
C LYS C 304 -9.64 1.77 -3.69
N TYR C 305 -9.62 3.09 -3.61
CA TYR C 305 -10.87 3.86 -3.54
C TYR C 305 -11.66 3.57 -4.83
N ALA C 306 -10.96 3.47 -5.95
CA ALA C 306 -11.60 3.20 -7.22
C ALA C 306 -12.36 1.87 -7.22
N GLU C 307 -11.73 0.80 -6.75
CA GLU C 307 -12.44 -0.48 -6.73
C GLU C 307 -13.60 -0.47 -5.76
N LEU C 308 -13.49 0.33 -4.69
CA LEU C 308 -14.58 0.42 -3.73
C LEU C 308 -15.81 0.99 -4.43
N VAL C 309 -15.60 2.03 -5.21
CA VAL C 309 -16.69 2.65 -5.95
C VAL C 309 -17.24 1.68 -6.99
N TYR C 310 -16.33 1.06 -7.76
CA TYR C 310 -16.69 0.10 -8.78
C TYR C 310 -17.51 -1.06 -8.25
N TYR C 311 -17.07 -1.62 -7.13
CA TYR C 311 -17.75 -2.75 -6.50
C TYR C 311 -19.11 -2.39 -5.89
N GLY C 312 -19.28 -1.13 -5.52
CA GLY C 312 -20.55 -0.72 -4.94
C GLY C 312 -20.50 -0.35 -3.46
N PHE C 313 -19.31 -0.25 -2.90
CA PHE C 313 -19.17 0.10 -1.49
C PHE C 313 -19.03 1.61 -1.32
N TRP C 314 -20.11 2.33 -1.63
CA TRP C 314 -20.09 3.79 -1.50
C TRP C 314 -20.46 4.16 -0.08
N TYR C 315 -21.62 3.69 0.37
CA TYR C 315 -22.06 3.95 1.73
C TYR C 315 -21.52 2.81 2.59
N ALA C 316 -20.19 2.77 2.71
CA ALA C 316 -19.49 1.75 3.47
C ALA C 316 -18.38 2.45 4.27
N PRO C 317 -18.09 1.94 5.48
CA PRO C 317 -17.06 2.55 6.32
C PRO C 317 -15.66 2.71 5.70
N GLU C 318 -15.20 1.71 4.94
CA GLU C 318 -13.87 1.78 4.29
C GLU C 318 -13.78 2.99 3.37
N ARG C 319 -14.82 3.16 2.57
CA ARG C 319 -14.85 4.25 1.61
C ARG C 319 -14.91 5.60 2.32
N GLU C 320 -15.79 5.73 3.31
CA GLU C 320 -15.90 6.99 4.03
C GLU C 320 -14.61 7.33 4.78
N ALA C 321 -13.89 6.30 5.22
CA ALA C 321 -12.63 6.49 5.94
C ALA C 321 -11.59 7.06 4.98
N LEU C 322 -11.45 6.42 3.83
CA LEU C 322 -10.50 6.92 2.83
C LEU C 322 -10.91 8.32 2.39
N GLN C 323 -12.22 8.58 2.37
CA GLN C 323 -12.71 9.87 1.94
C GLN C 323 -12.17 10.98 2.87
N ALA C 324 -12.03 10.67 4.15
CA ALA C 324 -11.51 11.63 5.11
C ALA C 324 -10.07 12.00 4.73
N TYR C 325 -9.32 11.02 4.24
CA TYR C 325 -7.93 11.25 3.82
C TYR C 325 -7.93 12.13 2.58
N PHE C 326 -8.62 11.66 1.55
CA PHE C 326 -8.69 12.40 0.29
C PHE C 326 -9.24 13.82 0.47
N ASP C 327 -10.25 13.99 1.30
CA ASP C 327 -10.84 15.30 1.54
C ASP C 327 -9.84 16.25 2.20
N HIS C 328 -9.08 15.72 3.17
CA HIS C 328 -8.05 16.50 3.87
C HIS C 328 -7.04 17.01 2.84
N VAL C 329 -6.53 16.09 2.02
CA VAL C 329 -5.54 16.43 1.01
C VAL C 329 -6.09 17.41 -0.03
N ALA C 330 -7.31 17.16 -0.50
CA ALA C 330 -7.91 18.01 -1.54
C ALA C 330 -8.17 19.45 -1.15
N ARG C 331 -8.31 19.70 0.15
CA ARG C 331 -8.60 21.04 0.63
C ARG C 331 -7.54 22.06 0.18
N SER C 332 -6.34 21.57 -0.14
CA SER C 332 -5.23 22.42 -0.59
C SER C 332 -5.27 22.71 -2.09
N VAL C 333 -6.05 21.92 -2.82
CA VAL C 333 -6.13 22.10 -4.27
C VAL C 333 -6.96 23.32 -4.66
N THR C 334 -6.29 24.46 -4.73
CA THR C 334 -6.91 25.73 -5.09
C THR C 334 -6.00 26.41 -6.11
N GLY C 335 -6.56 26.72 -7.28
CA GLY C 335 -5.79 27.36 -8.32
C GLY C 335 -6.47 27.23 -9.67
N VAL C 336 -5.72 27.40 -10.74
CA VAL C 336 -6.27 27.33 -12.09
C VAL C 336 -5.41 26.52 -13.05
N ALA C 337 -6.06 25.70 -13.86
CA ALA C 337 -5.37 24.89 -14.86
C ALA C 337 -5.77 25.37 -16.26
N ARG C 338 -4.80 25.42 -17.16
CA ARG C 338 -5.06 25.83 -18.53
C ARG C 338 -4.76 24.63 -19.41
N LEU C 339 -5.75 24.19 -20.17
CA LEU C 339 -5.58 23.04 -21.04
C LEU C 339 -5.88 23.36 -22.49
N LYS C 340 -5.24 22.60 -23.38
CA LYS C 340 -5.40 22.75 -24.82
C LYS C 340 -6.12 21.51 -25.35
N LEU C 341 -7.26 21.72 -25.99
CA LEU C 341 -8.03 20.61 -26.55
C LEU C 341 -7.80 20.54 -28.06
N TYR C 342 -7.45 19.37 -28.54
CA TYR C 342 -7.21 19.17 -29.97
C TYR C 342 -7.43 17.73 -30.42
N LYS C 343 -8.43 17.56 -31.27
CA LYS C 343 -8.77 16.26 -31.84
C LYS C 343 -8.57 15.04 -30.93
N GLY C 344 -9.48 14.90 -29.97
CA GLY C 344 -9.45 13.77 -29.06
C GLY C 344 -8.52 13.81 -27.86
N ASN C 345 -7.55 14.73 -27.85
CA ASN C 345 -6.62 14.80 -26.73
C ASN C 345 -6.77 16.05 -25.85
N VAL C 346 -6.29 15.94 -24.62
CA VAL C 346 -6.32 17.05 -23.66
C VAL C 346 -4.88 17.28 -23.24
N TYR C 347 -4.37 18.48 -23.48
CA TYR C 347 -2.99 18.79 -23.11
C TYR C 347 -2.92 19.87 -22.04
N VAL C 348 -2.26 19.57 -20.92
CA VAL C 348 -2.08 20.58 -19.90
C VAL C 348 -1.01 21.49 -20.47
N VAL C 349 -1.25 22.79 -20.49
CA VAL C 349 -0.25 23.71 -21.01
C VAL C 349 0.14 24.76 -19.99
N GLY C 350 -0.64 24.85 -18.90
CA GLY C 350 -0.35 25.81 -17.87
C GLY C 350 -1.12 25.61 -16.58
N ARG C 351 -0.59 26.15 -15.50
CA ARG C 351 -1.22 26.04 -14.20
C ARG C 351 -0.65 27.10 -13.26
N LYS C 352 -1.48 27.57 -12.34
CA LYS C 352 -1.08 28.58 -11.37
C LYS C 352 -1.90 28.43 -10.10
N ALA C 353 -1.37 28.92 -8.99
CA ALA C 353 -2.08 28.84 -7.72
C ALA C 353 -1.61 29.92 -6.76
N PRO C 354 -2.54 30.50 -6.00
CA PRO C 354 -2.23 31.56 -5.04
C PRO C 354 -1.26 31.08 -3.97
N LYS C 355 -1.32 29.79 -3.62
CA LYS C 355 -0.42 29.21 -2.64
C LYS C 355 0.46 28.14 -3.28
N SER C 356 0.98 28.44 -4.47
CA SER C 356 1.85 27.51 -5.19
C SER C 356 3.10 27.21 -4.39
N LEU C 357 3.54 25.95 -4.42
CA LEU C 357 4.74 25.51 -3.72
C LEU C 357 5.95 25.55 -4.64
N TYR C 358 5.71 25.94 -5.88
CA TYR C 358 6.79 26.01 -6.86
C TYR C 358 7.54 27.32 -6.64
N ARG C 359 8.87 27.26 -6.70
CA ARG C 359 9.71 28.46 -6.55
C ARG C 359 10.74 28.42 -7.67
N GLN C 360 10.59 29.31 -8.64
CA GLN C 360 11.53 29.35 -9.77
C GLN C 360 12.99 29.49 -9.31
N ASP C 361 13.17 30.22 -8.22
CA ASP C 361 14.49 30.47 -7.66
C ASP C 361 15.23 29.22 -7.17
N LEU C 362 14.50 28.16 -6.86
CA LEU C 362 15.15 26.94 -6.40
C LEU C 362 15.67 26.14 -7.59
N VAL C 363 15.21 26.47 -8.79
CA VAL C 363 15.64 25.75 -9.99
C VAL C 363 16.55 26.55 -10.94
N SER C 364 16.35 27.86 -11.00
CA SER C 364 17.16 28.69 -11.90
C SER C 364 18.61 28.79 -11.42
N PHE C 365 19.51 29.12 -12.33
CA PHE C 365 20.91 29.28 -11.98
C PHE C 365 21.28 30.75 -11.87
N GLY C 370 17.74 28.79 0.65
CA GLY C 370 17.34 27.44 1.14
C GLY C 370 18.11 26.36 0.42
N TYR C 371 18.74 26.71 -0.69
CA TYR C 371 19.50 25.72 -1.46
C TYR C 371 20.98 25.90 -1.68
N ASP C 372 21.76 24.97 -1.14
CA ASP C 372 23.19 24.99 -1.31
C ASP C 372 23.64 23.67 -1.95
N GLN C 373 24.25 23.79 -3.13
CA GLN C 373 24.74 22.66 -3.92
C GLN C 373 25.46 21.60 -3.10
N LYS C 374 26.30 22.01 -2.17
CA LYS C 374 27.04 21.03 -1.39
C LYS C 374 26.23 20.24 -0.38
N ASP C 375 25.02 20.71 -0.07
CA ASP C 375 24.18 19.96 0.86
C ASP C 375 23.80 18.65 0.18
N ALA C 376 23.78 18.68 -1.16
CA ALA C 376 23.43 17.50 -1.94
C ALA C 376 24.42 16.37 -1.75
N GLU C 377 25.70 16.69 -1.59
CA GLU C 377 26.69 15.64 -1.39
C GLU C 377 26.40 14.88 -0.10
N GLY C 378 26.08 15.61 0.97
CA GLY C 378 25.79 14.96 2.23
C GLY C 378 24.55 14.10 2.11
N PHE C 379 23.56 14.64 1.41
CA PHE C 379 22.30 13.94 1.17
C PHE C 379 22.59 12.60 0.51
N ILE C 380 23.35 12.66 -0.59
CA ILE C 380 23.72 11.48 -1.36
C ILE C 380 24.51 10.44 -0.56
N LYS C 381 25.49 10.90 0.21
CA LYS C 381 26.31 9.98 0.99
C LYS C 381 25.47 9.19 1.99
N ILE C 382 24.61 9.91 2.71
CA ILE C 382 23.75 9.27 3.71
C ILE C 382 22.75 8.31 3.06
N GLN C 383 22.19 8.70 1.93
CA GLN C 383 21.24 7.82 1.23
C GLN C 383 21.98 6.58 0.76
N ALA C 384 23.25 6.76 0.39
CA ALA C 384 24.05 5.66 -0.13
C ALA C 384 24.60 4.67 0.88
N LEU C 385 24.68 5.09 2.15
CA LEU C 385 25.26 4.24 3.18
C LEU C 385 24.82 2.78 3.20
N ARG C 386 23.52 2.54 3.32
CA ARG C 386 23.05 1.15 3.37
C ARG C 386 23.40 0.37 2.10
N LEU C 387 23.49 1.05 0.96
CA LEU C 387 23.84 0.37 -0.29
C LEU C 387 25.32 0.01 -0.29
N ARG C 388 26.14 0.89 0.30
CA ARG C 388 27.57 0.64 0.36
C ARG C 388 27.87 -0.51 1.32
N VAL C 389 27.18 -0.54 2.47
CA VAL C 389 27.35 -1.62 3.43
C VAL C 389 26.96 -2.95 2.77
N ARG C 390 25.84 -2.93 2.06
CA ARG C 390 25.35 -4.12 1.37
C ARG C 390 26.41 -4.66 0.40
N ALA C 391 26.97 -3.77 -0.41
CA ALA C 391 28.00 -4.15 -1.36
C ALA C 391 29.24 -4.70 -0.67
N LEU C 392 29.69 -4.01 0.38
CA LEU C 392 30.87 -4.46 1.09
C LEU C 392 30.67 -5.86 1.68
N VAL C 393 29.50 -6.11 2.26
CA VAL C 393 29.24 -7.43 2.82
C VAL C 393 29.29 -8.50 1.74
N GLU C 394 28.78 -8.16 0.55
CA GLU C 394 28.83 -9.12 -0.54
C GLU C 394 30.31 -9.27 -0.89
N ARG C 395 31.13 -8.50 -0.19
CA ARG C 395 32.58 -8.49 -0.36
C ARG C 395 32.91 -8.30 -1.82
N MET D 1 46.94 9.43 -10.81
CA MET D 1 45.47 9.34 -10.57
C MET D 1 44.73 9.33 -11.90
N LYS D 2 43.71 8.49 -12.01
CA LYS D 2 42.93 8.44 -13.25
C LYS D 2 41.49 8.76 -12.90
N ILE D 3 40.80 9.42 -13.82
CA ILE D 3 39.39 9.77 -13.60
C ILE D 3 38.57 9.43 -14.85
N VAL D 4 37.55 8.59 -14.67
CA VAL D 4 36.68 8.23 -15.79
C VAL D 4 35.50 9.19 -15.81
N LEU D 5 35.42 9.99 -16.87
CA LEU D 5 34.37 10.98 -17.02
C LEU D 5 33.27 10.55 -17.97
N ALA D 6 32.04 10.74 -17.54
CA ALA D 6 30.90 10.42 -18.40
C ALA D 6 30.86 11.66 -19.31
N TYR D 7 31.33 11.47 -20.54
CA TYR D 7 31.44 12.54 -21.53
C TYR D 7 30.35 12.46 -22.60
N SER D 8 29.53 13.49 -22.70
CA SER D 8 28.46 13.50 -23.70
C SER D 8 28.89 14.17 -25.00
N GLY D 9 29.99 14.93 -24.94
CA GLY D 9 30.49 15.61 -26.13
C GLY D 9 30.07 17.06 -26.24
N GLY D 10 29.30 17.54 -25.27
CA GLY D 10 28.85 18.93 -25.33
C GLY D 10 29.85 19.92 -24.75
N LEU D 11 29.44 21.19 -24.69
CA LEU D 11 30.28 22.25 -24.16
C LEU D 11 30.67 22.04 -22.70
N ASP D 12 29.69 21.70 -21.85
CA ASP D 12 29.94 21.51 -20.43
C ASP D 12 30.84 20.35 -20.03
N THR D 13 30.68 19.19 -20.67
CA THR D 13 31.52 18.07 -20.32
C THR D 13 32.89 18.27 -20.93
N SER D 14 32.98 19.21 -21.88
CA SER D 14 34.26 19.54 -22.51
C SER D 14 34.98 20.46 -21.53
N ILE D 15 34.23 21.43 -20.99
CA ILE D 15 34.79 22.34 -19.99
C ILE D 15 35.20 21.50 -18.78
N ILE D 16 34.36 20.54 -18.40
CA ILE D 16 34.64 19.66 -17.26
C ILE D 16 35.86 18.78 -17.47
N LEU D 17 36.08 18.34 -18.71
CA LEU D 17 37.23 17.49 -18.99
C LEU D 17 38.51 18.30 -18.71
N LYS D 18 38.51 19.56 -19.15
CA LYS D 18 39.64 20.47 -18.94
C LYS D 18 39.80 20.76 -17.44
N TRP D 19 38.68 21.10 -16.81
CA TRP D 19 38.66 21.42 -15.39
C TRP D 19 39.25 20.29 -14.54
N LEU D 20 38.86 19.04 -14.85
CA LEU D 20 39.38 17.90 -14.09
C LEU D 20 40.89 17.77 -14.20
N LYS D 21 41.41 18.03 -15.41
CA LYS D 21 42.84 17.94 -15.65
C LYS D 21 43.58 19.00 -14.83
N GLU D 22 43.11 20.24 -14.89
CA GLU D 22 43.74 21.34 -14.17
C GLU D 22 43.60 21.20 -12.67
N THR D 23 42.39 20.88 -12.22
CA THR D 23 42.11 20.76 -10.80
C THR D 23 42.78 19.58 -10.11
N TYR D 24 42.71 18.41 -10.72
CA TYR D 24 43.29 17.21 -10.13
C TYR D 24 44.61 16.75 -10.75
N ARG D 25 44.97 17.30 -11.90
CA ARG D 25 46.20 16.86 -12.56
C ARG D 25 46.17 15.35 -12.73
N ALA D 26 45.02 14.83 -13.14
CA ALA D 26 44.92 13.39 -13.34
C ALA D 26 44.69 13.07 -14.81
N GLU D 27 44.90 11.80 -15.17
CA GLU D 27 44.66 11.35 -16.53
C GLU D 27 43.13 11.16 -16.56
N VAL D 28 42.49 11.64 -17.61
CA VAL D 28 41.04 11.52 -17.71
C VAL D 28 40.59 10.62 -18.87
N ILE D 29 39.78 9.63 -18.55
CA ILE D 29 39.26 8.71 -19.56
C ILE D 29 37.83 9.11 -19.83
N ALA D 30 37.57 9.63 -21.03
CA ALA D 30 36.24 10.05 -21.39
C ALA D 30 35.41 8.85 -21.85
N PHE D 31 34.16 8.78 -21.40
CA PHE D 31 33.28 7.69 -21.81
C PHE D 31 32.02 8.29 -22.37
N THR D 32 31.68 7.88 -23.59
CA THR D 32 30.47 8.35 -24.23
C THR D 32 29.66 7.12 -24.59
N ALA D 33 28.40 7.11 -24.15
CA ALA D 33 27.52 5.98 -24.42
C ALA D 33 26.48 6.37 -25.46
N ASP D 34 26.28 5.49 -26.43
CA ASP D 34 25.27 5.73 -27.45
C ASP D 34 24.01 5.07 -26.92
N ILE D 35 23.02 5.88 -26.56
CA ILE D 35 21.76 5.36 -26.07
C ILE D 35 20.61 5.97 -26.87
N GLY D 36 20.92 6.37 -28.09
CA GLY D 36 19.93 6.95 -28.96
C GLY D 36 19.78 8.46 -28.90
N GLN D 37 20.83 9.17 -28.52
CA GLN D 37 20.75 10.63 -28.44
C GLN D 37 20.59 11.22 -29.85
N GLY D 38 20.85 10.38 -30.86
CA GLY D 38 20.75 10.88 -32.22
C GLY D 38 22.01 11.65 -32.56
N GLU D 39 23.09 11.26 -31.90
CA GLU D 39 24.40 11.90 -32.07
C GLU D 39 25.41 10.85 -32.47
N GLU D 40 26.46 11.25 -33.18
CA GLU D 40 27.48 10.29 -33.54
C GLU D 40 28.49 10.33 -32.41
N VAL D 41 28.46 9.29 -31.58
CA VAL D 41 29.36 9.21 -30.44
C VAL D 41 30.83 9.16 -30.81
N GLU D 42 31.14 8.76 -32.04
CA GLU D 42 32.54 8.70 -32.45
C GLU D 42 33.07 10.10 -32.66
N GLU D 43 32.18 11.06 -32.89
CA GLU D 43 32.61 12.44 -33.03
C GLU D 43 32.98 12.88 -31.62
N ALA D 44 32.11 12.58 -30.67
CA ALA D 44 32.36 12.95 -29.28
C ALA D 44 33.68 12.35 -28.79
N ARG D 45 33.93 11.09 -29.13
CA ARG D 45 35.15 10.41 -28.70
C ARG D 45 36.39 11.13 -29.23
N GLU D 46 36.32 11.59 -30.48
CA GLU D 46 37.43 12.30 -31.09
C GLU D 46 37.61 13.68 -30.46
N LYS D 47 36.49 14.36 -30.20
CA LYS D 47 36.54 15.66 -29.57
C LYS D 47 37.12 15.52 -28.15
N ALA D 48 36.83 14.40 -27.51
CA ALA D 48 37.33 14.15 -26.16
C ALA D 48 38.85 14.08 -26.18
N LEU D 49 39.38 13.34 -27.16
CA LEU D 49 40.83 13.19 -27.28
C LEU D 49 41.48 14.54 -27.59
N ARG D 50 40.78 15.37 -28.35
CA ARG D 50 41.28 16.69 -28.71
C ARG D 50 41.26 17.60 -27.49
N THR D 51 40.24 17.43 -26.66
CA THR D 51 40.07 18.24 -25.46
C THR D 51 41.10 17.88 -24.39
N GLY D 52 41.77 16.74 -24.56
CA GLY D 52 42.79 16.36 -23.60
C GLY D 52 42.68 15.01 -22.92
N ALA D 53 41.68 14.21 -23.29
CA ALA D 53 41.52 12.90 -22.67
C ALA D 53 42.71 11.99 -23.00
N SER D 54 43.13 11.19 -22.02
CA SER D 54 44.25 10.27 -22.24
C SER D 54 43.75 9.05 -22.99
N LYS D 55 42.46 8.80 -22.88
CA LYS D 55 41.81 7.67 -23.54
C LYS D 55 40.32 7.98 -23.64
N ALA D 56 39.74 7.71 -24.80
CA ALA D 56 38.31 7.95 -25.00
C ALA D 56 37.66 6.65 -25.43
N ILE D 57 36.50 6.37 -24.85
CA ILE D 57 35.78 5.15 -25.17
C ILE D 57 34.37 5.50 -25.60
N ALA D 58 33.87 4.81 -26.62
CA ALA D 58 32.53 5.02 -27.12
C ALA D 58 31.91 3.63 -27.32
N LEU D 59 30.78 3.39 -26.68
CA LEU D 59 30.11 2.10 -26.79
C LEU D 59 28.66 2.24 -27.21
N ASP D 60 28.21 1.32 -28.07
CA ASP D 60 26.83 1.31 -28.53
C ASP D 60 26.07 0.51 -27.48
N LEU D 61 25.26 1.18 -26.66
CA LEU D 61 24.52 0.48 -25.61
C LEU D 61 23.00 0.52 -25.80
N LYS D 62 22.55 0.84 -27.01
CA LYS D 62 21.12 0.91 -27.27
C LYS D 62 20.37 -0.37 -26.90
N GLU D 63 20.92 -1.52 -27.26
CA GLU D 63 20.28 -2.79 -26.96
C GLU D 63 20.29 -3.07 -25.46
N GLU D 64 21.42 -2.87 -24.79
CA GLU D 64 21.48 -3.09 -23.35
C GLU D 64 20.51 -2.14 -22.64
N PHE D 65 20.45 -0.90 -23.11
CA PHE D 65 19.57 0.10 -22.53
C PHE D 65 18.11 -0.36 -22.50
N VAL D 66 17.58 -0.72 -23.67
CA VAL D 66 16.20 -1.17 -23.75
C VAL D 66 15.96 -2.53 -23.10
N ARG D 67 16.82 -3.50 -23.37
CA ARG D 67 16.68 -4.85 -22.83
C ARG D 67 16.83 -4.99 -21.30
N ASP D 68 17.88 -4.40 -20.76
CA ASP D 68 18.17 -4.52 -19.33
C ASP D 68 17.69 -3.38 -18.45
N PHE D 69 17.15 -2.33 -19.04
CA PHE D 69 16.66 -1.21 -18.25
C PHE D 69 15.24 -0.75 -18.56
N VAL D 70 15.00 -0.37 -19.81
CA VAL D 70 13.67 0.10 -20.18
C VAL D 70 12.60 -1.00 -20.04
N PHE D 71 12.88 -2.20 -20.57
CA PHE D 71 11.93 -3.30 -20.51
C PHE D 71 11.57 -3.73 -19.07
N PRO D 72 12.58 -3.97 -18.22
CA PRO D 72 12.27 -4.38 -16.83
C PRO D 72 11.37 -3.32 -16.18
N MET D 73 11.68 -2.05 -16.43
CA MET D 73 10.91 -0.94 -15.89
C MET D 73 9.49 -0.95 -16.45
N MET D 74 9.36 -1.16 -17.75
CA MET D 74 8.04 -1.19 -18.37
C MET D 74 7.17 -2.33 -17.86
N ARG D 75 7.78 -3.47 -17.54
CA ARG D 75 7.01 -4.61 -17.02
C ARG D 75 6.28 -4.21 -15.76
N ALA D 76 6.86 -3.28 -15.02
CA ALA D 76 6.28 -2.80 -13.78
C ALA D 76 5.19 -1.75 -13.95
N GLY D 77 5.00 -1.28 -15.19
CA GLY D 77 4.00 -0.25 -15.44
C GLY D 77 4.36 1.02 -14.69
N ALA D 78 5.66 1.28 -14.62
CA ALA D 78 6.17 2.44 -13.89
C ALA D 78 5.82 3.79 -14.47
N VAL D 79 5.15 4.62 -13.68
CA VAL D 79 4.76 5.97 -14.07
C VAL D 79 4.92 6.90 -12.88
N TYR D 80 5.80 7.89 -13.00
CA TYR D 80 6.03 8.83 -11.92
C TYR D 80 5.05 9.99 -11.94
N GLU D 81 4.43 10.22 -10.78
CA GLU D 81 3.46 11.29 -10.58
C GLU D 81 2.43 11.49 -11.69
N GLY D 82 1.77 10.40 -12.05
CA GLY D 82 0.73 10.47 -13.06
C GLY D 82 1.07 10.51 -14.52
N TYR D 83 2.20 11.10 -14.89
CA TYR D 83 2.52 11.19 -16.31
C TYR D 83 3.94 10.89 -16.78
N TYR D 84 4.93 10.99 -15.90
CA TYR D 84 6.31 10.78 -16.33
C TYR D 84 6.74 9.33 -16.52
N LEU D 85 7.05 8.97 -17.76
CA LEU D 85 7.46 7.62 -18.10
C LEU D 85 8.94 7.34 -17.84
N LEU D 86 9.59 8.24 -17.12
CA LEU D 86 10.98 8.04 -16.71
C LEU D 86 12.08 7.91 -17.75
N GLY D 87 11.94 8.57 -18.90
CA GLY D 87 12.95 8.45 -19.94
C GLY D 87 14.40 8.72 -19.53
N THR D 88 14.64 9.82 -18.82
CA THR D 88 16.00 10.13 -18.40
C THR D 88 16.41 9.28 -17.20
N SER D 89 15.47 9.04 -16.30
CA SER D 89 15.72 8.26 -15.09
C SER D 89 16.36 6.87 -15.29
N ILE D 90 15.81 6.05 -16.19
CA ILE D 90 16.37 4.71 -16.38
C ILE D 90 17.66 4.67 -17.17
N ALA D 91 18.04 5.79 -17.79
CA ALA D 91 19.29 5.82 -18.57
C ALA D 91 20.53 5.96 -17.69
N ARG D 92 20.45 6.82 -16.68
CA ARG D 92 21.56 7.08 -15.80
C ARG D 92 22.24 5.84 -15.19
N PRO D 93 21.46 4.92 -14.62
CA PRO D 93 22.07 3.72 -14.02
C PRO D 93 22.96 2.96 -15.00
N LEU D 94 22.53 2.89 -16.25
CA LEU D 94 23.28 2.20 -17.29
C LEU D 94 24.65 2.87 -17.44
N ILE D 95 24.63 4.18 -17.64
CA ILE D 95 25.85 4.95 -17.79
C ILE D 95 26.80 4.77 -16.60
N ALA D 96 26.29 4.99 -15.39
CA ALA D 96 27.10 4.84 -14.19
C ALA D 96 27.69 3.44 -14.10
N LYS D 97 26.92 2.45 -14.52
CA LYS D 97 27.37 1.05 -14.50
C LYS D 97 28.62 0.87 -15.34
N HIS D 98 28.66 1.54 -16.49
CA HIS D 98 29.83 1.44 -17.35
C HIS D 98 30.98 2.29 -16.83
N LEU D 99 30.66 3.45 -16.26
CA LEU D 99 31.69 4.33 -15.69
C LEU D 99 32.54 3.57 -14.66
N VAL D 100 31.87 2.79 -13.83
CA VAL D 100 32.55 2.03 -12.80
C VAL D 100 33.27 0.82 -13.36
N ARG D 101 32.71 0.21 -14.41
CA ARG D 101 33.32 -0.96 -15.06
C ARG D 101 34.67 -0.50 -15.62
N ILE D 102 34.60 0.58 -16.39
CA ILE D 102 35.79 1.16 -17.00
C ILE D 102 36.82 1.57 -15.95
N ALA D 103 36.38 2.29 -14.93
CA ALA D 103 37.28 2.72 -13.87
C ALA D 103 38.03 1.53 -13.30
N GLU D 104 37.35 0.41 -13.18
CA GLU D 104 37.96 -0.78 -12.63
C GLU D 104 38.94 -1.40 -13.63
N GLU D 105 38.58 -1.33 -14.91
CA GLU D 105 39.44 -1.89 -15.94
C GLU D 105 40.69 -1.03 -16.11
N GLU D 106 40.51 0.29 -16.08
CA GLU D 106 41.62 1.22 -16.25
C GLU D 106 42.41 1.45 -14.95
N GLY D 107 41.84 1.07 -13.82
CA GLY D 107 42.53 1.28 -12.55
C GLY D 107 42.41 2.73 -12.11
N ALA D 108 41.25 3.32 -12.37
CA ALA D 108 40.98 4.71 -12.01
C ALA D 108 40.23 4.74 -10.68
N GLU D 109 40.74 5.50 -9.73
CA GLU D 109 40.11 5.59 -8.41
C GLU D 109 38.84 6.43 -8.39
N ALA D 110 38.64 7.27 -9.39
CA ALA D 110 37.46 8.13 -9.41
C ALA D 110 36.68 8.19 -10.73
N ILE D 111 35.42 8.60 -10.63
CA ILE D 111 34.55 8.78 -11.78
C ILE D 111 33.98 10.18 -11.64
N ALA D 112 33.56 10.77 -12.74
CA ALA D 112 33.00 12.12 -12.69
C ALA D 112 31.87 12.27 -13.71
N HIS D 113 30.95 13.19 -13.43
CA HIS D 113 29.82 13.47 -14.30
C HIS D 113 29.49 14.96 -14.25
N GLY D 114 28.71 15.42 -15.21
CA GLY D 114 28.36 16.83 -15.25
C GLY D 114 26.95 17.17 -14.86
N ALA D 115 26.36 16.40 -13.95
CA ALA D 115 25.01 16.70 -13.48
C ALA D 115 25.17 17.78 -12.42
N THR D 116 24.20 18.69 -12.30
CA THR D 116 24.29 19.77 -11.31
C THR D 116 23.86 19.35 -9.91
N GLY D 117 24.10 20.23 -8.94
CA GLY D 117 23.73 19.93 -7.57
C GLY D 117 22.26 20.18 -7.27
N LYS D 118 21.55 20.74 -8.24
CA LYS D 118 20.14 21.05 -8.08
C LYS D 118 19.20 19.94 -8.58
N GLY D 119 19.74 18.93 -9.25
CA GLY D 119 18.88 17.89 -9.79
C GLY D 119 18.88 16.46 -9.31
N ASN D 120 18.20 15.60 -10.07
CA ASN D 120 18.08 14.18 -9.78
C ASN D 120 19.20 13.33 -10.35
N ASP D 121 19.72 13.71 -11.52
CA ASP D 121 20.77 12.90 -12.14
C ASP D 121 21.98 12.66 -11.28
N GLN D 122 22.36 13.65 -10.48
CA GLN D 122 23.51 13.50 -9.59
C GLN D 122 23.29 12.31 -8.66
N VAL D 123 22.09 12.23 -8.09
CA VAL D 123 21.75 11.15 -7.17
C VAL D 123 21.79 9.80 -7.88
N ARG D 124 21.23 9.76 -9.09
CA ARG D 124 21.18 8.52 -9.87
C ARG D 124 22.57 7.99 -10.20
N PHE D 125 23.46 8.85 -10.69
CA PHE D 125 24.83 8.44 -11.01
C PHE D 125 25.55 7.94 -9.77
N GLU D 126 25.49 8.74 -8.71
CA GLU D 126 26.20 8.41 -7.49
C GLU D 126 25.64 7.24 -6.70
N LEU D 127 24.32 7.12 -6.63
CA LEU D 127 23.75 5.99 -5.92
C LEU D 127 24.13 4.68 -6.62
N THR D 128 24.12 4.65 -7.95
CA THR D 128 24.49 3.38 -8.58
C THR D 128 25.99 3.16 -8.45
N ALA D 129 26.78 4.23 -8.56
CA ALA D 129 28.22 4.10 -8.42
C ALA D 129 28.61 3.52 -7.06
N TYR D 130 28.11 4.13 -5.99
CA TYR D 130 28.40 3.67 -4.63
C TYR D 130 27.85 2.27 -4.38
N ALA D 131 26.72 1.97 -5.00
CA ALA D 131 26.10 0.66 -4.83
C ALA D 131 26.88 -0.44 -5.52
N LEU D 132 27.55 -0.12 -6.62
CA LEU D 132 28.31 -1.11 -7.37
C LEU D 132 29.74 -1.27 -6.90
N LYS D 133 30.35 -0.15 -6.47
CA LYS D 133 31.73 -0.12 -5.99
C LYS D 133 31.75 0.89 -4.83
N PRO D 134 31.50 0.41 -3.60
CA PRO D 134 31.46 1.26 -2.40
C PRO D 134 32.63 2.17 -2.08
N ASP D 135 33.82 1.84 -2.55
CA ASP D 135 34.96 2.70 -2.25
C ASP D 135 35.35 3.62 -3.39
N ILE D 136 34.51 3.67 -4.42
CA ILE D 136 34.78 4.54 -5.55
C ILE D 136 34.66 6.00 -5.09
N LYS D 137 35.44 6.88 -5.71
CA LYS D 137 35.37 8.28 -5.37
C LYS D 137 34.62 8.99 -6.50
N VAL D 138 33.72 9.90 -6.13
CA VAL D 138 32.93 10.61 -7.12
C VAL D 138 33.25 12.08 -7.14
N ILE D 139 33.43 12.62 -8.34
CA ILE D 139 33.73 14.03 -8.52
C ILE D 139 32.64 14.66 -9.36
N ALA D 140 31.94 15.64 -8.79
CA ALA D 140 30.88 16.34 -9.50
C ALA D 140 31.30 17.80 -9.57
N PRO D 141 32.00 18.18 -10.65
CA PRO D 141 32.45 19.57 -10.80
C PRO D 141 31.43 20.68 -10.51
N TRP D 142 30.17 20.48 -10.90
CA TRP D 142 29.17 21.51 -10.64
C TRP D 142 29.05 21.85 -9.16
N ARG D 143 29.34 20.88 -8.28
CA ARG D 143 29.26 21.12 -6.85
C ARG D 143 30.60 21.56 -6.27
N GLU D 144 31.66 21.56 -7.09
CA GLU D 144 32.99 21.94 -6.61
C GLU D 144 33.59 23.23 -7.16
N TRP D 145 33.25 23.60 -8.40
CA TRP D 145 33.85 24.78 -9.00
C TRP D 145 33.34 26.17 -8.64
N SER D 146 34.06 27.17 -9.14
CA SER D 146 33.75 28.57 -8.87
C SER D 146 33.01 29.37 -9.93
N PHE D 147 32.87 28.83 -11.15
CA PHE D 147 32.15 29.58 -12.19
C PHE D 147 30.88 30.17 -11.60
N GLN D 148 30.66 31.47 -11.82
CA GLN D 148 29.48 32.13 -11.27
C GLN D 148 28.48 32.51 -12.34
N GLY D 149 28.71 32.07 -13.57
CA GLY D 149 27.78 32.40 -14.63
C GLY D 149 28.06 31.66 -15.92
N ARG D 150 27.14 31.80 -16.86
CA ARG D 150 27.30 31.15 -18.16
C ARG D 150 28.46 31.84 -18.86
N LYS D 151 28.43 33.17 -18.84
CA LYS D 151 29.46 33.99 -19.47
C LYS D 151 30.86 33.58 -18.99
N GLU D 152 30.97 33.28 -17.70
CA GLU D 152 32.26 32.88 -17.12
C GLU D 152 32.74 31.53 -17.69
N MET D 153 31.80 30.62 -17.92
CA MET D 153 32.14 29.32 -18.46
C MET D 153 32.59 29.40 -19.91
N ILE D 154 31.87 30.16 -20.72
CA ILE D 154 32.21 30.30 -22.13
C ILE D 154 33.62 30.84 -22.29
N ALA D 155 33.99 31.81 -21.46
CA ALA D 155 35.32 32.42 -21.50
C ALA D 155 36.40 31.41 -21.12
N TYR D 156 36.08 30.58 -20.13
CA TYR D 156 37.01 29.55 -19.68
C TYR D 156 37.21 28.56 -20.84
N ALA D 157 36.14 28.32 -21.61
CA ALA D 157 36.22 27.40 -22.74
C ALA D 157 37.18 27.96 -23.78
N GLU D 158 36.97 29.22 -24.16
CA GLU D 158 37.82 29.88 -25.15
C GLU D 158 39.25 29.94 -24.63
N ALA D 159 39.45 30.47 -23.43
CA ALA D 159 40.79 30.53 -22.84
C ALA D 159 41.43 29.16 -23.00
N HIS D 160 40.60 28.12 -23.09
CA HIS D 160 41.10 26.76 -23.25
C HIS D 160 40.89 26.23 -24.66
N GLY D 161 40.41 27.12 -25.53
CA GLY D 161 40.20 26.76 -26.92
C GLY D 161 39.24 25.61 -27.19
N ILE D 162 38.07 25.63 -26.55
CA ILE D 162 37.06 24.59 -26.76
C ILE D 162 35.98 25.23 -27.60
N PRO D 163 35.61 24.59 -28.73
CA PRO D 163 34.57 25.20 -29.55
C PRO D 163 33.40 25.66 -28.68
N VAL D 164 32.75 26.74 -29.10
CA VAL D 164 31.64 27.32 -28.37
C VAL D 164 30.57 27.77 -29.38
N PRO D 165 29.29 27.59 -29.03
CA PRO D 165 28.17 27.98 -29.89
C PRO D 165 28.24 29.46 -30.31
N PRO D 171 17.21 28.26 -24.90
CA PRO D 171 16.22 28.80 -23.93
C PRO D 171 15.63 27.68 -23.07
N TYR D 172 16.31 26.54 -23.08
CA TYR D 172 15.90 25.38 -22.28
C TYR D 172 16.93 24.26 -22.45
N SER D 173 16.92 23.33 -21.51
CA SER D 173 17.85 22.22 -21.51
C SER D 173 17.09 20.96 -21.96
N MET D 174 17.73 20.14 -22.78
CA MET D 174 17.09 18.91 -23.22
C MET D 174 17.99 17.69 -23.09
N ASP D 175 17.36 16.53 -22.90
CA ASP D 175 18.08 15.27 -22.77
C ASP D 175 17.35 14.28 -23.65
N ALA D 176 18.05 13.72 -24.62
CA ALA D 176 17.42 12.78 -25.54
C ALA D 176 18.09 11.42 -25.60
N ASN D 177 17.26 10.37 -25.65
CA ASN D 177 17.76 9.01 -25.76
C ASN D 177 16.67 8.18 -26.47
N LEU D 178 16.91 6.88 -26.60
CA LEU D 178 15.97 5.99 -27.29
C LEU D 178 14.53 5.98 -26.77
N LEU D 179 14.34 6.38 -25.50
CA LEU D 179 13.02 6.38 -24.88
C LEU D 179 12.28 7.71 -25.01
N HIS D 180 13.00 8.83 -24.91
CA HIS D 180 12.33 10.11 -24.99
C HIS D 180 13.30 11.27 -25.17
N ILE D 181 12.72 12.46 -25.14
CA ILE D 181 13.51 13.68 -25.17
C ILE D 181 12.86 14.52 -24.08
N SER D 182 13.68 14.99 -23.16
CA SER D 182 13.22 15.81 -22.04
C SER D 182 13.59 17.26 -22.29
N TYR D 183 12.70 18.17 -21.89
CA TYR D 183 12.94 19.61 -22.02
C TYR D 183 12.54 20.31 -20.71
N GLU D 184 13.47 21.07 -20.14
CA GLU D 184 13.19 21.81 -18.92
C GLU D 184 14.19 22.96 -18.73
N GLY D 185 13.80 23.96 -17.94
CA GLY D 185 14.65 25.11 -17.68
C GLY D 185 14.33 26.25 -18.63
N GLY D 186 15.00 27.38 -18.43
CA GLY D 186 14.77 28.52 -19.28
C GLY D 186 13.32 28.97 -19.30
N VAL D 187 12.79 29.17 -20.50
CA VAL D 187 11.42 29.60 -20.69
C VAL D 187 10.40 28.66 -20.07
N LEU D 188 10.80 27.41 -19.90
CA LEU D 188 9.91 26.40 -19.31
C LEU D 188 9.72 26.54 -17.80
N GLU D 189 10.59 27.32 -17.16
CA GLU D 189 10.51 27.51 -15.71
C GLU D 189 9.23 28.20 -15.23
N ASP D 190 8.48 28.79 -16.15
CA ASP D 190 7.23 29.45 -15.79
C ASP D 190 6.12 28.44 -16.09
N PRO D 191 5.56 27.81 -15.05
CA PRO D 191 4.49 26.82 -15.21
C PRO D 191 3.18 27.29 -15.82
N TRP D 192 3.05 28.58 -16.08
CA TRP D 192 1.83 29.10 -16.68
C TRP D 192 2.03 29.38 -18.17
N ALA D 193 3.27 29.21 -18.63
CA ALA D 193 3.60 29.45 -20.04
C ALA D 193 3.73 28.15 -20.83
N GLU D 194 2.94 28.03 -21.89
CA GLU D 194 3.00 26.84 -22.74
C GLU D 194 4.37 26.77 -23.40
N PRO D 195 4.91 25.56 -23.63
CA PRO D 195 6.22 25.44 -24.27
C PRO D 195 6.17 26.15 -25.63
N PRO D 196 7.30 26.71 -26.08
CA PRO D 196 7.35 27.42 -27.37
C PRO D 196 7.04 26.56 -28.59
N LYS D 197 6.55 27.19 -29.65
CA LYS D 197 6.24 26.47 -30.88
C LYS D 197 7.52 25.92 -31.49
N GLY D 198 7.43 24.72 -32.06
CA GLY D 198 8.58 24.13 -32.69
C GLY D 198 9.65 23.59 -31.77
N MET D 199 9.33 23.42 -30.49
CA MET D 199 10.32 22.88 -29.54
C MET D 199 10.56 21.39 -29.70
N PHE D 200 9.47 20.63 -29.82
CA PHE D 200 9.57 19.17 -29.96
C PHE D 200 10.40 18.74 -31.14
N ARG D 201 11.18 17.68 -30.93
CA ARG D 201 12.08 17.19 -31.95
C ARG D 201 11.84 15.73 -32.37
N MET D 202 11.35 14.92 -31.43
CA MET D 202 11.13 13.51 -31.70
C MET D 202 9.74 13.21 -32.27
N THR D 203 8.76 14.06 -31.96
CA THR D 203 7.42 13.86 -32.44
C THR D 203 6.99 15.00 -33.34
N GLN D 204 6.22 14.66 -34.38
CA GLN D 204 5.74 15.68 -35.29
C GLN D 204 4.58 16.38 -34.64
N ASP D 205 4.48 17.67 -34.87
CA ASP D 205 3.40 18.49 -34.34
C ASP D 205 2.05 17.89 -34.77
N PRO D 206 1.20 17.53 -33.80
CA PRO D 206 -0.11 16.95 -34.10
C PRO D 206 -0.93 17.69 -35.16
N GLU D 207 -0.71 18.99 -35.28
CA GLU D 207 -1.45 19.76 -36.28
C GLU D 207 -0.89 19.48 -37.68
N GLU D 208 0.28 18.86 -37.74
CA GLU D 208 0.92 18.55 -39.01
C GLU D 208 0.96 17.05 -39.28
N ALA D 209 0.37 16.27 -38.39
CA ALA D 209 0.35 14.81 -38.53
C ALA D 209 -0.69 14.37 -39.56
N PRO D 210 -0.51 13.18 -40.16
CA PRO D 210 -1.41 12.60 -41.17
C PRO D 210 -2.89 12.78 -40.87
N ASP D 211 -3.68 12.90 -41.94
CA ASP D 211 -5.12 13.09 -41.83
C ASP D 211 -5.84 11.78 -41.62
N ALA D 212 -5.15 10.69 -41.93
CA ALA D 212 -5.72 9.37 -41.77
C ALA D 212 -5.08 8.67 -40.59
N PRO D 213 -5.90 8.13 -39.68
CA PRO D 213 -5.36 7.43 -38.52
C PRO D 213 -4.54 6.26 -39.03
N GLU D 214 -3.64 5.75 -38.20
CA GLU D 214 -2.82 4.61 -38.58
C GLU D 214 -2.96 3.53 -37.52
N TYR D 215 -3.13 2.29 -37.96
CA TYR D 215 -3.24 1.20 -37.01
C TYR D 215 -1.91 0.50 -36.84
N VAL D 216 -1.63 0.11 -35.60
CA VAL D 216 -0.40 -0.61 -35.30
C VAL D 216 -0.72 -1.72 -34.31
N GLU D 217 -0.04 -2.85 -34.47
CA GLU D 217 -0.25 -3.98 -33.58
C GLU D 217 1.09 -4.32 -32.95
N VAL D 218 1.06 -4.60 -31.65
CA VAL D 218 2.28 -4.94 -30.93
C VAL D 218 2.09 -6.27 -30.23
N GLU D 219 3.03 -7.17 -30.44
CA GLU D 219 2.97 -8.49 -29.82
C GLU D 219 3.85 -8.54 -28.58
N PHE D 220 3.30 -9.08 -27.51
CA PHE D 220 4.07 -9.24 -26.26
C PHE D 220 4.24 -10.72 -26.03
N PHE D 221 5.41 -11.15 -25.60
CA PHE D 221 5.58 -12.57 -25.33
C PHE D 221 6.29 -12.62 -23.99
N GLU D 222 5.61 -12.89 -22.90
CA GLU D 222 6.34 -12.95 -21.62
C GLU D 222 6.61 -11.67 -20.87
N GLY D 223 5.81 -10.65 -21.17
CA GLY D 223 5.97 -9.37 -20.51
C GLY D 223 6.76 -8.34 -21.31
N ASP D 224 7.37 -8.77 -22.40
CA ASP D 224 8.14 -7.84 -23.24
C ASP D 224 7.64 -7.83 -24.68
N PRO D 225 7.67 -6.65 -25.33
CA PRO D 225 7.22 -6.54 -26.72
C PRO D 225 8.25 -7.20 -27.65
N VAL D 226 7.78 -8.02 -28.58
CA VAL D 226 8.68 -8.74 -29.49
C VAL D 226 8.45 -8.53 -30.99
N ALA D 227 7.36 -7.86 -31.36
CA ALA D 227 7.07 -7.63 -32.78
C ALA D 227 6.10 -6.48 -32.99
N VAL D 228 6.24 -5.82 -34.14
CA VAL D 228 5.38 -4.69 -34.51
C VAL D 228 4.84 -5.04 -35.90
N ASN D 229 3.51 -5.01 -36.02
CA ASN D 229 2.84 -5.34 -37.27
C ASN D 229 3.38 -6.65 -37.86
N GLY D 230 3.58 -7.63 -36.97
CA GLY D 230 4.05 -8.93 -37.40
C GLY D 230 5.54 -9.11 -37.66
N GLU D 231 6.32 -8.04 -37.49
CA GLU D 231 7.76 -8.14 -37.71
C GLU D 231 8.51 -8.30 -36.40
N ARG D 232 9.24 -9.40 -36.24
CA ARG D 232 10.02 -9.63 -35.02
C ARG D 232 11.10 -8.55 -34.98
N LEU D 233 11.28 -7.92 -33.83
CA LEU D 233 12.32 -6.90 -33.71
C LEU D 233 13.03 -6.99 -32.37
N SER D 234 14.33 -6.73 -32.38
CA SER D 234 15.11 -6.75 -31.15
C SER D 234 14.59 -5.59 -30.31
N PRO D 235 14.86 -5.62 -29.00
CA PRO D 235 14.40 -4.54 -28.11
C PRO D 235 14.66 -3.12 -28.62
N ALA D 236 15.91 -2.78 -28.92
CA ALA D 236 16.23 -1.43 -29.38
C ALA D 236 15.60 -1.10 -30.73
N ALA D 237 15.63 -2.07 -31.65
CA ALA D 237 15.05 -1.90 -32.97
C ALA D 237 13.53 -1.70 -32.83
N LEU D 238 12.94 -2.48 -31.94
CA LEU D 238 11.50 -2.39 -31.70
C LEU D 238 11.12 -1.01 -31.15
N LEU D 239 11.91 -0.51 -30.21
CA LEU D 239 11.59 0.80 -29.64
C LEU D 239 11.78 1.86 -30.72
N GLN D 240 12.82 1.69 -31.53
CA GLN D 240 13.08 2.65 -32.60
C GLN D 240 11.88 2.68 -33.55
N ARG D 241 11.44 1.50 -33.97
CA ARG D 241 10.30 1.38 -34.88
C ARG D 241 9.07 2.14 -34.36
N LEU D 242 8.68 1.86 -33.12
CA LEU D 242 7.52 2.52 -32.55
C LEU D 242 7.70 4.02 -32.37
N ASN D 243 8.95 4.47 -32.26
CA ASN D 243 9.19 5.92 -32.13
C ASN D 243 8.86 6.56 -33.48
N GLU D 244 9.28 5.88 -34.56
CA GLU D 244 9.03 6.36 -35.92
C GLU D 244 7.53 6.43 -36.17
N ILE D 245 6.83 5.35 -35.89
CA ILE D 245 5.38 5.29 -36.09
C ILE D 245 4.64 6.28 -35.22
N GLY D 246 4.93 6.31 -33.93
CA GLY D 246 4.24 7.23 -33.04
C GLY D 246 4.63 8.68 -33.25
N GLY D 247 5.93 8.91 -33.50
CA GLY D 247 6.39 10.27 -33.70
C GLY D 247 5.68 10.95 -34.85
N ARG D 248 5.62 10.24 -35.98
CA ARG D 248 4.96 10.75 -37.17
C ARG D 248 3.58 11.28 -36.80
N HIS D 249 2.94 10.67 -35.81
CA HIS D 249 1.61 11.10 -35.40
C HIS D 249 1.58 12.07 -34.23
N GLY D 250 2.75 12.43 -33.69
CA GLY D 250 2.80 13.36 -32.58
C GLY D 250 2.38 12.80 -31.23
N VAL D 251 2.52 11.49 -31.08
CA VAL D 251 2.12 10.81 -29.86
C VAL D 251 3.14 10.89 -28.71
N GLY D 252 2.62 10.84 -27.48
CA GLY D 252 3.49 10.84 -26.31
C GLY D 252 3.99 12.12 -25.70
N ARG D 253 3.21 13.20 -25.77
CA ARG D 253 3.62 14.48 -25.22
C ARG D 253 2.94 14.78 -23.89
N VAL D 254 3.74 15.14 -22.88
CA VAL D 254 3.21 15.47 -21.55
C VAL D 254 3.93 16.70 -20.98
N ASP D 255 3.21 17.49 -20.19
CA ASP D 255 3.70 18.72 -19.59
C ASP D 255 3.35 18.71 -18.10
N ILE D 256 4.36 18.57 -17.26
CA ILE D 256 4.11 18.51 -15.82
C ILE D 256 5.09 19.30 -14.95
N VAL D 257 4.67 19.57 -13.72
CA VAL D 257 5.51 20.21 -12.72
C VAL D 257 5.71 19.07 -11.73
N GLU D 258 6.89 18.49 -11.73
CA GLU D 258 7.22 17.34 -10.88
C GLU D 258 8.00 17.71 -9.61
N ASN D 259 8.06 16.77 -8.68
CA ASN D 259 8.81 16.95 -7.43
C ASN D 259 10.14 16.23 -7.54
N ARG D 260 11.25 16.97 -7.53
CA ARG D 260 12.55 16.35 -7.59
C ARG D 260 12.84 15.68 -6.25
N PHE D 261 13.75 14.72 -6.24
CA PHE D 261 14.09 13.99 -5.03
C PHE D 261 14.78 14.92 -4.03
N VAL D 262 15.42 15.95 -4.57
CA VAL D 262 16.16 16.92 -3.79
C VAL D 262 15.30 17.96 -3.07
N GLY D 263 13.97 17.90 -3.25
CA GLY D 263 13.12 18.84 -2.55
C GLY D 263 12.23 19.86 -3.27
N MET D 264 12.65 20.38 -4.42
CA MET D 264 11.82 21.37 -5.12
C MET D 264 11.08 20.87 -6.35
N LYS D 265 10.06 21.63 -6.74
CA LYS D 265 9.26 21.32 -7.90
C LYS D 265 9.97 21.87 -9.14
N SER D 266 9.77 21.21 -10.27
CA SER D 266 10.40 21.60 -11.52
C SER D 266 9.43 21.37 -12.67
N ARG D 267 9.36 22.31 -13.61
CA ARG D 267 8.46 22.18 -14.75
C ARG D 267 9.17 21.43 -15.87
N GLY D 268 8.64 20.27 -16.23
CA GLY D 268 9.24 19.47 -17.29
C GLY D 268 8.28 19.10 -18.41
N VAL D 269 8.84 18.95 -19.60
CA VAL D 269 8.07 18.59 -20.78
C VAL D 269 8.75 17.37 -21.39
N TYR D 270 7.97 16.36 -21.74
CA TYR D 270 8.54 15.13 -22.30
C TYR D 270 7.75 14.58 -23.49
N GLU D 271 8.48 13.99 -24.45
CA GLU D 271 7.87 13.37 -25.62
C GLU D 271 8.39 11.93 -25.65
N THR D 272 7.46 10.99 -25.53
CA THR D 272 7.80 9.57 -25.49
C THR D 272 6.89 8.76 -26.42
N PRO D 273 7.01 8.99 -27.74
CA PRO D 273 6.18 8.29 -28.73
C PRO D 273 6.10 6.78 -28.57
N GLY D 274 7.20 6.08 -28.81
CA GLY D 274 7.23 4.65 -28.70
C GLY D 274 6.82 4.12 -27.33
N GLY D 275 7.35 4.74 -26.28
CA GLY D 275 7.03 4.31 -24.94
C GLY D 275 5.56 4.44 -24.59
N THR D 276 4.93 5.50 -25.11
CA THR D 276 3.52 5.72 -24.81
C THR D 276 2.65 4.67 -25.49
N ILE D 277 3.04 4.30 -26.70
CA ILE D 277 2.33 3.26 -27.44
C ILE D 277 2.47 1.96 -26.64
N LEU D 278 3.69 1.69 -26.18
CA LEU D 278 3.98 0.48 -25.43
C LEU D 278 3.24 0.45 -24.09
N TYR D 279 3.08 1.60 -23.46
CA TYR D 279 2.37 1.67 -22.19
C TYR D 279 0.95 1.14 -22.38
N HIS D 280 0.24 1.72 -23.35
CA HIS D 280 -1.13 1.32 -23.62
C HIS D 280 -1.28 -0.07 -24.24
N ALA D 281 -0.30 -0.47 -25.04
CA ALA D 281 -0.34 -1.79 -25.67
C ALA D 281 -0.19 -2.85 -24.58
N ARG D 282 0.69 -2.59 -23.62
CA ARG D 282 0.90 -3.51 -22.52
C ARG D 282 -0.36 -3.69 -21.72
N ARG D 283 -0.97 -2.59 -21.27
CA ARG D 283 -2.18 -2.70 -20.48
C ARG D 283 -3.29 -3.40 -21.25
N ALA D 284 -3.32 -3.21 -22.57
CA ALA D 284 -4.34 -3.86 -23.40
C ALA D 284 -4.17 -5.38 -23.34
N VAL D 285 -2.94 -5.86 -23.48
CA VAL D 285 -2.71 -7.30 -23.42
C VAL D 285 -2.96 -7.80 -21.99
N GLU D 286 -2.59 -6.98 -21.00
CA GLU D 286 -2.79 -7.34 -19.60
C GLU D 286 -4.27 -7.49 -19.25
N SER D 287 -5.12 -6.74 -19.94
CA SER D 287 -6.55 -6.79 -19.68
C SER D 287 -7.16 -8.16 -19.97
N LEU D 288 -6.49 -8.95 -20.80
CA LEU D 288 -6.98 -10.29 -21.11
C LEU D 288 -6.18 -11.38 -20.40
N THR D 289 -4.91 -11.08 -20.10
CA THR D 289 -4.03 -12.06 -19.48
C THR D 289 -3.78 -12.02 -17.96
N LEU D 290 -4.09 -10.91 -17.31
CA LEU D 290 -3.88 -10.81 -15.87
C LEU D 290 -5.15 -10.96 -15.04
N ASP D 291 -5.01 -11.58 -13.88
CA ASP D 291 -6.13 -11.78 -12.97
C ASP D 291 -6.48 -10.46 -12.30
N ARG D 292 -7.78 -10.27 -12.05
CA ARG D 292 -8.28 -9.06 -11.41
C ARG D 292 -7.50 -8.61 -10.17
N GLU D 293 -7.41 -9.51 -9.19
CA GLU D 293 -6.72 -9.18 -7.95
C GLU D 293 -5.22 -8.93 -8.16
N VAL D 294 -4.60 -9.72 -9.03
CA VAL D 294 -3.18 -9.53 -9.32
C VAL D 294 -3.00 -8.13 -9.88
N LEU D 295 -3.84 -7.77 -10.83
CA LEU D 295 -3.78 -6.45 -11.45
C LEU D 295 -3.93 -5.31 -10.42
N HIS D 296 -4.96 -5.40 -9.60
CA HIS D 296 -5.21 -4.35 -8.61
C HIS D 296 -4.05 -4.18 -7.62
N GLN D 297 -3.41 -5.30 -7.27
CA GLN D 297 -2.27 -5.25 -6.35
C GLN D 297 -1.07 -4.64 -7.07
N ARG D 298 -0.85 -5.09 -8.31
CA ARG D 298 0.26 -4.62 -9.11
C ARG D 298 0.18 -3.10 -9.31
N ASP D 299 -1.02 -2.60 -9.61
CA ASP D 299 -1.20 -1.17 -9.83
C ASP D 299 -0.95 -0.29 -8.60
N MET D 300 -1.13 -0.84 -7.41
CA MET D 300 -0.89 -0.06 -6.19
C MET D 300 0.59 -0.05 -5.81
N LEU D 301 1.38 -0.90 -6.45
CA LEU D 301 2.82 -0.96 -6.20
C LEU D 301 3.59 -0.21 -7.29
N SER D 302 2.97 -0.07 -8.47
CA SER D 302 3.62 0.62 -9.58
C SER D 302 4.19 1.98 -9.19
N PRO D 303 3.39 2.86 -8.56
CA PRO D 303 3.83 4.20 -8.15
C PRO D 303 5.07 4.21 -7.26
N LYS D 304 5.22 3.18 -6.43
CA LYS D 304 6.37 3.07 -5.53
C LYS D 304 7.63 2.74 -6.35
N TYR D 305 7.49 1.74 -7.22
CA TYR D 305 8.59 1.33 -8.08
C TYR D 305 9.03 2.56 -8.89
N ALA D 306 8.05 3.35 -9.31
CA ALA D 306 8.32 4.54 -10.10
C ALA D 306 9.20 5.54 -9.36
N GLU D 307 8.86 5.84 -8.11
CA GLU D 307 9.68 6.81 -7.38
C GLU D 307 11.07 6.28 -7.12
N LEU D 308 11.21 4.96 -6.98
CA LEU D 308 12.51 4.35 -6.77
C LEU D 308 13.37 4.63 -7.99
N VAL D 309 12.80 4.42 -9.17
CA VAL D 309 13.51 4.67 -10.41
C VAL D 309 13.85 6.16 -10.55
N TYR D 310 12.87 7.00 -10.26
CA TYR D 310 13.06 8.44 -10.37
C TYR D 310 14.12 8.98 -9.41
N TYR D 311 14.12 8.44 -8.19
CA TYR D 311 15.08 8.89 -7.17
C TYR D 311 16.49 8.41 -7.44
N GLY D 312 16.61 7.29 -8.16
CA GLY D 312 17.92 6.76 -8.47
C GLY D 312 18.23 5.43 -7.79
N PHE D 313 17.23 4.81 -7.17
CA PHE D 313 17.47 3.53 -6.51
C PHE D 313 17.24 2.35 -7.47
N TRP D 314 18.05 2.26 -8.52
CA TRP D 314 17.92 1.17 -9.48
C TRP D 314 18.65 -0.06 -8.95
N TYR D 315 19.93 0.07 -8.66
CA TYR D 315 20.68 -1.04 -8.10
C TYR D 315 20.54 -0.93 -6.58
N ALA D 316 19.32 -1.13 -6.11
CA ALA D 316 18.96 -1.07 -4.70
C ALA D 316 18.09 -2.28 -4.40
N PRO D 317 18.26 -2.87 -3.21
CA PRO D 317 17.47 -4.05 -2.83
C PRO D 317 15.96 -3.91 -2.91
N GLU D 318 15.43 -2.72 -2.62
CA GLU D 318 13.98 -2.50 -2.67
C GLU D 318 13.44 -2.69 -4.08
N ARG D 319 14.16 -2.11 -5.04
CA ARG D 319 13.75 -2.16 -6.45
C ARG D 319 13.85 -3.57 -7.00
N GLU D 320 14.95 -4.26 -6.70
CA GLU D 320 15.14 -5.61 -7.18
C GLU D 320 14.10 -6.57 -6.58
N ALA D 321 13.64 -6.25 -5.36
CA ALA D 321 12.63 -7.06 -4.68
C ALA D 321 11.30 -6.89 -5.38
N LEU D 322 10.91 -5.64 -5.61
CA LEU D 322 9.66 -5.35 -6.29
C LEU D 322 9.72 -5.91 -7.71
N GLN D 323 10.92 -5.88 -8.30
CA GLN D 323 11.12 -6.39 -9.66
C GLN D 323 10.76 -7.87 -9.73
N ALA D 324 11.07 -8.63 -8.68
CA ALA D 324 10.75 -10.05 -8.66
C ALA D 324 9.23 -10.25 -8.75
N TYR D 325 8.48 -9.36 -8.08
CA TYR D 325 7.02 -9.41 -8.10
C TYR D 325 6.50 -9.08 -9.50
N PHE D 326 6.92 -7.94 -10.03
CA PHE D 326 6.50 -7.47 -11.34
C PHE D 326 6.85 -8.45 -12.46
N ASP D 327 8.05 -9.04 -12.39
CA ASP D 327 8.47 -10.00 -13.40
C ASP D 327 7.59 -11.24 -13.35
N HIS D 328 7.21 -11.65 -12.13
CA HIS D 328 6.34 -12.81 -11.93
C HIS D 328 5.00 -12.57 -12.61
N VAL D 329 4.42 -11.40 -12.38
CA VAL D 329 3.13 -11.03 -12.97
C VAL D 329 3.22 -10.87 -14.49
N ALA D 330 4.29 -10.21 -14.95
CA ALA D 330 4.51 -9.94 -16.37
C ALA D 330 4.68 -11.18 -17.26
N ARG D 331 5.10 -12.27 -16.65
CA ARG D 331 5.32 -13.52 -17.36
C ARG D 331 4.08 -14.03 -18.09
N SER D 332 2.91 -13.59 -17.65
CA SER D 332 1.66 -14.01 -18.28
C SER D 332 1.23 -13.08 -19.43
N VAL D 333 1.86 -11.91 -19.52
CA VAL D 333 1.50 -10.95 -20.56
C VAL D 333 1.99 -11.40 -21.93
N THR D 334 1.15 -12.21 -22.59
CA THR D 334 1.45 -12.76 -23.92
C THR D 334 0.24 -12.54 -24.82
N GLY D 335 0.43 -11.83 -25.91
CA GLY D 335 -0.68 -11.57 -26.80
C GLY D 335 -0.40 -10.41 -27.73
N VAL D 336 -1.47 -9.84 -28.27
CA VAL D 336 -1.36 -8.73 -29.22
C VAL D 336 -2.33 -7.59 -28.92
N ALA D 337 -1.82 -6.37 -29.01
CA ALA D 337 -2.64 -5.18 -28.82
C ALA D 337 -2.75 -4.47 -30.17
N ARG D 338 -3.93 -3.95 -30.47
CA ARG D 338 -4.15 -3.23 -31.72
C ARG D 338 -4.50 -1.81 -31.31
N LEU D 339 -3.68 -0.87 -31.73
CA LEU D 339 -3.91 0.53 -31.37
C LEU D 339 -4.10 1.42 -32.59
N LYS D 340 -4.86 2.49 -32.41
CA LYS D 340 -5.14 3.45 -33.47
C LYS D 340 -4.49 4.80 -33.12
N LEU D 341 -3.61 5.27 -33.99
CA LEU D 341 -2.90 6.53 -33.80
C LEU D 341 -3.47 7.66 -34.67
N TYR D 342 -3.86 8.76 -34.04
CA TYR D 342 -4.42 9.90 -34.75
C TYR D 342 -4.14 11.25 -34.08
N LYS D 343 -3.37 12.08 -34.77
CA LYS D 343 -3.01 13.42 -34.31
C LYS D 343 -2.76 13.55 -32.81
N GLY D 344 -1.59 13.08 -32.38
CA GLY D 344 -1.20 13.17 -30.98
C GLY D 344 -1.80 12.17 -30.01
N ASN D 345 -2.83 11.43 -30.43
CA ASN D 345 -3.47 10.48 -29.54
C ASN D 345 -3.25 9.00 -29.89
N VAL D 346 -3.36 8.14 -28.89
CA VAL D 346 -3.18 6.70 -29.06
C VAL D 346 -4.43 6.03 -28.52
N TYR D 347 -5.13 5.28 -29.37
CA TYR D 347 -6.34 4.59 -28.95
C TYR D 347 -6.27 3.08 -29.04
N VAL D 348 -6.56 2.41 -27.93
CA VAL D 348 -6.59 0.96 -27.92
C VAL D 348 -7.90 0.61 -28.62
N VAL D 349 -7.85 -0.19 -29.68
CA VAL D 349 -9.08 -0.56 -30.38
C VAL D 349 -9.35 -2.07 -30.35
N GLY D 350 -8.37 -2.83 -29.90
CA GLY D 350 -8.55 -4.27 -29.82
C GLY D 350 -7.38 -4.99 -29.19
N ARG D 351 -7.62 -6.22 -28.74
CA ARG D 351 -6.57 -7.02 -28.14
C ARG D 351 -6.94 -8.50 -28.17
N LYS D 352 -5.92 -9.34 -28.24
CA LYS D 352 -6.14 -10.77 -28.24
C LYS D 352 -4.99 -11.47 -27.53
N ALA D 353 -5.23 -12.70 -27.08
CA ALA D 353 -4.19 -13.43 -26.37
C ALA D 353 -4.42 -14.94 -26.46
N PRO D 354 -3.32 -15.71 -26.60
CA PRO D 354 -3.42 -17.17 -26.70
C PRO D 354 -4.17 -17.73 -25.49
N LYS D 355 -3.88 -17.19 -24.30
CA LYS D 355 -4.54 -17.65 -23.10
C LYS D 355 -5.37 -16.55 -22.42
N SER D 356 -6.19 -15.88 -23.23
CA SER D 356 -7.08 -14.84 -22.72
C SER D 356 -8.03 -15.42 -21.69
N LEU D 357 -8.25 -14.67 -20.61
CA LEU D 357 -9.16 -15.11 -19.55
C LEU D 357 -10.57 -14.59 -19.80
N TYR D 358 -10.76 -13.92 -20.95
CA TYR D 358 -12.07 -13.39 -21.30
C TYR D 358 -12.92 -14.52 -21.89
N ARG D 359 -14.21 -14.54 -21.54
CA ARG D 359 -15.14 -15.56 -22.04
C ARG D 359 -16.48 -14.89 -22.33
N GLN D 360 -16.84 -14.81 -23.61
CA GLN D 360 -18.09 -14.17 -23.99
C GLN D 360 -19.31 -14.87 -23.38
N ASP D 361 -19.25 -16.18 -23.18
CA ASP D 361 -20.38 -16.90 -22.62
C ASP D 361 -20.71 -16.45 -21.21
N LEU D 362 -19.75 -15.82 -20.53
CA LEU D 362 -20.01 -15.34 -19.19
C LEU D 362 -20.73 -14.01 -19.21
N VAL D 363 -20.73 -13.35 -20.36
CA VAL D 363 -21.39 -12.05 -20.51
C VAL D 363 -22.55 -12.06 -21.52
N SER D 364 -22.55 -13.01 -22.46
CA SER D 364 -23.60 -13.09 -23.47
C SER D 364 -24.94 -13.42 -22.85
N PHE D 365 -26.01 -12.77 -23.30
CA PHE D 365 -27.33 -13.06 -22.76
C PHE D 365 -28.06 -14.08 -23.63
N GLY D 370 -21.23 -19.17 -15.99
CA GLY D 370 -20.37 -19.85 -14.95
C GLY D 370 -21.01 -19.80 -13.57
N TYR D 371 -22.33 -19.59 -13.57
CA TYR D 371 -23.12 -19.54 -12.35
C TYR D 371 -24.54 -19.11 -12.70
N ASP D 372 -25.48 -19.33 -11.79
CA ASP D 372 -26.85 -18.88 -12.03
C ASP D 372 -27.14 -17.65 -11.21
N GLN D 373 -28.24 -16.99 -11.55
CA GLN D 373 -28.65 -15.77 -10.89
C GLN D 373 -28.74 -15.85 -9.37
N LYS D 374 -29.14 -16.98 -8.83
CA LYS D 374 -29.25 -17.11 -7.39
C LYS D 374 -27.88 -17.00 -6.71
N ASP D 375 -26.82 -17.37 -7.42
CA ASP D 375 -25.47 -17.27 -6.85
C ASP D 375 -25.17 -15.83 -6.50
N ALA D 376 -25.52 -14.92 -7.40
CA ALA D 376 -25.28 -13.50 -7.17
C ALA D 376 -26.02 -12.98 -5.96
N GLU D 377 -27.22 -13.51 -5.71
CA GLU D 377 -28.00 -13.08 -4.55
C GLU D 377 -27.26 -13.44 -3.26
N GLY D 378 -26.77 -14.67 -3.17
CA GLY D 378 -26.05 -15.10 -1.98
C GLY D 378 -24.78 -14.29 -1.77
N PHE D 379 -24.09 -14.01 -2.89
CA PHE D 379 -22.86 -13.23 -2.88
C PHE D 379 -23.17 -11.85 -2.31
N ILE D 380 -24.23 -11.23 -2.79
CA ILE D 380 -24.63 -9.92 -2.33
C ILE D 380 -25.00 -9.93 -0.85
N LYS D 381 -25.78 -10.93 -0.43
CA LYS D 381 -26.18 -11.03 0.97
C LYS D 381 -24.96 -11.10 1.89
N ILE D 382 -24.01 -11.98 1.55
CA ILE D 382 -22.80 -12.14 2.37
C ILE D 382 -21.98 -10.86 2.39
N GLN D 383 -21.86 -10.19 1.24
CA GLN D 383 -21.09 -8.96 1.15
C GLN D 383 -21.75 -7.86 1.96
N ALA D 384 -23.08 -7.90 2.05
CA ALA D 384 -23.84 -6.88 2.77
C ALA D 384 -23.94 -7.06 4.27
N LEU D 385 -23.71 -8.27 4.75
CA LEU D 385 -23.83 -8.58 6.17
C LEU D 385 -23.25 -7.53 7.11
N ARG D 386 -21.95 -7.25 7.02
CA ARG D 386 -21.33 -6.28 7.93
C ARG D 386 -21.92 -4.88 7.82
N LEU D 387 -22.40 -4.51 6.63
CA LEU D 387 -22.99 -3.19 6.45
C LEU D 387 -24.34 -3.14 7.16
N ARG D 388 -25.07 -4.25 7.13
CA ARG D 388 -26.37 -4.31 7.79
C ARG D 388 -26.19 -4.31 9.31
N VAL D 389 -25.24 -5.10 9.82
CA VAL D 389 -25.02 -5.14 11.26
C VAL D 389 -24.65 -3.72 11.68
N ARG D 390 -23.84 -3.06 10.85
CA ARG D 390 -23.41 -1.68 11.12
C ARG D 390 -24.62 -0.75 11.24
N ALA D 391 -25.54 -0.81 10.27
CA ALA D 391 -26.72 0.04 10.30
C ALA D 391 -27.63 -0.27 11.48
N LEU D 392 -27.75 -1.56 11.82
CA LEU D 392 -28.59 -1.98 12.94
C LEU D 392 -28.09 -1.47 14.28
N VAL D 393 -26.77 -1.42 14.45
CA VAL D 393 -26.17 -0.95 15.69
C VAL D 393 -26.32 0.57 15.77
N GLU D 394 -26.24 1.21 14.61
CA GLU D 394 -26.39 2.65 14.55
C GLU D 394 -27.77 2.99 15.11
N ARG D 395 -28.76 2.17 14.76
CA ARG D 395 -30.15 2.31 15.22
C ARG D 395 -30.52 3.64 15.84
#